data_1TGX
# 
_entry.id   1TGX 
# 
_audit_conform.dict_name       mmcif_pdbx.dic 
_audit_conform.dict_version    5.397 
_audit_conform.dict_location   http://mmcif.pdb.org/dictionaries/ascii/mmcif_pdbx.dic 
# 
loop_
_database_2.database_id 
_database_2.database_code 
_database_2.pdbx_database_accession 
_database_2.pdbx_DOI 
PDB   1TGX         pdb_00001tgx 10.2210/pdb1tgx/pdb 
WWPDB D_1000176674 ?            ?                   
# 
loop_
_pdbx_audit_revision_history.ordinal 
_pdbx_audit_revision_history.data_content_type 
_pdbx_audit_revision_history.major_revision 
_pdbx_audit_revision_history.minor_revision 
_pdbx_audit_revision_history.revision_date 
1 'Structure model' 1 0 1994-04-30 
2 'Structure model' 1 1 2008-03-24 
3 'Structure model' 1 2 2011-07-13 
4 'Structure model' 1 3 2017-11-29 
5 'Structure model' 1 4 2019-07-17 
6 'Structure model' 1 5 2019-08-14 
7 'Structure model' 1 6 2024-10-23 
# 
_pdbx_audit_revision_details.ordinal             1 
_pdbx_audit_revision_details.revision_ordinal    1 
_pdbx_audit_revision_details.data_content_type   'Structure model' 
_pdbx_audit_revision_details.provider            repository 
_pdbx_audit_revision_details.type                'Initial release' 
_pdbx_audit_revision_details.description         ? 
_pdbx_audit_revision_details.details             ? 
# 
loop_
_pdbx_audit_revision_group.ordinal 
_pdbx_audit_revision_group.revision_ordinal 
_pdbx_audit_revision_group.data_content_type 
_pdbx_audit_revision_group.group 
1  2 'Structure model' 'Version format compliance' 
2  3 'Structure model' 'Version format compliance' 
3  4 'Structure model' 'Derived calculations'      
4  4 'Structure model' Other                       
5  5 'Structure model' 'Data collection'           
6  5 'Structure model' 'Refinement description'    
7  6 'Structure model' 'Data collection'           
8  6 'Structure model' 'Refinement description'    
9  7 'Structure model' 'Data collection'           
10 7 'Structure model' 'Database references'       
11 7 'Structure model' 'Derived calculations'      
12 7 'Structure model' 'Structure summary'         
# 
loop_
_pdbx_audit_revision_category.ordinal 
_pdbx_audit_revision_category.revision_ordinal 
_pdbx_audit_revision_category.data_content_type 
_pdbx_audit_revision_category.category 
1  4 'Structure model' pdbx_database_status      
2  4 'Structure model' struct_conf               
3  5 'Structure model' software                  
4  6 'Structure model' software                  
5  7 'Structure model' chem_comp_atom            
6  7 'Structure model' chem_comp_bond            
7  7 'Structure model' database_2                
8  7 'Structure model' pdbx_entry_details        
9  7 'Structure model' pdbx_modification_feature 
10 7 'Structure model' struct_site               
# 
loop_
_pdbx_audit_revision_item.ordinal 
_pdbx_audit_revision_item.revision_ordinal 
_pdbx_audit_revision_item.data_content_type 
_pdbx_audit_revision_item.item 
1 4 'Structure model' '_pdbx_database_status.process_site'           
2 5 'Structure model' '_software.classification'                     
3 6 'Structure model' '_software.classification'                     
4 7 'Structure model' '_database_2.pdbx_DOI'                         
5 7 'Structure model' '_database_2.pdbx_database_accession'          
6 7 'Structure model' '_pdbx_entry_details.has_protein_modification' 
7 7 'Structure model' '_struct_site.pdbx_auth_asym_id'               
8 7 'Structure model' '_struct_site.pdbx_auth_comp_id'               
9 7 'Structure model' '_struct_site.pdbx_auth_seq_id'                
# 
_pdbx_database_status.status_code                     REL 
_pdbx_database_status.entry_id                        1TGX 
_pdbx_database_status.recvd_initial_deposition_date   1993-11-24 
_pdbx_database_status.deposit_site                    ? 
_pdbx_database_status.process_site                    BNL 
_pdbx_database_status.status_code_sf                  REL 
_pdbx_database_status.status_code_mr                  ? 
_pdbx_database_status.SG_entry                        ? 
_pdbx_database_status.pdb_format_compatible           Y 
_pdbx_database_status.status_code_cs                  ? 
_pdbx_database_status.methods_development_category    ? 
_pdbx_database_status.status_code_nmr_data            ? 
# 
loop_
_audit_author.name 
_audit_author.pdbx_ordinal 
'Bilwes, A.' 1 
'Rees, B.'   2 
'Moras, D.'  3 
# 
_citation.id                        primary 
_citation.title                     
;X-ray structure at 1.55 A of toxin gamma, a cardiotoxin from Naja nigricollis venom. Crystal packing reveals a model for insertion into membranes.
;
_citation.journal_abbrev            J.Mol.Biol. 
_citation.journal_volume            239 
_citation.page_first                122 
_citation.page_last                 136 
_citation.year                      1994 
_citation.journal_id_ASTM           JMOBAK 
_citation.country                   UK 
_citation.journal_id_ISSN           0022-2836 
_citation.journal_id_CSD            0070 
_citation.book_publisher            ? 
_citation.pdbx_database_id_PubMed   8196041 
_citation.pdbx_database_id_DOI      10.1006/jmbi.1994.1357 
# 
loop_
_citation_author.citation_id 
_citation_author.name 
_citation_author.ordinal 
_citation_author.identifier_ORCID 
primary 'Bilwes, A.' 1 ? 
primary 'Rees, B.'   2 ? 
primary 'Moras, D.'  3 ? 
primary 'Menez, R.'  4 ? 
primary 'Menez, A.'  5 ? 
# 
loop_
_entity.id 
_entity.type 
_entity.src_method 
_entity.pdbx_description 
_entity.formula_weight 
_entity.pdbx_number_of_molecules 
_entity.pdbx_ec 
_entity.pdbx_mutation 
_entity.pdbx_fragment 
_entity.details 
1 polymer     man GAMMA-CARDIOTOXIN 6838.462 3   ? ? ? ? 
2 non-polymer syn 'CHLORIDE ION'    35.453   14  ? ? ? ? 
3 water       nat water             18.015   164 ? ? ? ? 
# 
_entity_poly.entity_id                      1 
_entity_poly.type                           'polypeptide(L)' 
_entity_poly.nstd_linkage                   no 
_entity_poly.nstd_monomer                   no 
_entity_poly.pdbx_seq_one_letter_code       LKCNQLIPPFWKTCPKGKNLCYKMTMRAAPMVPVKRGCIDVCPKSSLLIKYMCCNTDKCN 
_entity_poly.pdbx_seq_one_letter_code_can   LKCNQLIPPFWKTCPKGKNLCYKMTMRAAPMVPVKRGCIDVCPKSSLLIKYMCCNTDKCN 
_entity_poly.pdbx_strand_id                 A,B,C 
_entity_poly.pdbx_target_identifier         ? 
# 
loop_
_pdbx_entity_nonpoly.entity_id 
_pdbx_entity_nonpoly.name 
_pdbx_entity_nonpoly.comp_id 
2 'CHLORIDE ION' CL  
3 water          HOH 
# 
loop_
_entity_poly_seq.entity_id 
_entity_poly_seq.num 
_entity_poly_seq.mon_id 
_entity_poly_seq.hetero 
1 1  LEU n 
1 2  LYS n 
1 3  CYS n 
1 4  ASN n 
1 5  GLN n 
1 6  LEU n 
1 7  ILE n 
1 8  PRO n 
1 9  PRO n 
1 10 PHE n 
1 11 TRP n 
1 12 LYS n 
1 13 THR n 
1 14 CYS n 
1 15 PRO n 
1 16 LYS n 
1 17 GLY n 
1 18 LYS n 
1 19 ASN n 
1 20 LEU n 
1 21 CYS n 
1 22 TYR n 
1 23 LYS n 
1 24 MET n 
1 25 THR n 
1 26 MET n 
1 27 ARG n 
1 28 ALA n 
1 29 ALA n 
1 30 PRO n 
1 31 MET n 
1 32 VAL n 
1 33 PRO n 
1 34 VAL n 
1 35 LYS n 
1 36 ARG n 
1 37 GLY n 
1 38 CYS n 
1 39 ILE n 
1 40 ASP n 
1 41 VAL n 
1 42 CYS n 
1 43 PRO n 
1 44 LYS n 
1 45 SER n 
1 46 SER n 
1 47 LEU n 
1 48 LEU n 
1 49 ILE n 
1 50 LYS n 
1 51 TYR n 
1 52 MET n 
1 53 CYS n 
1 54 CYS n 
1 55 ASN n 
1 56 THR n 
1 57 ASP n 
1 58 LYS n 
1 59 CYS n 
1 60 ASN n 
# 
_entity_src_gen.entity_id                          1 
_entity_src_gen.pdbx_src_id                        1 
_entity_src_gen.pdbx_alt_source_flag               sample 
_entity_src_gen.pdbx_seq_type                      ? 
_entity_src_gen.pdbx_beg_seq_num                   ? 
_entity_src_gen.pdbx_end_seq_num                   ? 
_entity_src_gen.gene_src_common_name               'spitting cobra' 
_entity_src_gen.gene_src_genus                     Naja 
_entity_src_gen.pdbx_gene_src_gene                 ? 
_entity_src_gen.gene_src_species                   ? 
_entity_src_gen.gene_src_strain                    ? 
_entity_src_gen.gene_src_tissue                    ? 
_entity_src_gen.gene_src_tissue_fraction           ? 
_entity_src_gen.gene_src_details                   ? 
_entity_src_gen.pdbx_gene_src_fragment             ? 
_entity_src_gen.pdbx_gene_src_scientific_name      'Naja nigricollis' 
_entity_src_gen.pdbx_gene_src_ncbi_taxonomy_id     8654 
_entity_src_gen.pdbx_gene_src_variant              ? 
_entity_src_gen.pdbx_gene_src_cell_line            ? 
_entity_src_gen.pdbx_gene_src_atcc                 ? 
_entity_src_gen.pdbx_gene_src_organ                ? 
_entity_src_gen.pdbx_gene_src_organelle            ? 
_entity_src_gen.pdbx_gene_src_cell                 ? 
_entity_src_gen.pdbx_gene_src_cellular_location    ? 
_entity_src_gen.host_org_common_name               ? 
_entity_src_gen.pdbx_host_org_scientific_name      ? 
_entity_src_gen.pdbx_host_org_ncbi_taxonomy_id     ? 
_entity_src_gen.host_org_genus                     ? 
_entity_src_gen.pdbx_host_org_gene                 ? 
_entity_src_gen.pdbx_host_org_organ                ? 
_entity_src_gen.host_org_species                   ? 
_entity_src_gen.pdbx_host_org_tissue               ? 
_entity_src_gen.pdbx_host_org_tissue_fraction      ? 
_entity_src_gen.pdbx_host_org_strain               ? 
_entity_src_gen.pdbx_host_org_variant              ? 
_entity_src_gen.pdbx_host_org_cell_line            ? 
_entity_src_gen.pdbx_host_org_atcc                 ? 
_entity_src_gen.pdbx_host_org_culture_collection   ? 
_entity_src_gen.pdbx_host_org_cell                 ? 
_entity_src_gen.pdbx_host_org_organelle            ? 
_entity_src_gen.pdbx_host_org_cellular_location    ? 
_entity_src_gen.pdbx_host_org_vector_type          ? 
_entity_src_gen.pdbx_host_org_vector               ? 
_entity_src_gen.host_org_details                   ? 
_entity_src_gen.expression_system_id               ? 
_entity_src_gen.plasmid_name                       ? 
_entity_src_gen.plasmid_details                    ? 
_entity_src_gen.pdbx_description                   ? 
# 
loop_
_chem_comp.id 
_chem_comp.type 
_chem_comp.mon_nstd_flag 
_chem_comp.name 
_chem_comp.pdbx_synonyms 
_chem_comp.formula 
_chem_comp.formula_weight 
ALA 'L-peptide linking' y ALANINE         ? 'C3 H7 N O2'     89.093  
ARG 'L-peptide linking' y ARGININE        ? 'C6 H15 N4 O2 1' 175.209 
ASN 'L-peptide linking' y ASPARAGINE      ? 'C4 H8 N2 O3'    132.118 
ASP 'L-peptide linking' y 'ASPARTIC ACID' ? 'C4 H7 N O4'     133.103 
CL  non-polymer         . 'CHLORIDE ION'  ? 'Cl -1'          35.453  
CYS 'L-peptide linking' y CYSTEINE        ? 'C3 H7 N O2 S'   121.158 
GLN 'L-peptide linking' y GLUTAMINE       ? 'C5 H10 N2 O3'   146.144 
GLY 'peptide linking'   y GLYCINE         ? 'C2 H5 N O2'     75.067  
HOH non-polymer         . WATER           ? 'H2 O'           18.015  
ILE 'L-peptide linking' y ISOLEUCINE      ? 'C6 H13 N O2'    131.173 
LEU 'L-peptide linking' y LEUCINE         ? 'C6 H13 N O2'    131.173 
LYS 'L-peptide linking' y LYSINE          ? 'C6 H15 N2 O2 1' 147.195 
MET 'L-peptide linking' y METHIONINE      ? 'C5 H11 N O2 S'  149.211 
PHE 'L-peptide linking' y PHENYLALANINE   ? 'C9 H11 N O2'    165.189 
PRO 'L-peptide linking' y PROLINE         ? 'C5 H9 N O2'     115.130 
SER 'L-peptide linking' y SERINE          ? 'C3 H7 N O3'     105.093 
THR 'L-peptide linking' y THREONINE       ? 'C4 H9 N O3'     119.119 
TRP 'L-peptide linking' y TRYPTOPHAN      ? 'C11 H12 N2 O2'  204.225 
TYR 'L-peptide linking' y TYROSINE        ? 'C9 H11 N O3'    181.189 
VAL 'L-peptide linking' y VALINE          ? 'C5 H11 N O2'    117.146 
# 
loop_
_pdbx_poly_seq_scheme.asym_id 
_pdbx_poly_seq_scheme.entity_id 
_pdbx_poly_seq_scheme.seq_id 
_pdbx_poly_seq_scheme.mon_id 
_pdbx_poly_seq_scheme.ndb_seq_num 
_pdbx_poly_seq_scheme.pdb_seq_num 
_pdbx_poly_seq_scheme.auth_seq_num 
_pdbx_poly_seq_scheme.pdb_mon_id 
_pdbx_poly_seq_scheme.auth_mon_id 
_pdbx_poly_seq_scheme.pdb_strand_id 
_pdbx_poly_seq_scheme.pdb_ins_code 
_pdbx_poly_seq_scheme.hetero 
A 1 1  LEU 1  1  1  LEU LEU A . n 
A 1 2  LYS 2  2  2  LYS LYS A . n 
A 1 3  CYS 3  3  3  CYS CYS A . n 
A 1 4  ASN 4  4  4  ASN ASN A . n 
A 1 5  GLN 5  5  5  GLN GLN A . n 
A 1 6  LEU 6  6  6  LEU LEU A . n 
A 1 7  ILE 7  7  7  ILE ILE A . n 
A 1 8  PRO 8  8  8  PRO PRO A . n 
A 1 9  PRO 9  9  9  PRO PRO A . n 
A 1 10 PHE 10 10 10 PHE PHE A . n 
A 1 11 TRP 11 11 11 TRP TRP A . n 
A 1 12 LYS 12 12 12 LYS LYS A . n 
A 1 13 THR 13 13 13 THR THR A . n 
A 1 14 CYS 14 14 14 CYS CYS A . n 
A 1 15 PRO 15 15 15 PRO PRO A . n 
A 1 16 LYS 16 16 16 LYS LYS A . n 
A 1 17 GLY 17 17 17 GLY GLY A . n 
A 1 18 LYS 18 18 18 LYS LYS A . n 
A 1 19 ASN 19 19 19 ASN ASN A . n 
A 1 20 LEU 20 20 20 LEU LEU A . n 
A 1 21 CYS 21 21 21 CYS CYS A . n 
A 1 22 TYR 22 22 22 TYR TYR A . n 
A 1 23 LYS 23 23 23 LYS LYS A . n 
A 1 24 MET 24 24 24 MET MET A . n 
A 1 25 THR 25 25 25 THR THR A . n 
A 1 26 MET 26 26 26 MET MET A . n 
A 1 27 ARG 27 27 27 ARG ARG A . n 
A 1 28 ALA 28 28 28 ALA ALA A . n 
A 1 29 ALA 29 29 29 ALA ALA A . n 
A 1 30 PRO 30 30 30 PRO PRO A . n 
A 1 31 MET 31 31 31 MET MET A . n 
A 1 32 VAL 32 32 32 VAL VAL A . n 
A 1 33 PRO 33 33 33 PRO PRO A . n 
A 1 34 VAL 34 34 34 VAL VAL A . n 
A 1 35 LYS 35 35 35 LYS LYS A . n 
A 1 36 ARG 36 36 36 ARG ARG A . n 
A 1 37 GLY 37 37 37 GLY GLY A . n 
A 1 38 CYS 38 38 38 CYS CYS A . n 
A 1 39 ILE 39 39 39 ILE ILE A . n 
A 1 40 ASP 40 40 40 ASP ASP A . n 
A 1 41 VAL 41 41 41 VAL VAL A . n 
A 1 42 CYS 42 42 42 CYS CYS A . n 
A 1 43 PRO 43 43 43 PRO PRO A . n 
A 1 44 LYS 44 44 44 LYS LYS A . n 
A 1 45 SER 45 45 45 SER SER A . n 
A 1 46 SER 46 46 46 SER SER A . n 
A 1 47 LEU 47 47 47 LEU LEU A . n 
A 1 48 LEU 48 48 48 LEU LEU A . n 
A 1 49 ILE 49 49 49 ILE ILE A . n 
A 1 50 LYS 50 50 50 LYS LYS A . n 
A 1 51 TYR 51 51 51 TYR TYR A . n 
A 1 52 MET 52 52 52 MET MET A . n 
A 1 53 CYS 53 53 53 CYS CYS A . n 
A 1 54 CYS 54 54 54 CYS CYS A . n 
A 1 55 ASN 55 55 55 ASN ASN A . n 
A 1 56 THR 56 56 56 THR THR A . n 
A 1 57 ASP 57 57 57 ASP ASP A . n 
A 1 58 LYS 58 58 58 LYS LYS A . n 
A 1 59 CYS 59 59 59 CYS CYS A . n 
A 1 60 ASN 60 60 60 ASN ASN A . n 
B 1 1  LEU 1  1  1  LEU LEU B . n 
B 1 2  LYS 2  2  2  LYS LYS B . n 
B 1 3  CYS 3  3  3  CYS CYS B . n 
B 1 4  ASN 4  4  4  ASN ASN B . n 
B 1 5  GLN 5  5  5  GLN GLN B . n 
B 1 6  LEU 6  6  6  LEU LEU B . n 
B 1 7  ILE 7  7  7  ILE ILE B . n 
B 1 8  PRO 8  8  8  PRO PRO B . n 
B 1 9  PRO 9  9  9  PRO PRO B . n 
B 1 10 PHE 10 10 10 PHE PHE B . n 
B 1 11 TRP 11 11 11 TRP TRP B . n 
B 1 12 LYS 12 12 12 LYS LYS B . n 
B 1 13 THR 13 13 13 THR THR B . n 
B 1 14 CYS 14 14 14 CYS CYS B . n 
B 1 15 PRO 15 15 15 PRO PRO B . n 
B 1 16 LYS 16 16 16 LYS LYS B . n 
B 1 17 GLY 17 17 17 GLY GLY B . n 
B 1 18 LYS 18 18 18 LYS LYS B . n 
B 1 19 ASN 19 19 19 ASN ASN B . n 
B 1 20 LEU 20 20 20 LEU LEU B . n 
B 1 21 CYS 21 21 21 CYS CYS B . n 
B 1 22 TYR 22 22 22 TYR TYR B . n 
B 1 23 LYS 23 23 23 LYS LYS B . n 
B 1 24 MET 24 24 24 MET MET B . n 
B 1 25 THR 25 25 25 THR THR B . n 
B 1 26 MET 26 26 26 MET MET B . n 
B 1 27 ARG 27 27 27 ARG ARG B . n 
B 1 28 ALA 28 28 28 ALA ALA B . n 
B 1 29 ALA 29 29 29 ALA ALA B . n 
B 1 30 PRO 30 30 30 PRO PRO B . n 
B 1 31 MET 31 31 31 MET MET B . n 
B 1 32 VAL 32 32 32 VAL VAL B . n 
B 1 33 PRO 33 33 33 PRO PRO B . n 
B 1 34 VAL 34 34 34 VAL VAL B . n 
B 1 35 LYS 35 35 35 LYS LYS B . n 
B 1 36 ARG 36 36 36 ARG ARG B . n 
B 1 37 GLY 37 37 37 GLY GLY B . n 
B 1 38 CYS 38 38 38 CYS CYS B . n 
B 1 39 ILE 39 39 39 ILE ILE B . n 
B 1 40 ASP 40 40 40 ASP ASP B . n 
B 1 41 VAL 41 41 41 VAL VAL B . n 
B 1 42 CYS 42 42 42 CYS CYS B . n 
B 1 43 PRO 43 43 43 PRO PRO B . n 
B 1 44 LYS 44 44 44 LYS LYS B . n 
B 1 45 SER 45 45 45 SER SER B . n 
B 1 46 SER 46 46 46 SER SER B . n 
B 1 47 LEU 47 47 47 LEU LEU B . n 
B 1 48 LEU 48 48 48 LEU LEU B . n 
B 1 49 ILE 49 49 49 ILE ILE B . n 
B 1 50 LYS 50 50 50 LYS LYS B . n 
B 1 51 TYR 51 51 51 TYR TYR B . n 
B 1 52 MET 52 52 52 MET MET B . n 
B 1 53 CYS 53 53 53 CYS CYS B . n 
B 1 54 CYS 54 54 54 CYS CYS B . n 
B 1 55 ASN 55 55 55 ASN ASN B . n 
B 1 56 THR 56 56 56 THR THR B . n 
B 1 57 ASP 57 57 57 ASP ASP B . n 
B 1 58 LYS 58 58 58 LYS LYS B . n 
B 1 59 CYS 59 59 59 CYS CYS B . n 
B 1 60 ASN 60 60 60 ASN ASN B . n 
C 1 1  LEU 1  1  1  LEU LEU C . n 
C 1 2  LYS 2  2  2  LYS LYS C . n 
C 1 3  CYS 3  3  3  CYS CYS C . n 
C 1 4  ASN 4  4  4  ASN ASN C . n 
C 1 5  GLN 5  5  5  GLN GLN C . n 
C 1 6  LEU 6  6  6  LEU LEU C . n 
C 1 7  ILE 7  7  7  ILE ILE C . n 
C 1 8  PRO 8  8  8  PRO PRO C . n 
C 1 9  PRO 9  9  9  PRO PRO C . n 
C 1 10 PHE 10 10 10 PHE PHE C . n 
C 1 11 TRP 11 11 11 TRP TRP C . n 
C 1 12 LYS 12 12 12 LYS LYS C . n 
C 1 13 THR 13 13 13 THR THR C . n 
C 1 14 CYS 14 14 14 CYS CYS C . n 
C 1 15 PRO 15 15 15 PRO PRO C . n 
C 1 16 LYS 16 16 16 LYS LYS C . n 
C 1 17 GLY 17 17 17 GLY GLY C . n 
C 1 18 LYS 18 18 18 LYS LYS C . n 
C 1 19 ASN 19 19 19 ASN ASN C . n 
C 1 20 LEU 20 20 20 LEU LEU C . n 
C 1 21 CYS 21 21 21 CYS CYS C . n 
C 1 22 TYR 22 22 22 TYR TYR C . n 
C 1 23 LYS 23 23 23 LYS LYS C . n 
C 1 24 MET 24 24 24 MET MET C . n 
C 1 25 THR 25 25 25 THR THR C . n 
C 1 26 MET 26 26 26 MET MET C . n 
C 1 27 ARG 27 27 27 ARG ARG C . n 
C 1 28 ALA 28 28 28 ALA ALA C . n 
C 1 29 ALA 29 29 29 ALA ALA C . n 
C 1 30 PRO 30 30 30 PRO PRO C . n 
C 1 31 MET 31 31 31 MET MET C . n 
C 1 32 VAL 32 32 32 VAL VAL C . n 
C 1 33 PRO 33 33 33 PRO PRO C . n 
C 1 34 VAL 34 34 34 VAL VAL C . n 
C 1 35 LYS 35 35 35 LYS LYS C . n 
C 1 36 ARG 36 36 36 ARG ARG C . n 
C 1 37 GLY 37 37 37 GLY GLY C . n 
C 1 38 CYS 38 38 38 CYS CYS C . n 
C 1 39 ILE 39 39 39 ILE ILE C . n 
C 1 40 ASP 40 40 40 ASP ASP C . n 
C 1 41 VAL 41 41 41 VAL VAL C . n 
C 1 42 CYS 42 42 42 CYS CYS C . n 
C 1 43 PRO 43 43 43 PRO PRO C . n 
C 1 44 LYS 44 44 44 LYS LYS C . n 
C 1 45 SER 45 45 45 SER SER C . n 
C 1 46 SER 46 46 46 SER SER C . n 
C 1 47 LEU 47 47 47 LEU LEU C . n 
C 1 48 LEU 48 48 48 LEU LEU C . n 
C 1 49 ILE 49 49 49 ILE ILE C . n 
C 1 50 LYS 50 50 50 LYS LYS C . n 
C 1 51 TYR 51 51 51 TYR TYR C . n 
C 1 52 MET 52 52 52 MET MET C . n 
C 1 53 CYS 53 53 53 CYS CYS C . n 
C 1 54 CYS 54 54 54 CYS CYS C . n 
C 1 55 ASN 55 55 55 ASN ASN C . n 
C 1 56 THR 56 56 56 THR THR C . n 
C 1 57 ASP 57 57 57 ASP ASP C . n 
C 1 58 LYS 58 58 58 LYS LYS C . n 
C 1 59 CYS 59 59 59 CYS CYS C . n 
C 1 60 ASN 60 60 60 ASN ASN C . n 
# 
loop_
_pdbx_nonpoly_scheme.asym_id 
_pdbx_nonpoly_scheme.entity_id 
_pdbx_nonpoly_scheme.mon_id 
_pdbx_nonpoly_scheme.ndb_seq_num 
_pdbx_nonpoly_scheme.pdb_seq_num 
_pdbx_nonpoly_scheme.auth_seq_num 
_pdbx_nonpoly_scheme.pdb_mon_id 
_pdbx_nonpoly_scheme.auth_mon_id 
_pdbx_nonpoly_scheme.pdb_strand_id 
_pdbx_nonpoly_scheme.pdb_ins_code 
D 2 CL  1  102 102 CL  CL  A . 
E 2 CL  1  120 120 CL  CL  A . 
F 2 CL  1  242 242 CL  CL  A . 
G 2 CL  1  245 245 CL  CL  A . 
H 2 CL  1  260 260 CL  CL  A . 
I 2 CL  1  102 102 CL  CL  B . 
J 2 CL  1  106 106 CL  CL  B . 
K 2 CL  1  120 120 CL  CL  B . 
L 2 CL  1  123 123 CL  CL  B . 
M 2 CL  1  206 206 CL  CL  B . 
N 2 CL  1  270 270 CL  CL  B . 
O 2 CL  1  102 102 CL  CL  C . 
P 2 CL  1  106 106 CL  CL  C . 
Q 2 CL  1  113 113 CL  CL  C . 
R 3 HOH 1  261 101 HOH HOH A . 
R 3 HOH 2  262 103 HOH HOH A . 
R 3 HOH 3  263 104 HOH HOH A . 
R 3 HOH 4  264 105 HOH HOH A . 
R 3 HOH 5  265 107 HOH HOH A . 
R 3 HOH 6  266 108 HOH HOH A . 
R 3 HOH 7  267 109 HOH HOH A . 
R 3 HOH 8  268 110 HOH HOH A . 
R 3 HOH 9  269 113 HOH HOH A . 
R 3 HOH 10 270 114 HOH HOH A . 
R 3 HOH 11 271 116 HOH HOH A . 
R 3 HOH 12 272 118 HOH HOH A . 
R 3 HOH 13 273 119 HOH HOH A . 
R 3 HOH 14 274 122 HOH HOH A . 
R 3 HOH 15 275 123 HOH HOH A . 
R 3 HOH 16 276 124 HOH HOH A . 
R 3 HOH 17 277 126 HOH HOH A . 
R 3 HOH 18 278 127 HOH HOH A . 
R 3 HOH 19 279 128 HOH HOH A . 
R 3 HOH 20 280 129 HOH HOH A . 
R 3 HOH 21 281 131 HOH HOH A . 
R 3 HOH 22 282 132 HOH HOH A . 
R 3 HOH 23 283 133 HOH HOH A . 
R 3 HOH 24 284 135 HOH HOH A . 
R 3 HOH 25 285 136 HOH HOH A . 
R 3 HOH 26 286 137 HOH HOH A . 
R 3 HOH 27 287 138 HOH HOH A . 
R 3 HOH 28 288 142 HOH HOH A . 
R 3 HOH 29 289 143 HOH HOH A . 
R 3 HOH 30 290 116 HOH HOH A . 
R 3 HOH 31 291 200 HOH HOH A . 
R 3 HOH 32 292 201 HOH HOH A . 
R 3 HOH 33 293 204 HOH HOH A . 
R 3 HOH 34 294 208 HOH HOH A . 
R 3 HOH 35 295 212 HOH HOH A . 
R 3 HOH 36 296 218 HOH HOH A . 
R 3 HOH 37 297 221 HOH HOH A . 
R 3 HOH 38 298 222 HOH HOH A . 
R 3 HOH 39 299 223 HOH HOH A . 
R 3 HOH 40 300 224 HOH HOH A . 
R 3 HOH 41 301 225 HOH HOH A . 
R 3 HOH 42 302 226 HOH HOH A . 
R 3 HOH 43 303 227 HOH HOH A . 
R 3 HOH 44 304 232 HOH HOH A . 
R 3 HOH 45 305 235 HOH HOH A . 
R 3 HOH 46 306 237 HOH HOH A . 
R 3 HOH 47 307 238 HOH HOH A . 
R 3 HOH 48 308 239 HOH HOH A . 
R 3 HOH 49 309 241 HOH HOH A . 
R 3 HOH 50 310 243 HOH HOH A . 
R 3 HOH 51 311 244 HOH HOH A . 
R 3 HOH 52 312 246 HOH HOH A . 
R 3 HOH 53 313 248 HOH HOH A . 
R 3 HOH 54 314 249 HOH HOH A . 
R 3 HOH 55 315 250 HOH HOH A . 
R 3 HOH 56 316 251 HOH HOH A . 
R 3 HOH 57 317 252 HOH HOH A . 
R 3 HOH 58 318 253 HOH HOH A . 
R 3 HOH 59 319 257 HOH HOH A . 
R 3 HOH 60 320 259 HOH HOH A . 
R 3 HOH 61 321 262 HOH HOH A . 
R 3 HOH 62 322 267 HOH HOH A . 
R 3 HOH 63 323 268 HOH HOH A . 
R 3 HOH 64 324 271 HOH HOH A . 
R 3 HOH 65 325 273 HOH HOH A . 
S 3 HOH 1  271 125 HOH HOH B . 
S 3 HOH 2  272 134 HOH HOH B . 
S 3 HOH 3  273 101 HOH HOH B . 
S 3 HOH 4  274 103 HOH HOH B . 
S 3 HOH 5  275 104 HOH HOH B . 
S 3 HOH 6  276 107 HOH HOH B . 
S 3 HOH 7  277 108 HOH HOH B . 
S 3 HOH 8  278 109 HOH HOH B . 
S 3 HOH 9  279 111 HOH HOH B . 
S 3 HOH 10 280 112 HOH HOH B . 
S 3 HOH 11 281 113 HOH HOH B . 
S 3 HOH 12 282 114 HOH HOH B . 
S 3 HOH 13 283 115 HOH HOH B . 
S 3 HOH 14 284 119 HOH HOH B . 
S 3 HOH 15 285 121 HOH HOH B . 
S 3 HOH 16 286 122 HOH HOH B . 
S 3 HOH 17 287 124 HOH HOH B . 
S 3 HOH 18 288 125 HOH HOH B . 
S 3 HOH 19 289 126 HOH HOH B . 
S 3 HOH 20 290 128 HOH HOH B . 
S 3 HOH 21 291 129 HOH HOH B . 
S 3 HOH 22 292 130 HOH HOH B . 
S 3 HOH 23 293 131 HOH HOH B . 
S 3 HOH 24 294 135 HOH HOH B . 
S 3 HOH 25 295 136 HOH HOH B . 
S 3 HOH 26 296 137 HOH HOH B . 
S 3 HOH 27 297 139 HOH HOH B . 
S 3 HOH 28 298 140 HOH HOH B . 
S 3 HOH 29 299 141 HOH HOH B . 
S 3 HOH 30 300 143 HOH HOH B . 
S 3 HOH 31 301 144 HOH HOH B . 
S 3 HOH 32 302 114 HOH HOH B . 
S 3 HOH 33 303 118 HOH HOH B . 
S 3 HOH 34 304 121 HOH HOH B . 
S 3 HOH 35 305 130 HOH HOH B . 
S 3 HOH 36 306 202 HOH HOH B . 
S 3 HOH 37 307 203 HOH HOH B . 
S 3 HOH 38 308 205 HOH HOH B . 
S 3 HOH 39 309 210 HOH HOH B . 
S 3 HOH 40 310 211 HOH HOH B . 
S 3 HOH 41 311 213 HOH HOH B . 
S 3 HOH 42 312 217 HOH HOH B . 
S 3 HOH 43 313 220 HOH HOH B . 
S 3 HOH 44 314 228 HOH HOH B . 
S 3 HOH 45 315 230 HOH HOH B . 
S 3 HOH 46 316 231 HOH HOH B . 
S 3 HOH 47 317 233 HOH HOH B . 
S 3 HOH 48 318 234 HOH HOH B . 
S 3 HOH 49 319 240 HOH HOH B . 
S 3 HOH 50 320 254 HOH HOH B . 
S 3 HOH 51 321 255 HOH HOH B . 
S 3 HOH 52 322 258 HOH HOH B . 
S 3 HOH 53 323 261 HOH HOH B . 
S 3 HOH 54 324 263 HOH HOH B . 
S 3 HOH 55 325 264 HOH HOH B . 
S 3 HOH 56 326 269 HOH HOH B . 
T 3 HOH 1  114 117 HOH HOH C . 
T 3 HOH 2  115 127 HOH HOH C . 
T 3 HOH 3  116 101 HOH HOH C . 
T 3 HOH 4  117 103 HOH HOH C . 
T 3 HOH 5  118 104 HOH HOH C . 
T 3 HOH 6  119 105 HOH HOH C . 
T 3 HOH 7  120 107 HOH HOH C . 
T 3 HOH 8  121 108 HOH HOH C . 
T 3 HOH 9  122 109 HOH HOH C . 
T 3 HOH 10 123 110 HOH HOH C . 
T 3 HOH 11 124 111 HOH HOH C . 
T 3 HOH 12 125 112 HOH HOH C . 
T 3 HOH 13 126 115 HOH HOH C . 
T 3 HOH 14 127 117 HOH HOH C . 
T 3 HOH 15 128 122 HOH HOH C . 
T 3 HOH 16 129 125 HOH HOH C . 
T 3 HOH 17 130 127 HOH HOH C . 
T 3 HOH 18 131 128 HOH HOH C . 
T 3 HOH 19 132 129 HOH HOH C . 
T 3 HOH 20 133 131 HOH HOH C . 
T 3 HOH 21 134 132 HOH HOH C . 
T 3 HOH 22 135 133 HOH HOH C . 
T 3 HOH 23 136 134 HOH HOH C . 
T 3 HOH 24 137 136 HOH HOH C . 
T 3 HOH 25 138 138 HOH HOH C . 
T 3 HOH 26 139 139 HOH HOH C . 
T 3 HOH 27 140 140 HOH HOH C . 
T 3 HOH 28 141 141 HOH HOH C . 
T 3 HOH 29 142 142 HOH HOH C . 
T 3 HOH 30 143 144 HOH HOH C . 
T 3 HOH 31 144 207 HOH HOH C . 
T 3 HOH 32 145 209 HOH HOH C . 
T 3 HOH 33 146 214 HOH HOH C . 
T 3 HOH 34 147 215 HOH HOH C . 
T 3 HOH 35 148 216 HOH HOH C . 
T 3 HOH 36 149 219 HOH HOH C . 
T 3 HOH 37 150 229 HOH HOH C . 
T 3 HOH 38 151 236 HOH HOH C . 
T 3 HOH 39 152 247 HOH HOH C . 
T 3 HOH 40 153 256 HOH HOH C . 
T 3 HOH 41 154 265 HOH HOH C . 
T 3 HOH 42 155 266 HOH HOH C . 
T 3 HOH 43 156 272 HOH HOH C . 
# 
loop_
_software.name 
_software.classification 
_software.version 
_software.citation_id 
_software.pdbx_ordinal 
X-PLOR 'model building' . ? 1 
PROLSQ refinement       . ? 2 
X-PLOR refinement       . ? 3 
X-PLOR phasing          . ? 4 
# 
_cell.entry_id           1TGX 
_cell.length_a           78.670 
_cell.length_b           40.710 
_cell.length_c           56.020 
_cell.angle_alpha        90.00 
_cell.angle_beta         117.08 
_cell.angle_gamma        90.00 
_cell.Z_PDB              12 
_cell.pdbx_unique_axis   ? 
_cell.length_a_esd       ? 
_cell.length_b_esd       ? 
_cell.length_c_esd       ? 
_cell.angle_alpha_esd    ? 
_cell.angle_beta_esd     ? 
_cell.angle_gamma_esd    ? 
# 
_symmetry.entry_id                         1TGX 
_symmetry.space_group_name_H-M             'C 1 2 1' 
_symmetry.pdbx_full_space_group_name_H-M   ? 
_symmetry.cell_setting                     ? 
_symmetry.Int_Tables_number                5 
_symmetry.space_group_name_Hall            ? 
# 
_exptl.entry_id          1TGX 
_exptl.method            'X-RAY DIFFRACTION' 
_exptl.crystals_number   ? 
# 
_exptl_crystal.id                    1 
_exptl_crystal.density_meas          ? 
_exptl_crystal.density_Matthews      1.94 
_exptl_crystal.density_percent_sol   36.76 
_exptl_crystal.description           ? 
_exptl_crystal.F_000                 ? 
_exptl_crystal.preparation           ? 
# 
_diffrn.id                     1 
_diffrn.ambient_temp           ? 
_diffrn.ambient_temp_details   ? 
_diffrn.crystal_id             1 
# 
_diffrn_radiation.diffrn_id                        1 
_diffrn_radiation.wavelength_id                    1 
_diffrn_radiation.monochromator                    ? 
_diffrn_radiation.pdbx_monochromatic_or_laue_m_l   ? 
_diffrn_radiation.pdbx_diffrn_protocol             ? 
_diffrn_radiation.pdbx_scattering_type             x-ray 
# 
_diffrn_radiation_wavelength.id           1 
_diffrn_radiation_wavelength.wavelength   . 
_diffrn_radiation_wavelength.wt           1.0 
# 
_refine.entry_id                                 1TGX 
_refine.ls_number_reflns_obs                     16149 
_refine.ls_number_reflns_all                     ? 
_refine.pdbx_ls_sigma_I                          ? 
_refine.pdbx_ls_sigma_F                          2.0 
_refine.pdbx_data_cutoff_high_absF               ? 
_refine.pdbx_data_cutoff_low_absF                ? 
_refine.pdbx_data_cutoff_high_rms_absF           ? 
_refine.ls_d_res_low                             5.0 
_refine.ls_d_res_high                            1.55 
_refine.ls_percent_reflns_obs                    ? 
_refine.ls_R_factor_obs                          0.172 
_refine.ls_R_factor_all                          ? 
_refine.ls_R_factor_R_work                       0.172 
_refine.ls_R_factor_R_free                       ? 
_refine.ls_R_factor_R_free_error                 ? 
_refine.ls_R_factor_R_free_error_details         ? 
_refine.ls_percent_reflns_R_free                 ? 
_refine.ls_number_reflns_R_free                  ? 
_refine.ls_number_parameters                     ? 
_refine.ls_number_restraints                     ? 
_refine.occupancy_min                            ? 
_refine.occupancy_max                            ? 
_refine.B_iso_mean                               ? 
_refine.aniso_B[1][1]                            ? 
_refine.aniso_B[2][2]                            ? 
_refine.aniso_B[3][3]                            ? 
_refine.aniso_B[1][2]                            ? 
_refine.aniso_B[1][3]                            ? 
_refine.aniso_B[2][3]                            ? 
_refine.solvent_model_details                    ? 
_refine.solvent_model_param_ksol                 ? 
_refine.solvent_model_param_bsol                 ? 
_refine.pdbx_ls_cross_valid_method               ? 
_refine.details                                  ? 
_refine.pdbx_starting_model                      ? 
_refine.pdbx_method_to_determine_struct          ? 
_refine.pdbx_isotropic_thermal_model             ? 
_refine.pdbx_stereochemistry_target_values       ? 
_refine.pdbx_stereochem_target_val_spec_case     ? 
_refine.pdbx_R_Free_selection_details            ? 
_refine.pdbx_overall_ESU_R                       ? 
_refine.pdbx_overall_ESU_R_Free                  ? 
_refine.overall_SU_ML                            ? 
_refine.overall_SU_B                             ? 
_refine.pdbx_refine_id                           'X-RAY DIFFRACTION' 
_refine.ls_redundancy_reflns_obs                 ? 
_refine.pdbx_overall_phase_error                 ? 
_refine.B_iso_min                                ? 
_refine.B_iso_max                                ? 
_refine.correlation_coeff_Fo_to_Fc               ? 
_refine.correlation_coeff_Fo_to_Fc_free          ? 
_refine.pdbx_solvent_vdw_probe_radii             ? 
_refine.pdbx_solvent_ion_probe_radii             ? 
_refine.pdbx_solvent_shrinkage_radii             ? 
_refine.overall_SU_R_Cruickshank_DPI             ? 
_refine.overall_SU_R_free                        ? 
_refine.ls_wR_factor_R_free                      ? 
_refine.ls_wR_factor_R_work                      ? 
_refine.overall_FOM_free_R_set                   ? 
_refine.overall_FOM_work_R_set                   ? 
_refine.pdbx_diffrn_id                           1 
_refine.pdbx_TLS_residual_ADP_flag               ? 
_refine.pdbx_overall_SU_R_free_Cruickshank_DPI   ? 
_refine.pdbx_overall_SU_R_Blow_DPI               ? 
_refine.pdbx_overall_SU_R_free_Blow_DPI          ? 
# 
_refine_hist.pdbx_refine_id                   'X-RAY DIFFRACTION' 
_refine_hist.cycle_id                         LAST 
_refine_hist.pdbx_number_atoms_protein        1404 
_refine_hist.pdbx_number_atoms_nucleic_acid   0 
_refine_hist.pdbx_number_atoms_ligand         14 
_refine_hist.number_atoms_solvent             164 
_refine_hist.number_atoms_total               1582 
_refine_hist.d_res_high                       1.55 
_refine_hist.d_res_low                        5.0 
# 
loop_
_refine_ls_restr.type 
_refine_ls_restr.dev_ideal 
_refine_ls_restr.dev_ideal_target 
_refine_ls_restr.weight 
_refine_ls_restr.number 
_refine_ls_restr.pdbx_refine_id 
_refine_ls_restr.pdbx_restraint_function 
x_bond_d                0.009 ?    ? ? 'X-RAY DIFFRACTION' ? 
x_bond_d_na             ?     ?    ? ? 'X-RAY DIFFRACTION' ? 
x_bond_d_prot           ?     ?    ? ? 'X-RAY DIFFRACTION' ? 
x_angle_d               ?     ?    ? ? 'X-RAY DIFFRACTION' ? 
x_angle_d_na            ?     ?    ? ? 'X-RAY DIFFRACTION' ? 
x_angle_d_prot          ?     ?    ? ? 'X-RAY DIFFRACTION' ? 
x_angle_deg             ?     ?    ? ? 'X-RAY DIFFRACTION' ? 
x_angle_deg_na          ?     ?    ? ? 'X-RAY DIFFRACTION' ? 
x_angle_deg_prot        ?     ?    ? ? 'X-RAY DIFFRACTION' ? 
x_dihedral_angle_d      ?     ?    ? ? 'X-RAY DIFFRACTION' ? 
x_dihedral_angle_d_na   ?     ?    ? ? 'X-RAY DIFFRACTION' ? 
x_dihedral_angle_d_prot ?     ?    ? ? 'X-RAY DIFFRACTION' ? 
x_improper_angle_d      ?     ?    ? ? 'X-RAY DIFFRACTION' ? 
x_improper_angle_d_na   ?     ?    ? ? 'X-RAY DIFFRACTION' ? 
x_improper_angle_d_prot ?     ?    ? ? 'X-RAY DIFFRACTION' ? 
x_mcbond_it             4.7   4.7  ? ? 'X-RAY DIFFRACTION' ? 
x_mcangle_it            5.2   5.2  ? ? 'X-RAY DIFFRACTION' ? 
x_scbond_it             9.7   9.7  ? ? 'X-RAY DIFFRACTION' ? 
x_scangle_it            11.0  11.0 ? ? 'X-RAY DIFFRACTION' ? 
# 
loop_
_struct_ncs_oper.id 
_struct_ncs_oper.code 
_struct_ncs_oper.details 
_struct_ncs_oper.matrix[1][1] 
_struct_ncs_oper.matrix[1][2] 
_struct_ncs_oper.matrix[1][3] 
_struct_ncs_oper.matrix[2][1] 
_struct_ncs_oper.matrix[2][2] 
_struct_ncs_oper.matrix[2][3] 
_struct_ncs_oper.matrix[3][1] 
_struct_ncs_oper.matrix[3][2] 
_struct_ncs_oper.matrix[3][3] 
_struct_ncs_oper.vector[1] 
_struct_ncs_oper.vector[2] 
_struct_ncs_oper.vector[3] 
1 given ? -0.45617588 0.88757742  0.06411000 -0.83577328 -0.45206289 0.31164790 0.30558918 0.08858129 0.94803877 1.27807  0.44868 0.21545  
2 given ? -0.60355793 -0.70086700 0.38013635 0.79133489  -0.58486534 0.17809222 0.09750446 0.40830023 0.90762327 -1.66668 1.32028 -0.83507 
# 
_struct.entry_id                  1TGX 
_struct.title                     
;X-RAY STRUCTURE AT 1.55 A OF TOXIN GAMMA, A CARDIOTOXIN FROM NAJA NIGRICOLLIS VENOM. CRYSTAL PACKING REVEALS A MODEL FOR INSERTION INTO MEMBRANES
;
_struct.pdbx_model_details        ? 
_struct.pdbx_CASP_flag            ? 
_struct.pdbx_model_type_details   ? 
# 
_struct_keywords.entry_id        1TGX 
_struct_keywords.pdbx_keywords   CYTOTOXIN 
_struct_keywords.text            CYTOTOXIN 
# 
loop_
_struct_asym.id 
_struct_asym.pdbx_blank_PDB_chainid_flag 
_struct_asym.pdbx_modified 
_struct_asym.entity_id 
_struct_asym.details 
A N N 1 ? 
B N N 1 ? 
C N N 1 ? 
D N N 2 ? 
E N N 2 ? 
F N N 2 ? 
G N N 2 ? 
H N N 2 ? 
I N N 2 ? 
J N N 2 ? 
K N N 2 ? 
L N N 2 ? 
M N N 2 ? 
N N N 2 ? 
O N N 2 ? 
P N N 2 ? 
Q N N 2 ? 
R N N 3 ? 
S N N 3 ? 
T N N 3 ? 
# 
_struct_ref.id                         1 
_struct_ref.db_name                    UNP 
_struct_ref.db_code                    CX1_NAJPA 
_struct_ref.entity_id                  1 
_struct_ref.pdbx_db_accession          P01468 
_struct_ref.pdbx_align_begin           1 
_struct_ref.pdbx_seq_one_letter_code   LKCNQLIPPFWKTCPKGKNLCYKMTMRAAPMVPVKRGCIDVCPKSSLLIKYMCCNTDKCN 
_struct_ref.pdbx_db_isoform            ? 
# 
loop_
_struct_ref_seq.align_id 
_struct_ref_seq.ref_id 
_struct_ref_seq.pdbx_PDB_id_code 
_struct_ref_seq.pdbx_strand_id 
_struct_ref_seq.seq_align_beg 
_struct_ref_seq.pdbx_seq_align_beg_ins_code 
_struct_ref_seq.seq_align_end 
_struct_ref_seq.pdbx_seq_align_end_ins_code 
_struct_ref_seq.pdbx_db_accession 
_struct_ref_seq.db_align_beg 
_struct_ref_seq.pdbx_db_align_beg_ins_code 
_struct_ref_seq.db_align_end 
_struct_ref_seq.pdbx_db_align_end_ins_code 
_struct_ref_seq.pdbx_auth_seq_align_beg 
_struct_ref_seq.pdbx_auth_seq_align_end 
1 1 1TGX A 1 ? 60 ? P01468 1 ? 60 ? 1 60 
2 1 1TGX B 1 ? 60 ? P01468 1 ? 60 ? 1 60 
3 1 1TGX C 1 ? 60 ? P01468 1 ? 60 ? 1 60 
# 
loop_
_pdbx_struct_assembly.id 
_pdbx_struct_assembly.details 
_pdbx_struct_assembly.method_details 
_pdbx_struct_assembly.oligomeric_details 
_pdbx_struct_assembly.oligomeric_count 
1 author_and_software_defined_assembly PISA hexameric 6 
2 author_and_software_defined_assembly PISA hexameric 6 
3 author_and_software_defined_assembly PISA hexameric 6 
4 author_and_software_defined_assembly PISA hexameric 6 
# 
loop_
_pdbx_struct_assembly_prop.biol_id 
_pdbx_struct_assembly_prop.type 
_pdbx_struct_assembly_prop.value 
_pdbx_struct_assembly_prop.details 
1 'ABSA (A^2)' 8160  ? 
1 MORE         -276  ? 
1 'SSA (A^2)'  21100 ? 
2 'ABSA (A^2)' 6690  ? 
2 MORE         -261  ? 
2 'SSA (A^2)'  22940 ? 
3 'ABSA (A^2)' 6740  ? 
3 MORE         -265  ? 
3 'SSA (A^2)'  22510 ? 
4 'ABSA (A^2)' 5560  ? 
4 MORE         -248  ? 
4 'SSA (A^2)'  24070 ? 
# 
loop_
_pdbx_struct_assembly_gen.assembly_id 
_pdbx_struct_assembly_gen.oper_expression 
_pdbx_struct_assembly_gen.asym_id_list 
1 1,2   B,I,J,K,L,M,N,S         
1 3,4   A,C,D,E,F,G,H,O,P,Q,R,T 
2 3,5   A,D,E,F,G,H,R           
2 6,2   B,I,J,K,L,M,N,S         
2 7,8   C,O,P,Q,T               
3 3,9   A,D,E,F,G,H,R           
3 10,2  B,I,J,K,L,M,N,S         
3 11,12 C,O,P,Q,T               
4 3,5   A,D,E,F,G,H,R           
4 13,14 B,I,J,K,L,M,N,S         
4 15,12 C,O,P,Q,T               
# 
loop_
_pdbx_struct_oper_list.id 
_pdbx_struct_oper_list.type 
_pdbx_struct_oper_list.name 
_pdbx_struct_oper_list.symmetry_operation 
_pdbx_struct_oper_list.matrix[1][1] 
_pdbx_struct_oper_list.matrix[1][2] 
_pdbx_struct_oper_list.matrix[1][3] 
_pdbx_struct_oper_list.vector[1] 
_pdbx_struct_oper_list.matrix[2][1] 
_pdbx_struct_oper_list.matrix[2][2] 
_pdbx_struct_oper_list.matrix[2][3] 
_pdbx_struct_oper_list.vector[2] 
_pdbx_struct_oper_list.matrix[3][1] 
_pdbx_struct_oper_list.matrix[3][2] 
_pdbx_struct_oper_list.matrix[3][3] 
_pdbx_struct_oper_list.vector[3] 
1  'crystal symmetry operation' 3_555 x+1/2,y+1/2,z     1.0000000000  0.0000000000  0.0000000000 -42.4136534018 0.0000000000  1.0000000000 0.0000000000  12.0167949837  0.0000000000 0.0000000000  1.0000000000  4.2716382613   
2  'crystal symmetry operation' 4_555 -x+1/2,y+1/2,-z   -0.9043368432 -0.4231428463 0.0559017495 13.4351757646  -0.4231428463 0.8716700810 -0.2472678741 26.6427753078  0.0559017495 -0.2472678741 -0.9673332377 19.4089756744  
3  'identity operation'         1_555 x,y,z             1.0000000000  0.0000000000  0.0000000000 0.0000000000   0.0000000000  1.0000000000 0.0000000000  0.0000000000   0.0000000000 0.0000000000  1.0000000000  0.0000000000   
4  'crystal symmetry operation' 2_655 -x+1,y,-z         -0.9043368432 -0.4231428463 0.0559017495 -20.0750248817 -0.4231428463 0.8716700810 -0.2472678741 -0.7227004598  0.0559017495 -0.2472678741 -0.9673332377 28.8834381212  
5  'crystal symmetry operation' 2_656 -x+1,y,-z+1       -0.9043368432 -0.4231428463 0.0559017495 -2.6504269889  -0.4231428463 0.8716700810 -0.2472678741 -3.8053248215  0.0559017495 -0.2472678741 -0.9673332377 -24.2684312281 
6  'crystal symmetry operation' 3_556 x+1/2,y+1/2,z+1   1.0000000000  0.0000000000  0.0000000000 -24.9890555090 0.0000000000  1.0000000000 0.0000000000  8.9341706220   0.0000000000 0.0000000000  1.0000000000  -48.8802310879 
7  'crystal symmetry operation' 3_454 x-1/2,y+1/2,z-1   1.0000000000  0.0000000000  0.0000000000 16.0856027535  0.0000000000  1.0000000000 0.0000000000  30.4481001292  0.0000000000 0.0000000000  1.0000000000  43.6774069024  
8  'crystal symmetry operation' 4_657 -x+3/2,y+1/2,-z+2 -0.9043368432 -0.4231428463 0.0559017495 -27.6394824980 -0.4231428463 0.8716700810 -0.2472678741 5.1288458005   0.0559017495 -0.2472678741 -0.9673332377 -73.1486623161 
9  'crystal symmetry operation' 2_555 -x,y,-z           -0.9043368432 -0.4231428463 0.0559017495 55.8488291664  -0.4231428463 0.8716700810 -0.2472678741 14.6259803241  0.0559017495 -0.2472678741 -0.9673332377 15.1373374131  
10 'crystal symmetry operation' 3_455 x-1/2,y+1/2,z     1.0000000000  0.0000000000  0.0000000000 33.5102006463  0.0000000000  1.0000000000 0.0000000000  27.3654757676  0.0000000000 0.0000000000  1.0000000000  -9.4744624468  
11 'crystal symmetry operation' 3_445 x-1/2,y-1/2,z     1.0000000000  0.0000000000  0.0000000000 42.4136534018  0.0000000000  1.0000000000 0.0000000000  -12.0167949837 0.0000000000 0.0000000000  1.0000000000  -4.2716382613  
12 'crystal symmetry operation' 4_545 -x+1/2,y-1/2,-z   -0.9043368432 -0.4231428463 0.0559017495 22.3386285201  -0.4231428463 0.8716700810 -0.2472678741 -12.7394954435 0.0559017495 -0.2472678741 -0.9673332377 24.6117998599  
13 'crystal symmetry operation' 3_444 x-1/2,y-1/2,z-1   1.0000000000  0.0000000000  0.0000000000 24.9890555090  0.0000000000  1.0000000000 0.0000000000  -8.9341706220  0.0000000000 0.0000000000  1.0000000000  48.8802310879  
14 'crystal symmetry operation' 4_647 -x+3/2,y-1/2,-z+2 -0.9043368432 -0.4231428463 0.0559017495 -18.7360297425 -0.4231428463 0.8716700810 -0.2472678741 -34.2534249507 0.0559017495 -0.2472678741 -0.9673332377 -67.9458381306 
15 'crystal symmetry operation' 3_546 x+1/2,y-1/2,z+1   1.0000000000  0.0000000000  0.0000000000 -16.0856027535 0.0000000000  1.0000000000 0.0000000000  -30.4481001292 0.0000000000 0.0000000000  1.0000000000  -43.6774069024  
# 
loop_
_struct_biol.id 
_struct_biol.details 
_struct_biol.pdbx_parent_biol_id 
1 
;THE TRANSFORMATION PRESENTED ON *MTRIX 1* RECORDS BELOW
WILL YIELD APPROXIMATE COORDINATES FOR CHAIN *B* WHEN
APPLIED TO CHAIN *A*.  THE TRANSFORMATION PRESENTED ON
*MTRIX 2* RECORDS BELOW WILL YIELD APPROXIMATE COORDINATES
FOR CHAIN *C* WHEN APPLIED TO CHAIN *A*.
;
? 
2 ? ? 
3 ? ? 
# 
loop_
_struct_conn.id 
_struct_conn.conn_type_id 
_struct_conn.pdbx_leaving_atom_flag 
_struct_conn.pdbx_PDB_id 
_struct_conn.ptnr1_label_asym_id 
_struct_conn.ptnr1_label_comp_id 
_struct_conn.ptnr1_label_seq_id 
_struct_conn.ptnr1_label_atom_id 
_struct_conn.pdbx_ptnr1_label_alt_id 
_struct_conn.pdbx_ptnr1_PDB_ins_code 
_struct_conn.pdbx_ptnr1_standard_comp_id 
_struct_conn.ptnr1_symmetry 
_struct_conn.ptnr2_label_asym_id 
_struct_conn.ptnr2_label_comp_id 
_struct_conn.ptnr2_label_seq_id 
_struct_conn.ptnr2_label_atom_id 
_struct_conn.pdbx_ptnr2_label_alt_id 
_struct_conn.pdbx_ptnr2_PDB_ins_code 
_struct_conn.ptnr1_auth_asym_id 
_struct_conn.ptnr1_auth_comp_id 
_struct_conn.ptnr1_auth_seq_id 
_struct_conn.ptnr2_auth_asym_id 
_struct_conn.ptnr2_auth_comp_id 
_struct_conn.ptnr2_auth_seq_id 
_struct_conn.ptnr2_symmetry 
_struct_conn.pdbx_ptnr3_label_atom_id 
_struct_conn.pdbx_ptnr3_label_seq_id 
_struct_conn.pdbx_ptnr3_label_comp_id 
_struct_conn.pdbx_ptnr3_label_asym_id 
_struct_conn.pdbx_ptnr3_label_alt_id 
_struct_conn.pdbx_ptnr3_PDB_ins_code 
_struct_conn.details 
_struct_conn.pdbx_dist_value 
_struct_conn.pdbx_value_order 
_struct_conn.pdbx_role 
disulf1  disulf ? ? A CYS 3  SG ? ? ? 1_555 A CYS 21 SG ? ? A CYS 3  A CYS 21 1_555 ? ? ? ? ? ? ? 2.030 ? ? 
disulf2  disulf ? ? A CYS 14 SG ? ? ? 1_555 A CYS 38 SG ? ? A CYS 14 A CYS 38 1_555 ? ? ? ? ? ? ? 2.040 ? ? 
disulf3  disulf ? ? A CYS 42 SG ? ? ? 1_555 A CYS 53 SG ? ? A CYS 42 A CYS 53 1_555 ? ? ? ? ? ? ? 2.039 ? ? 
disulf4  disulf ? ? A CYS 54 SG ? ? ? 1_555 A CYS 59 SG ? ? A CYS 54 A CYS 59 1_555 ? ? ? ? ? ? ? 2.035 ? ? 
disulf5  disulf ? ? B CYS 3  SG ? ? ? 1_555 B CYS 21 SG ? ? B CYS 3  B CYS 21 1_555 ? ? ? ? ? ? ? 2.036 ? ? 
disulf6  disulf ? ? B CYS 14 SG ? ? ? 1_555 B CYS 38 SG ? ? B CYS 14 B CYS 38 1_555 ? ? ? ? ? ? ? 2.044 ? ? 
disulf7  disulf ? ? B CYS 42 SG ? ? ? 1_555 B CYS 53 SG ? ? B CYS 42 B CYS 53 1_555 ? ? ? ? ? ? ? 2.039 ? ? 
disulf8  disulf ? ? B CYS 54 SG ? ? ? 1_555 B CYS 59 SG ? ? B CYS 54 B CYS 59 1_555 ? ? ? ? ? ? ? 2.032 ? ? 
disulf9  disulf ? ? C CYS 3  SG ? ? ? 1_555 C CYS 21 SG ? ? C CYS 3  C CYS 21 1_555 ? ? ? ? ? ? ? 2.029 ? ? 
disulf10 disulf ? ? C CYS 14 SG ? ? ? 1_555 C CYS 38 SG ? ? C CYS 14 C CYS 38 1_555 ? ? ? ? ? ? ? 2.026 ? ? 
disulf11 disulf ? ? C CYS 42 SG ? ? ? 1_555 C CYS 53 SG ? ? C CYS 42 C CYS 53 1_555 ? ? ? ? ? ? ? 2.037 ? ? 
disulf12 disulf ? ? C CYS 54 SG ? ? ? 1_555 C CYS 59 SG ? ? C CYS 54 C CYS 59 1_555 ? ? ? ? ? ? ? 2.031 ? ? 
# 
_struct_conn_type.id          disulf 
_struct_conn_type.criteria    ? 
_struct_conn_type.reference   ? 
# 
loop_
_pdbx_modification_feature.ordinal 
_pdbx_modification_feature.label_comp_id 
_pdbx_modification_feature.label_asym_id 
_pdbx_modification_feature.label_seq_id 
_pdbx_modification_feature.label_alt_id 
_pdbx_modification_feature.modified_residue_label_comp_id 
_pdbx_modification_feature.modified_residue_label_asym_id 
_pdbx_modification_feature.modified_residue_label_seq_id 
_pdbx_modification_feature.modified_residue_label_alt_id 
_pdbx_modification_feature.auth_comp_id 
_pdbx_modification_feature.auth_asym_id 
_pdbx_modification_feature.auth_seq_id 
_pdbx_modification_feature.PDB_ins_code 
_pdbx_modification_feature.symmetry 
_pdbx_modification_feature.modified_residue_auth_comp_id 
_pdbx_modification_feature.modified_residue_auth_asym_id 
_pdbx_modification_feature.modified_residue_auth_seq_id 
_pdbx_modification_feature.modified_residue_PDB_ins_code 
_pdbx_modification_feature.modified_residue_symmetry 
_pdbx_modification_feature.comp_id_linking_atom 
_pdbx_modification_feature.modified_residue_id_linking_atom 
_pdbx_modification_feature.modified_residue_id 
_pdbx_modification_feature.ref_pcm_id 
_pdbx_modification_feature.ref_comp_id 
_pdbx_modification_feature.type 
_pdbx_modification_feature.category 
1  CYS A 3  ? CYS A 21 ? CYS A 3  ? 1_555 CYS A 21 ? 1_555 SG SG . . . None 'Disulfide bridge' 
2  CYS A 14 ? CYS A 38 ? CYS A 14 ? 1_555 CYS A 38 ? 1_555 SG SG . . . None 'Disulfide bridge' 
3  CYS A 42 ? CYS A 53 ? CYS A 42 ? 1_555 CYS A 53 ? 1_555 SG SG . . . None 'Disulfide bridge' 
4  CYS A 54 ? CYS A 59 ? CYS A 54 ? 1_555 CYS A 59 ? 1_555 SG SG . . . None 'Disulfide bridge' 
5  CYS B 3  ? CYS B 21 ? CYS B 3  ? 1_555 CYS B 21 ? 1_555 SG SG . . . None 'Disulfide bridge' 
6  CYS B 14 ? CYS B 38 ? CYS B 14 ? 1_555 CYS B 38 ? 1_555 SG SG . . . None 'Disulfide bridge' 
7  CYS B 42 ? CYS B 53 ? CYS B 42 ? 1_555 CYS B 53 ? 1_555 SG SG . . . None 'Disulfide bridge' 
8  CYS B 54 ? CYS B 59 ? CYS B 54 ? 1_555 CYS B 59 ? 1_555 SG SG . . . None 'Disulfide bridge' 
9  CYS C 3  ? CYS C 21 ? CYS C 3  ? 1_555 CYS C 21 ? 1_555 SG SG . . . None 'Disulfide bridge' 
10 CYS C 14 ? CYS C 38 ? CYS C 14 ? 1_555 CYS C 38 ? 1_555 SG SG . . . None 'Disulfide bridge' 
11 CYS C 42 ? CYS C 53 ? CYS C 42 ? 1_555 CYS C 53 ? 1_555 SG SG . . . None 'Disulfide bridge' 
12 CYS C 54 ? CYS C 59 ? CYS C 54 ? 1_555 CYS C 59 ? 1_555 SG SG . . . None 'Disulfide bridge' 
# 
loop_
_struct_mon_prot_cis.pdbx_id 
_struct_mon_prot_cis.label_comp_id 
_struct_mon_prot_cis.label_seq_id 
_struct_mon_prot_cis.label_asym_id 
_struct_mon_prot_cis.label_alt_id 
_struct_mon_prot_cis.pdbx_PDB_ins_code 
_struct_mon_prot_cis.auth_comp_id 
_struct_mon_prot_cis.auth_seq_id 
_struct_mon_prot_cis.auth_asym_id 
_struct_mon_prot_cis.pdbx_label_comp_id_2 
_struct_mon_prot_cis.pdbx_label_seq_id_2 
_struct_mon_prot_cis.pdbx_label_asym_id_2 
_struct_mon_prot_cis.pdbx_PDB_ins_code_2 
_struct_mon_prot_cis.pdbx_auth_comp_id_2 
_struct_mon_prot_cis.pdbx_auth_seq_id_2 
_struct_mon_prot_cis.pdbx_auth_asym_id_2 
_struct_mon_prot_cis.pdbx_PDB_model_num 
_struct_mon_prot_cis.pdbx_omega_angle 
1 PRO 8 A . ? PRO 8 A PRO 9 A ? PRO 9 A 1 3.09 
2 PRO 8 B . ? PRO 8 B PRO 9 B ? PRO 9 B 1 3.38 
3 PRO 8 C . ? PRO 8 C PRO 9 C ? PRO 9 C 1 3.36 
# 
loop_
_struct_sheet.id 
_struct_sheet.type 
_struct_sheet.number_strands 
_struct_sheet.details 
S1A ? 2 ? 
S2A ? 3 ? 
S1B ? 2 ? 
S2B ? 3 ? 
S1C ? 2 ? 
S2C ? 3 ? 
# 
loop_
_struct_sheet_order.sheet_id 
_struct_sheet_order.range_id_1 
_struct_sheet_order.range_id_2 
_struct_sheet_order.offset 
_struct_sheet_order.sense 
S1A 1 2 ? anti-parallel 
S2A 1 2 ? anti-parallel 
S2A 2 3 ? anti-parallel 
S1B 1 2 ? anti-parallel 
S2B 1 2 ? anti-parallel 
S2B 2 3 ? anti-parallel 
S1C 1 2 ? anti-parallel 
S2C 1 2 ? anti-parallel 
S2C 2 3 ? anti-parallel 
# 
loop_
_struct_sheet_range.sheet_id 
_struct_sheet_range.id 
_struct_sheet_range.beg_label_comp_id 
_struct_sheet_range.beg_label_asym_id 
_struct_sheet_range.beg_label_seq_id 
_struct_sheet_range.pdbx_beg_PDB_ins_code 
_struct_sheet_range.end_label_comp_id 
_struct_sheet_range.end_label_asym_id 
_struct_sheet_range.end_label_seq_id 
_struct_sheet_range.pdbx_end_PDB_ins_code 
_struct_sheet_range.beg_auth_comp_id 
_struct_sheet_range.beg_auth_asym_id 
_struct_sheet_range.beg_auth_seq_id 
_struct_sheet_range.end_auth_comp_id 
_struct_sheet_range.end_auth_asym_id 
_struct_sheet_range.end_auth_seq_id 
S1A 1 LEU A 1  ? GLN A 5  ? LEU A 1  GLN A 5  
S1A 2 PHE A 10 ? CYS A 14 ? PHE A 10 CYS A 14 
S2A 1 LYS A 35 ? ILE A 39 ? LYS A 35 ILE A 39 
S2A 2 LEU A 20 ? ARG A 27 ? LEU A 20 ARG A 27 
S2A 3 LEU A 48 ? CYS A 54 ? LEU A 48 CYS A 54 
S1B 1 LEU B 1  ? GLN B 5  ? LEU B 1  GLN B 5  
S1B 2 PHE B 10 ? CYS B 14 ? PHE B 10 CYS B 14 
S2B 1 LYS B 35 ? ILE B 39 ? LYS B 35 ILE B 39 
S2B 2 LEU B 20 ? ARG B 27 ? LEU B 20 ARG B 27 
S2B 3 LEU B 48 ? CYS B 54 ? LEU B 48 CYS B 54 
S1C 1 LEU C 1  ? GLN C 5  ? LEU C 1  GLN C 5  
S1C 2 PHE C 10 ? CYS C 14 ? PHE C 10 CYS C 14 
S2C 1 LYS C 35 ? ILE C 39 ? LYS C 35 ILE C 39 
S2C 2 LEU C 20 ? ARG C 27 ? LEU C 20 ARG C 27 
S2C 3 LEU C 48 ? CYS C 54 ? LEU C 48 CYS C 54 
# 
loop_
_pdbx_struct_sheet_hbond.sheet_id 
_pdbx_struct_sheet_hbond.range_id_1 
_pdbx_struct_sheet_hbond.range_id_2 
_pdbx_struct_sheet_hbond.range_1_label_atom_id 
_pdbx_struct_sheet_hbond.range_1_label_comp_id 
_pdbx_struct_sheet_hbond.range_1_label_asym_id 
_pdbx_struct_sheet_hbond.range_1_label_seq_id 
_pdbx_struct_sheet_hbond.range_1_PDB_ins_code 
_pdbx_struct_sheet_hbond.range_1_auth_atom_id 
_pdbx_struct_sheet_hbond.range_1_auth_comp_id 
_pdbx_struct_sheet_hbond.range_1_auth_asym_id 
_pdbx_struct_sheet_hbond.range_1_auth_seq_id 
_pdbx_struct_sheet_hbond.range_2_label_atom_id 
_pdbx_struct_sheet_hbond.range_2_label_comp_id 
_pdbx_struct_sheet_hbond.range_2_label_asym_id 
_pdbx_struct_sheet_hbond.range_2_label_seq_id 
_pdbx_struct_sheet_hbond.range_2_PDB_ins_code 
_pdbx_struct_sheet_hbond.range_2_auth_atom_id 
_pdbx_struct_sheet_hbond.range_2_auth_comp_id 
_pdbx_struct_sheet_hbond.range_2_auth_asym_id 
_pdbx_struct_sheet_hbond.range_2_auth_seq_id 
S1A 1 2 O LEU A 1  ? O LEU A 1  N CYS A 14 ? N CYS A 14 
S2A 1 2 O LYS A 35 ? O LYS A 35 N MET A 24 ? N MET A 24 
S2A 2 3 N CYS A 21 ? N CYS A 21 O CYS A 54 ? O CYS A 54 
S1B 1 2 O LEU B 1  ? O LEU B 1  N CYS B 14 ? N CYS B 14 
S2B 1 2 O LYS B 35 ? O LYS B 35 N MET B 24 ? N MET B 24 
S2B 2 3 N CYS B 21 ? N CYS B 21 O CYS B 54 ? O CYS B 54 
S1C 1 2 O LEU C 1  ? O LEU C 1  N CYS C 14 ? N CYS C 14 
S2C 1 2 O LYS C 35 ? O LYS C 35 N MET C 24 ? N MET C 24 
S2C 2 3 N CYS C 21 ? N CYS C 21 O CYS C 54 ? O CYS C 54 
# 
loop_
_struct_site.id 
_struct_site.pdbx_evidence_code 
_struct_site.pdbx_auth_asym_id 
_struct_site.pdbx_auth_comp_id 
_struct_site.pdbx_auth_seq_id 
_struct_site.pdbx_auth_ins_code 
_struct_site.pdbx_num_residues 
_struct_site.details 
AC1 Software A CL 102 ? 2 'BINDING SITE FOR RESIDUE CL A 102' 
AC2 Software A CL 120 ? 2 'BINDING SITE FOR RESIDUE CL A 120' 
AC3 Software B CL 102 ? 2 'BINDING SITE FOR RESIDUE CL B 102' 
AC4 Software B CL 106 ? 4 'BINDING SITE FOR RESIDUE CL B 106' 
AC5 Software B CL 120 ? 3 'BINDING SITE FOR RESIDUE CL B 120' 
AC6 Software B CL 123 ? 2 'BINDING SITE FOR RESIDUE CL B 123' 
AC7 Software C CL 102 ? 4 'BINDING SITE FOR RESIDUE CL C 102' 
AC8 Software C CL 106 ? 3 'BINDING SITE FOR RESIDUE CL C 106' 
AC9 Software C CL 113 ? 5 'BINDING SITE FOR RESIDUE CL C 113' 
BC1 Software B CL 206 ? 3 'BINDING SITE FOR RESIDUE CL B 206' 
BC2 Software A CL 242 ? 2 'BINDING SITE FOR RESIDUE CL A 242' 
BC3 Software A CL 245 ? 4 'BINDING SITE FOR RESIDUE CL A 245' 
BC4 Software A CL 260 ? 3 'BINDING SITE FOR RESIDUE CL A 260' 
BC5 Software B CL 270 ? 1 'BINDING SITE FOR RESIDUE CL B 270' 
# 
loop_
_struct_site_gen.id 
_struct_site_gen.site_id 
_struct_site_gen.pdbx_num_res 
_struct_site_gen.label_comp_id 
_struct_site_gen.label_asym_id 
_struct_site_gen.label_seq_id 
_struct_site_gen.pdbx_auth_ins_code 
_struct_site_gen.auth_comp_id 
_struct_site_gen.auth_asym_id 
_struct_site_gen.auth_seq_id 
_struct_site_gen.label_atom_id 
_struct_site_gen.label_alt_id 
_struct_site_gen.symmetry 
_struct_site_gen.details 
1  AC1 2 LYS A 12 ? LYS A 12  . ? 1_555 ? 
2  AC1 2 LYS A 18 ? LYS A 18  . ? 1_555 ? 
3  AC2 2 LEU A 1  ? LEU A 1   . ? 1_555 ? 
4  AC2 2 LEU A 1  ? LEU A 1   . ? 2_656 ? 
5  AC3 2 LYS B 12 ? LYS B 12  . ? 1_555 ? 
6  AC3 2 CL  J .  ? CL  B 106 . ? 1_555 ? 
7  AC4 4 LYS B 12 ? LYS B 12  . ? 1_555 ? 
8  AC4 4 GLY B 37 ? GLY B 37  . ? 1_555 ? 
9  AC4 4 CYS B 38 ? CYS B 38  . ? 1_555 ? 
10 AC4 4 CL  I .  ? CL  B 102 . ? 1_555 ? 
11 AC5 3 LEU B 1  ? LEU B 1   . ? 1_555 ? 
12 AC5 3 LYS B 2  ? LYS B 2   . ? 1_555 ? 
13 AC5 3 LEU C 1  ? LEU C 1   . ? 2_656 ? 
14 AC6 2 HOH R .  ? HOH A 291 . ? 1_555 ? 
15 AC6 2 ARG B 36 ? ARG B 36  . ? 1_555 ? 
16 AC7 4 LYS C 12 ? LYS C 12  . ? 1_555 ? 
17 AC7 4 PRO C 15 ? PRO C 15  . ? 1_555 ? 
18 AC7 4 LYS C 18 ? LYS C 18  . ? 1_555 ? 
19 AC7 4 CL  P .  ? CL  C 106 . ? 1_555 ? 
20 AC8 3 LYS C 12 ? LYS C 12  . ? 1_555 ? 
21 AC8 3 CYS C 38 ? CYS C 38  . ? 1_555 ? 
22 AC8 3 CL  O .  ? CL  C 102 . ? 1_555 ? 
23 AC9 5 LYS A 44 ? LYS A 44  . ? 1_555 ? 
24 AC9 5 TRP B 11 ? TRP B 11  . ? 1_555 ? 
25 AC9 5 PRO C 43 ? PRO C 43  . ? 3_445 ? 
26 AC9 5 LYS C 44 ? LYS C 44  . ? 3_445 ? 
27 AC9 5 HOH T .  ? HOH C 151 . ? 3_445 ? 
28 BC1 3 LYS B 16 ? LYS B 16  . ? 1_555 ? 
29 BC1 3 LYS C 16 ? LYS C 16  . ? 3_445 ? 
30 BC1 3 HOH T .  ? HOH C 150 . ? 2_656 ? 
31 BC2 2 ARG A 36 ? ARG A 36  . ? 1_555 ? 
32 BC2 2 LYS C 50 ? LYS C 50  . ? 1_555 ? 
33 BC3 4 ARG A 27 ? ARG A 27  . ? 1_555 ? 
34 BC3 4 HOH R .  ? HOH A 288 . ? 4_545 ? 
35 BC3 4 HOH R .  ? HOH A 292 . ? 1_555 ? 
36 BC3 4 HOH R .  ? HOH A 304 . ? 4_545 ? 
37 BC4 3 ARG A 27 ? ARG A 27  . ? 1_555 ? 
38 BC4 3 HOH R .  ? HOH A 304 . ? 4_545 ? 
39 BC4 3 ARG C 27 ? ARG C 27  . ? 4_545 ? 
40 BC5 1 LYS B 18 ? LYS B 18  . ? 1_555 ? 
# 
_pdbx_entry_details.entry_id                   1TGX 
_pdbx_entry_details.compound_details           ? 
_pdbx_entry_details.source_details             ? 
_pdbx_entry_details.nonpolymer_details         
;14 SOLVENT MOLECULES WERE IDENTIFIED AS CHLORIDE ANIONS,
BASED ON THEIR HIGH OCCUPANCY, WHEN REFINED AS WATER, AND
ON THEIR PROXIMITY TO POSITIVE CHARGES OF THE PROTEIN (THE
MOTHER LIQUOR IS A SOLUTION OF NACL).
;
_pdbx_entry_details.sequence_details           ? 
_pdbx_entry_details.has_ligand_of_interest     ? 
_pdbx_entry_details.has_protein_modification   Y 
# 
loop_
_pdbx_validate_rmsd_angle.id 
_pdbx_validate_rmsd_angle.PDB_model_num 
_pdbx_validate_rmsd_angle.auth_atom_id_1 
_pdbx_validate_rmsd_angle.auth_asym_id_1 
_pdbx_validate_rmsd_angle.auth_comp_id_1 
_pdbx_validate_rmsd_angle.auth_seq_id_1 
_pdbx_validate_rmsd_angle.PDB_ins_code_1 
_pdbx_validate_rmsd_angle.label_alt_id_1 
_pdbx_validate_rmsd_angle.auth_atom_id_2 
_pdbx_validate_rmsd_angle.auth_asym_id_2 
_pdbx_validate_rmsd_angle.auth_comp_id_2 
_pdbx_validate_rmsd_angle.auth_seq_id_2 
_pdbx_validate_rmsd_angle.PDB_ins_code_2 
_pdbx_validate_rmsd_angle.label_alt_id_2 
_pdbx_validate_rmsd_angle.auth_atom_id_3 
_pdbx_validate_rmsd_angle.auth_asym_id_3 
_pdbx_validate_rmsd_angle.auth_comp_id_3 
_pdbx_validate_rmsd_angle.auth_seq_id_3 
_pdbx_validate_rmsd_angle.PDB_ins_code_3 
_pdbx_validate_rmsd_angle.label_alt_id_3 
_pdbx_validate_rmsd_angle.angle_value 
_pdbx_validate_rmsd_angle.angle_target_value 
_pdbx_validate_rmsd_angle.angle_deviation 
_pdbx_validate_rmsd_angle.angle_standard_deviation 
_pdbx_validate_rmsd_angle.linker_flag 
1 1 NE A ARG 27 ? ? CZ A ARG 27 ? ? NH1 A ARG 27 ? ? 126.19 120.30 5.89  0.50 N 
2 1 NE B ARG 27 ? ? CZ B ARG 27 ? ? NH1 B ARG 27 ? ? 125.75 120.30 5.45  0.50 N 
3 1 NE B ARG 27 ? ? CZ B ARG 27 ? ? NH2 B ARG 27 ? ? 116.03 120.30 -4.27 0.50 N 
4 1 CA C CYS 21 ? ? CB C CYS 21 ? ? SG  C CYS 21 ? ? 121.56 114.20 7.36  1.10 N 
# 
_pdbx_validate_torsion.id              1 
_pdbx_validate_torsion.PDB_model_num   1 
_pdbx_validate_torsion.auth_comp_id    SER 
_pdbx_validate_torsion.auth_asym_id    B 
_pdbx_validate_torsion.auth_seq_id     46 
_pdbx_validate_torsion.PDB_ins_code    ? 
_pdbx_validate_torsion.label_alt_id    ? 
_pdbx_validate_torsion.phi             -123.97 
_pdbx_validate_torsion.psi             -167.61 
# 
loop_
_pdbx_struct_special_symmetry.id 
_pdbx_struct_special_symmetry.PDB_model_num 
_pdbx_struct_special_symmetry.auth_asym_id 
_pdbx_struct_special_symmetry.auth_comp_id 
_pdbx_struct_special_symmetry.auth_seq_id 
_pdbx_struct_special_symmetry.PDB_ins_code 
_pdbx_struct_special_symmetry.label_asym_id 
_pdbx_struct_special_symmetry.label_comp_id 
_pdbx_struct_special_symmetry.label_seq_id 
1 1 A CL  120 ? E CL  . 
2 1 A HOH 273 ? R HOH . 
3 1 B HOH 277 ? S HOH . 
4 1 B HOH 292 ? S HOH . 
# 
loop_
_chem_comp_atom.comp_id 
_chem_comp_atom.atom_id 
_chem_comp_atom.type_symbol 
_chem_comp_atom.pdbx_aromatic_flag 
_chem_comp_atom.pdbx_stereo_config 
_chem_comp_atom.pdbx_ordinal 
ALA N    N  N N 1   
ALA CA   C  N S 2   
ALA C    C  N N 3   
ALA O    O  N N 4   
ALA CB   C  N N 5   
ALA OXT  O  N N 6   
ALA H    H  N N 7   
ALA H2   H  N N 8   
ALA HA   H  N N 9   
ALA HB1  H  N N 10  
ALA HB2  H  N N 11  
ALA HB3  H  N N 12  
ALA HXT  H  N N 13  
ARG N    N  N N 14  
ARG CA   C  N S 15  
ARG C    C  N N 16  
ARG O    O  N N 17  
ARG CB   C  N N 18  
ARG CG   C  N N 19  
ARG CD   C  N N 20  
ARG NE   N  N N 21  
ARG CZ   C  N N 22  
ARG NH1  N  N N 23  
ARG NH2  N  N N 24  
ARG OXT  O  N N 25  
ARG H    H  N N 26  
ARG H2   H  N N 27  
ARG HA   H  N N 28  
ARG HB2  H  N N 29  
ARG HB3  H  N N 30  
ARG HG2  H  N N 31  
ARG HG3  H  N N 32  
ARG HD2  H  N N 33  
ARG HD3  H  N N 34  
ARG HE   H  N N 35  
ARG HH11 H  N N 36  
ARG HH12 H  N N 37  
ARG HH21 H  N N 38  
ARG HH22 H  N N 39  
ARG HXT  H  N N 40  
ASN N    N  N N 41  
ASN CA   C  N S 42  
ASN C    C  N N 43  
ASN O    O  N N 44  
ASN CB   C  N N 45  
ASN CG   C  N N 46  
ASN OD1  O  N N 47  
ASN ND2  N  N N 48  
ASN OXT  O  N N 49  
ASN H    H  N N 50  
ASN H2   H  N N 51  
ASN HA   H  N N 52  
ASN HB2  H  N N 53  
ASN HB3  H  N N 54  
ASN HD21 H  N N 55  
ASN HD22 H  N N 56  
ASN HXT  H  N N 57  
ASP N    N  N N 58  
ASP CA   C  N S 59  
ASP C    C  N N 60  
ASP O    O  N N 61  
ASP CB   C  N N 62  
ASP CG   C  N N 63  
ASP OD1  O  N N 64  
ASP OD2  O  N N 65  
ASP OXT  O  N N 66  
ASP H    H  N N 67  
ASP H2   H  N N 68  
ASP HA   H  N N 69  
ASP HB2  H  N N 70  
ASP HB3  H  N N 71  
ASP HD2  H  N N 72  
ASP HXT  H  N N 73  
CL  CL   CL N N 74  
CYS N    N  N N 75  
CYS CA   C  N R 76  
CYS C    C  N N 77  
CYS O    O  N N 78  
CYS CB   C  N N 79  
CYS SG   S  N N 80  
CYS OXT  O  N N 81  
CYS H    H  N N 82  
CYS H2   H  N N 83  
CYS HA   H  N N 84  
CYS HB2  H  N N 85  
CYS HB3  H  N N 86  
CYS HG   H  N N 87  
CYS HXT  H  N N 88  
GLN N    N  N N 89  
GLN CA   C  N S 90  
GLN C    C  N N 91  
GLN O    O  N N 92  
GLN CB   C  N N 93  
GLN CG   C  N N 94  
GLN CD   C  N N 95  
GLN OE1  O  N N 96  
GLN NE2  N  N N 97  
GLN OXT  O  N N 98  
GLN H    H  N N 99  
GLN H2   H  N N 100 
GLN HA   H  N N 101 
GLN HB2  H  N N 102 
GLN HB3  H  N N 103 
GLN HG2  H  N N 104 
GLN HG3  H  N N 105 
GLN HE21 H  N N 106 
GLN HE22 H  N N 107 
GLN HXT  H  N N 108 
GLY N    N  N N 109 
GLY CA   C  N N 110 
GLY C    C  N N 111 
GLY O    O  N N 112 
GLY OXT  O  N N 113 
GLY H    H  N N 114 
GLY H2   H  N N 115 
GLY HA2  H  N N 116 
GLY HA3  H  N N 117 
GLY HXT  H  N N 118 
HOH O    O  N N 119 
HOH H1   H  N N 120 
HOH H2   H  N N 121 
ILE N    N  N N 122 
ILE CA   C  N S 123 
ILE C    C  N N 124 
ILE O    O  N N 125 
ILE CB   C  N S 126 
ILE CG1  C  N N 127 
ILE CG2  C  N N 128 
ILE CD1  C  N N 129 
ILE OXT  O  N N 130 
ILE H    H  N N 131 
ILE H2   H  N N 132 
ILE HA   H  N N 133 
ILE HB   H  N N 134 
ILE HG12 H  N N 135 
ILE HG13 H  N N 136 
ILE HG21 H  N N 137 
ILE HG22 H  N N 138 
ILE HG23 H  N N 139 
ILE HD11 H  N N 140 
ILE HD12 H  N N 141 
ILE HD13 H  N N 142 
ILE HXT  H  N N 143 
LEU N    N  N N 144 
LEU CA   C  N S 145 
LEU C    C  N N 146 
LEU O    O  N N 147 
LEU CB   C  N N 148 
LEU CG   C  N N 149 
LEU CD1  C  N N 150 
LEU CD2  C  N N 151 
LEU OXT  O  N N 152 
LEU H    H  N N 153 
LEU H2   H  N N 154 
LEU HA   H  N N 155 
LEU HB2  H  N N 156 
LEU HB3  H  N N 157 
LEU HG   H  N N 158 
LEU HD11 H  N N 159 
LEU HD12 H  N N 160 
LEU HD13 H  N N 161 
LEU HD21 H  N N 162 
LEU HD22 H  N N 163 
LEU HD23 H  N N 164 
LEU HXT  H  N N 165 
LYS N    N  N N 166 
LYS CA   C  N S 167 
LYS C    C  N N 168 
LYS O    O  N N 169 
LYS CB   C  N N 170 
LYS CG   C  N N 171 
LYS CD   C  N N 172 
LYS CE   C  N N 173 
LYS NZ   N  N N 174 
LYS OXT  O  N N 175 
LYS H    H  N N 176 
LYS H2   H  N N 177 
LYS HA   H  N N 178 
LYS HB2  H  N N 179 
LYS HB3  H  N N 180 
LYS HG2  H  N N 181 
LYS HG3  H  N N 182 
LYS HD2  H  N N 183 
LYS HD3  H  N N 184 
LYS HE2  H  N N 185 
LYS HE3  H  N N 186 
LYS HZ1  H  N N 187 
LYS HZ2  H  N N 188 
LYS HZ3  H  N N 189 
LYS HXT  H  N N 190 
MET N    N  N N 191 
MET CA   C  N S 192 
MET C    C  N N 193 
MET O    O  N N 194 
MET CB   C  N N 195 
MET CG   C  N N 196 
MET SD   S  N N 197 
MET CE   C  N N 198 
MET OXT  O  N N 199 
MET H    H  N N 200 
MET H2   H  N N 201 
MET HA   H  N N 202 
MET HB2  H  N N 203 
MET HB3  H  N N 204 
MET HG2  H  N N 205 
MET HG3  H  N N 206 
MET HE1  H  N N 207 
MET HE2  H  N N 208 
MET HE3  H  N N 209 
MET HXT  H  N N 210 
PHE N    N  N N 211 
PHE CA   C  N S 212 
PHE C    C  N N 213 
PHE O    O  N N 214 
PHE CB   C  N N 215 
PHE CG   C  Y N 216 
PHE CD1  C  Y N 217 
PHE CD2  C  Y N 218 
PHE CE1  C  Y N 219 
PHE CE2  C  Y N 220 
PHE CZ   C  Y N 221 
PHE OXT  O  N N 222 
PHE H    H  N N 223 
PHE H2   H  N N 224 
PHE HA   H  N N 225 
PHE HB2  H  N N 226 
PHE HB3  H  N N 227 
PHE HD1  H  N N 228 
PHE HD2  H  N N 229 
PHE HE1  H  N N 230 
PHE HE2  H  N N 231 
PHE HZ   H  N N 232 
PHE HXT  H  N N 233 
PRO N    N  N N 234 
PRO CA   C  N S 235 
PRO C    C  N N 236 
PRO O    O  N N 237 
PRO CB   C  N N 238 
PRO CG   C  N N 239 
PRO CD   C  N N 240 
PRO OXT  O  N N 241 
PRO H    H  N N 242 
PRO HA   H  N N 243 
PRO HB2  H  N N 244 
PRO HB3  H  N N 245 
PRO HG2  H  N N 246 
PRO HG3  H  N N 247 
PRO HD2  H  N N 248 
PRO HD3  H  N N 249 
PRO HXT  H  N N 250 
SER N    N  N N 251 
SER CA   C  N S 252 
SER C    C  N N 253 
SER O    O  N N 254 
SER CB   C  N N 255 
SER OG   O  N N 256 
SER OXT  O  N N 257 
SER H    H  N N 258 
SER H2   H  N N 259 
SER HA   H  N N 260 
SER HB2  H  N N 261 
SER HB3  H  N N 262 
SER HG   H  N N 263 
SER HXT  H  N N 264 
THR N    N  N N 265 
THR CA   C  N S 266 
THR C    C  N N 267 
THR O    O  N N 268 
THR CB   C  N R 269 
THR OG1  O  N N 270 
THR CG2  C  N N 271 
THR OXT  O  N N 272 
THR H    H  N N 273 
THR H2   H  N N 274 
THR HA   H  N N 275 
THR HB   H  N N 276 
THR HG1  H  N N 277 
THR HG21 H  N N 278 
THR HG22 H  N N 279 
THR HG23 H  N N 280 
THR HXT  H  N N 281 
TRP N    N  N N 282 
TRP CA   C  N S 283 
TRP C    C  N N 284 
TRP O    O  N N 285 
TRP CB   C  N N 286 
TRP CG   C  Y N 287 
TRP CD1  C  Y N 288 
TRP CD2  C  Y N 289 
TRP NE1  N  Y N 290 
TRP CE2  C  Y N 291 
TRP CE3  C  Y N 292 
TRP CZ2  C  Y N 293 
TRP CZ3  C  Y N 294 
TRP CH2  C  Y N 295 
TRP OXT  O  N N 296 
TRP H    H  N N 297 
TRP H2   H  N N 298 
TRP HA   H  N N 299 
TRP HB2  H  N N 300 
TRP HB3  H  N N 301 
TRP HD1  H  N N 302 
TRP HE1  H  N N 303 
TRP HE3  H  N N 304 
TRP HZ2  H  N N 305 
TRP HZ3  H  N N 306 
TRP HH2  H  N N 307 
TRP HXT  H  N N 308 
TYR N    N  N N 309 
TYR CA   C  N S 310 
TYR C    C  N N 311 
TYR O    O  N N 312 
TYR CB   C  N N 313 
TYR CG   C  Y N 314 
TYR CD1  C  Y N 315 
TYR CD2  C  Y N 316 
TYR CE1  C  Y N 317 
TYR CE2  C  Y N 318 
TYR CZ   C  Y N 319 
TYR OH   O  N N 320 
TYR OXT  O  N N 321 
TYR H    H  N N 322 
TYR H2   H  N N 323 
TYR HA   H  N N 324 
TYR HB2  H  N N 325 
TYR HB3  H  N N 326 
TYR HD1  H  N N 327 
TYR HD2  H  N N 328 
TYR HE1  H  N N 329 
TYR HE2  H  N N 330 
TYR HH   H  N N 331 
TYR HXT  H  N N 332 
VAL N    N  N N 333 
VAL CA   C  N S 334 
VAL C    C  N N 335 
VAL O    O  N N 336 
VAL CB   C  N N 337 
VAL CG1  C  N N 338 
VAL CG2  C  N N 339 
VAL OXT  O  N N 340 
VAL H    H  N N 341 
VAL H2   H  N N 342 
VAL HA   H  N N 343 
VAL HB   H  N N 344 
VAL HG11 H  N N 345 
VAL HG12 H  N N 346 
VAL HG13 H  N N 347 
VAL HG21 H  N N 348 
VAL HG22 H  N N 349 
VAL HG23 H  N N 350 
VAL HXT  H  N N 351 
# 
loop_
_chem_comp_bond.comp_id 
_chem_comp_bond.atom_id_1 
_chem_comp_bond.atom_id_2 
_chem_comp_bond.value_order 
_chem_comp_bond.pdbx_aromatic_flag 
_chem_comp_bond.pdbx_stereo_config 
_chem_comp_bond.pdbx_ordinal 
ALA N   CA   sing N N 1   
ALA N   H    sing N N 2   
ALA N   H2   sing N N 3   
ALA CA  C    sing N N 4   
ALA CA  CB   sing N N 5   
ALA CA  HA   sing N N 6   
ALA C   O    doub N N 7   
ALA C   OXT  sing N N 8   
ALA CB  HB1  sing N N 9   
ALA CB  HB2  sing N N 10  
ALA CB  HB3  sing N N 11  
ALA OXT HXT  sing N N 12  
ARG N   CA   sing N N 13  
ARG N   H    sing N N 14  
ARG N   H2   sing N N 15  
ARG CA  C    sing N N 16  
ARG CA  CB   sing N N 17  
ARG CA  HA   sing N N 18  
ARG C   O    doub N N 19  
ARG C   OXT  sing N N 20  
ARG CB  CG   sing N N 21  
ARG CB  HB2  sing N N 22  
ARG CB  HB3  sing N N 23  
ARG CG  CD   sing N N 24  
ARG CG  HG2  sing N N 25  
ARG CG  HG3  sing N N 26  
ARG CD  NE   sing N N 27  
ARG CD  HD2  sing N N 28  
ARG CD  HD3  sing N N 29  
ARG NE  CZ   sing N N 30  
ARG NE  HE   sing N N 31  
ARG CZ  NH1  sing N N 32  
ARG CZ  NH2  doub N N 33  
ARG NH1 HH11 sing N N 34  
ARG NH1 HH12 sing N N 35  
ARG NH2 HH21 sing N N 36  
ARG NH2 HH22 sing N N 37  
ARG OXT HXT  sing N N 38  
ASN N   CA   sing N N 39  
ASN N   H    sing N N 40  
ASN N   H2   sing N N 41  
ASN CA  C    sing N N 42  
ASN CA  CB   sing N N 43  
ASN CA  HA   sing N N 44  
ASN C   O    doub N N 45  
ASN C   OXT  sing N N 46  
ASN CB  CG   sing N N 47  
ASN CB  HB2  sing N N 48  
ASN CB  HB3  sing N N 49  
ASN CG  OD1  doub N N 50  
ASN CG  ND2  sing N N 51  
ASN ND2 HD21 sing N N 52  
ASN ND2 HD22 sing N N 53  
ASN OXT HXT  sing N N 54  
ASP N   CA   sing N N 55  
ASP N   H    sing N N 56  
ASP N   H2   sing N N 57  
ASP CA  C    sing N N 58  
ASP CA  CB   sing N N 59  
ASP CA  HA   sing N N 60  
ASP C   O    doub N N 61  
ASP C   OXT  sing N N 62  
ASP CB  CG   sing N N 63  
ASP CB  HB2  sing N N 64  
ASP CB  HB3  sing N N 65  
ASP CG  OD1  doub N N 66  
ASP CG  OD2  sing N N 67  
ASP OD2 HD2  sing N N 68  
ASP OXT HXT  sing N N 69  
CYS N   CA   sing N N 70  
CYS N   H    sing N N 71  
CYS N   H2   sing N N 72  
CYS CA  C    sing N N 73  
CYS CA  CB   sing N N 74  
CYS CA  HA   sing N N 75  
CYS C   O    doub N N 76  
CYS C   OXT  sing N N 77  
CYS CB  SG   sing N N 78  
CYS CB  HB2  sing N N 79  
CYS CB  HB3  sing N N 80  
CYS SG  HG   sing N N 81  
CYS OXT HXT  sing N N 82  
GLN N   CA   sing N N 83  
GLN N   H    sing N N 84  
GLN N   H2   sing N N 85  
GLN CA  C    sing N N 86  
GLN CA  CB   sing N N 87  
GLN CA  HA   sing N N 88  
GLN C   O    doub N N 89  
GLN C   OXT  sing N N 90  
GLN CB  CG   sing N N 91  
GLN CB  HB2  sing N N 92  
GLN CB  HB3  sing N N 93  
GLN CG  CD   sing N N 94  
GLN CG  HG2  sing N N 95  
GLN CG  HG3  sing N N 96  
GLN CD  OE1  doub N N 97  
GLN CD  NE2  sing N N 98  
GLN NE2 HE21 sing N N 99  
GLN NE2 HE22 sing N N 100 
GLN OXT HXT  sing N N 101 
GLY N   CA   sing N N 102 
GLY N   H    sing N N 103 
GLY N   H2   sing N N 104 
GLY CA  C    sing N N 105 
GLY CA  HA2  sing N N 106 
GLY CA  HA3  sing N N 107 
GLY C   O    doub N N 108 
GLY C   OXT  sing N N 109 
GLY OXT HXT  sing N N 110 
HOH O   H1   sing N N 111 
HOH O   H2   sing N N 112 
ILE N   CA   sing N N 113 
ILE N   H    sing N N 114 
ILE N   H2   sing N N 115 
ILE CA  C    sing N N 116 
ILE CA  CB   sing N N 117 
ILE CA  HA   sing N N 118 
ILE C   O    doub N N 119 
ILE C   OXT  sing N N 120 
ILE CB  CG1  sing N N 121 
ILE CB  CG2  sing N N 122 
ILE CB  HB   sing N N 123 
ILE CG1 CD1  sing N N 124 
ILE CG1 HG12 sing N N 125 
ILE CG1 HG13 sing N N 126 
ILE CG2 HG21 sing N N 127 
ILE CG2 HG22 sing N N 128 
ILE CG2 HG23 sing N N 129 
ILE CD1 HD11 sing N N 130 
ILE CD1 HD12 sing N N 131 
ILE CD1 HD13 sing N N 132 
ILE OXT HXT  sing N N 133 
LEU N   CA   sing N N 134 
LEU N   H    sing N N 135 
LEU N   H2   sing N N 136 
LEU CA  C    sing N N 137 
LEU CA  CB   sing N N 138 
LEU CA  HA   sing N N 139 
LEU C   O    doub N N 140 
LEU C   OXT  sing N N 141 
LEU CB  CG   sing N N 142 
LEU CB  HB2  sing N N 143 
LEU CB  HB3  sing N N 144 
LEU CG  CD1  sing N N 145 
LEU CG  CD2  sing N N 146 
LEU CG  HG   sing N N 147 
LEU CD1 HD11 sing N N 148 
LEU CD1 HD12 sing N N 149 
LEU CD1 HD13 sing N N 150 
LEU CD2 HD21 sing N N 151 
LEU CD2 HD22 sing N N 152 
LEU CD2 HD23 sing N N 153 
LEU OXT HXT  sing N N 154 
LYS N   CA   sing N N 155 
LYS N   H    sing N N 156 
LYS N   H2   sing N N 157 
LYS CA  C    sing N N 158 
LYS CA  CB   sing N N 159 
LYS CA  HA   sing N N 160 
LYS C   O    doub N N 161 
LYS C   OXT  sing N N 162 
LYS CB  CG   sing N N 163 
LYS CB  HB2  sing N N 164 
LYS CB  HB3  sing N N 165 
LYS CG  CD   sing N N 166 
LYS CG  HG2  sing N N 167 
LYS CG  HG3  sing N N 168 
LYS CD  CE   sing N N 169 
LYS CD  HD2  sing N N 170 
LYS CD  HD3  sing N N 171 
LYS CE  NZ   sing N N 172 
LYS CE  HE2  sing N N 173 
LYS CE  HE3  sing N N 174 
LYS NZ  HZ1  sing N N 175 
LYS NZ  HZ2  sing N N 176 
LYS NZ  HZ3  sing N N 177 
LYS OXT HXT  sing N N 178 
MET N   CA   sing N N 179 
MET N   H    sing N N 180 
MET N   H2   sing N N 181 
MET CA  C    sing N N 182 
MET CA  CB   sing N N 183 
MET CA  HA   sing N N 184 
MET C   O    doub N N 185 
MET C   OXT  sing N N 186 
MET CB  CG   sing N N 187 
MET CB  HB2  sing N N 188 
MET CB  HB3  sing N N 189 
MET CG  SD   sing N N 190 
MET CG  HG2  sing N N 191 
MET CG  HG3  sing N N 192 
MET SD  CE   sing N N 193 
MET CE  HE1  sing N N 194 
MET CE  HE2  sing N N 195 
MET CE  HE3  sing N N 196 
MET OXT HXT  sing N N 197 
PHE N   CA   sing N N 198 
PHE N   H    sing N N 199 
PHE N   H2   sing N N 200 
PHE CA  C    sing N N 201 
PHE CA  CB   sing N N 202 
PHE CA  HA   sing N N 203 
PHE C   O    doub N N 204 
PHE C   OXT  sing N N 205 
PHE CB  CG   sing N N 206 
PHE CB  HB2  sing N N 207 
PHE CB  HB3  sing N N 208 
PHE CG  CD1  doub Y N 209 
PHE CG  CD2  sing Y N 210 
PHE CD1 CE1  sing Y N 211 
PHE CD1 HD1  sing N N 212 
PHE CD2 CE2  doub Y N 213 
PHE CD2 HD2  sing N N 214 
PHE CE1 CZ   doub Y N 215 
PHE CE1 HE1  sing N N 216 
PHE CE2 CZ   sing Y N 217 
PHE CE2 HE2  sing N N 218 
PHE CZ  HZ   sing N N 219 
PHE OXT HXT  sing N N 220 
PRO N   CA   sing N N 221 
PRO N   CD   sing N N 222 
PRO N   H    sing N N 223 
PRO CA  C    sing N N 224 
PRO CA  CB   sing N N 225 
PRO CA  HA   sing N N 226 
PRO C   O    doub N N 227 
PRO C   OXT  sing N N 228 
PRO CB  CG   sing N N 229 
PRO CB  HB2  sing N N 230 
PRO CB  HB3  sing N N 231 
PRO CG  CD   sing N N 232 
PRO CG  HG2  sing N N 233 
PRO CG  HG3  sing N N 234 
PRO CD  HD2  sing N N 235 
PRO CD  HD3  sing N N 236 
PRO OXT HXT  sing N N 237 
SER N   CA   sing N N 238 
SER N   H    sing N N 239 
SER N   H2   sing N N 240 
SER CA  C    sing N N 241 
SER CA  CB   sing N N 242 
SER CA  HA   sing N N 243 
SER C   O    doub N N 244 
SER C   OXT  sing N N 245 
SER CB  OG   sing N N 246 
SER CB  HB2  sing N N 247 
SER CB  HB3  sing N N 248 
SER OG  HG   sing N N 249 
SER OXT HXT  sing N N 250 
THR N   CA   sing N N 251 
THR N   H    sing N N 252 
THR N   H2   sing N N 253 
THR CA  C    sing N N 254 
THR CA  CB   sing N N 255 
THR CA  HA   sing N N 256 
THR C   O    doub N N 257 
THR C   OXT  sing N N 258 
THR CB  OG1  sing N N 259 
THR CB  CG2  sing N N 260 
THR CB  HB   sing N N 261 
THR OG1 HG1  sing N N 262 
THR CG2 HG21 sing N N 263 
THR CG2 HG22 sing N N 264 
THR CG2 HG23 sing N N 265 
THR OXT HXT  sing N N 266 
TRP N   CA   sing N N 267 
TRP N   H    sing N N 268 
TRP N   H2   sing N N 269 
TRP CA  C    sing N N 270 
TRP CA  CB   sing N N 271 
TRP CA  HA   sing N N 272 
TRP C   O    doub N N 273 
TRP C   OXT  sing N N 274 
TRP CB  CG   sing N N 275 
TRP CB  HB2  sing N N 276 
TRP CB  HB3  sing N N 277 
TRP CG  CD1  doub Y N 278 
TRP CG  CD2  sing Y N 279 
TRP CD1 NE1  sing Y N 280 
TRP CD1 HD1  sing N N 281 
TRP CD2 CE2  doub Y N 282 
TRP CD2 CE3  sing Y N 283 
TRP NE1 CE2  sing Y N 284 
TRP NE1 HE1  sing N N 285 
TRP CE2 CZ2  sing Y N 286 
TRP CE3 CZ3  doub Y N 287 
TRP CE3 HE3  sing N N 288 
TRP CZ2 CH2  doub Y N 289 
TRP CZ2 HZ2  sing N N 290 
TRP CZ3 CH2  sing Y N 291 
TRP CZ3 HZ3  sing N N 292 
TRP CH2 HH2  sing N N 293 
TRP OXT HXT  sing N N 294 
TYR N   CA   sing N N 295 
TYR N   H    sing N N 296 
TYR N   H2   sing N N 297 
TYR CA  C    sing N N 298 
TYR CA  CB   sing N N 299 
TYR CA  HA   sing N N 300 
TYR C   O    doub N N 301 
TYR C   OXT  sing N N 302 
TYR CB  CG   sing N N 303 
TYR CB  HB2  sing N N 304 
TYR CB  HB3  sing N N 305 
TYR CG  CD1  doub Y N 306 
TYR CG  CD2  sing Y N 307 
TYR CD1 CE1  sing Y N 308 
TYR CD1 HD1  sing N N 309 
TYR CD2 CE2  doub Y N 310 
TYR CD2 HD2  sing N N 311 
TYR CE1 CZ   doub Y N 312 
TYR CE1 HE1  sing N N 313 
TYR CE2 CZ   sing Y N 314 
TYR CE2 HE2  sing N N 315 
TYR CZ  OH   sing N N 316 
TYR OH  HH   sing N N 317 
TYR OXT HXT  sing N N 318 
VAL N   CA   sing N N 319 
VAL N   H    sing N N 320 
VAL N   H2   sing N N 321 
VAL CA  C    sing N N 322 
VAL CA  CB   sing N N 323 
VAL CA  HA   sing N N 324 
VAL C   O    doub N N 325 
VAL C   OXT  sing N N 326 
VAL CB  CG1  sing N N 327 
VAL CB  CG2  sing N N 328 
VAL CB  HB   sing N N 329 
VAL CG1 HG11 sing N N 330 
VAL CG1 HG12 sing N N 331 
VAL CG1 HG13 sing N N 332 
VAL CG2 HG21 sing N N 333 
VAL CG2 HG22 sing N N 334 
VAL CG2 HG23 sing N N 335 
VAL OXT HXT  sing N N 336 
# 
_atom_sites.entry_id                    1TGX 
_atom_sites.fract_transf_matrix[1][1]   -0.01320379 
_atom_sites.fract_transf_matrix[1][2]   -0.00352989 
_atom_sites.fract_transf_matrix[1][3]   -0.00412388 
_atom_sites.fract_transf_matrix[2][1]   -0.00537225 
_atom_sites.fract_transf_matrix[2][2]   0.02376286 
_atom_sites.fract_transf_matrix[2][3]   -0.00313933 
_atom_sites.fract_transf_matrix[3][1]   -0.00288902 
_atom_sites.fract_transf_matrix[3][2]   -0.00323902 
_atom_sites.fract_transf_matrix[3][3]   -0.01957357 
_atom_sites.fract_transf_vector[1]      0.425734 
_atom_sites.fract_transf_vector[2]      0.216448 
_atom_sites.fract_transf_vector[3]      0.252507 
# 
loop_
_atom_sites_footnote.id 
_atom_sites_footnote.text 
1 'CIS PROLINE - PRO A     9'                                      
2 'CIS PROLINE - PRO B     9'                                      
3 'CIS PROLINE - PRO C     9'                                      
4 'SOLVENT MOLECULE IN SPECIAL POSITION ON CRYSTAL TWO-FOLD AXIS.' 
# 
loop_
_atom_type.symbol 
C  
CL 
N  
O  
S  
# 
loop_
_atom_site.group_PDB 
_atom_site.id 
_atom_site.type_symbol 
_atom_site.label_atom_id 
_atom_site.label_alt_id 
_atom_site.label_comp_id 
_atom_site.label_asym_id 
_atom_site.label_entity_id 
_atom_site.label_seq_id 
_atom_site.pdbx_PDB_ins_code 
_atom_site.Cartn_x 
_atom_site.Cartn_y 
_atom_site.Cartn_z 
_atom_site.occupancy 
_atom_site.B_iso_or_equiv 
_atom_site.pdbx_formal_charge 
_atom_site.auth_seq_id 
_atom_site.auth_comp_id 
_atom_site.auth_asym_id 
_atom_site.auth_atom_id 
_atom_site.pdbx_PDB_model_num 
ATOM   1    N  N   . LEU A 1 1  ? -1.744  11.106  -13.941 1.00 11.50 ? 1   LEU A N   1 
ATOM   2    C  CA  . LEU A 1 1  ? -1.526  10.507  -12.624 1.00 4.87  ? 1   LEU A CA  1 
ATOM   3    C  C   . LEU A 1 1  ? -1.693  11.549  -11.512 1.00 9.60  ? 1   LEU A C   1 
ATOM   4    O  O   . LEU A 1 1  ? -1.138  12.653  -11.598 1.00 11.46 ? 1   LEU A O   1 
ATOM   5    C  CB  . LEU A 1 1  ? -0.139  9.839   -12.572 1.00 6.49  ? 1   LEU A CB  1 
ATOM   6    C  CG  . LEU A 1 1  ? 0.289   9.186   -11.263 1.00 9.16  ? 1   LEU A CG  1 
ATOM   7    C  CD1 . LEU A 1 1  ? -0.517  7.922   -10.968 1.00 13.77 ? 1   LEU A CD1 1 
ATOM   8    C  CD2 . LEU A 1 1  ? 1.764   8.800   -11.325 1.00 11.24 ? 1   LEU A CD2 1 
ATOM   9    N  N   . LYS A 1 2  ? -2.442  11.148  -10.507 1.00 11.60 ? 2   LYS A N   1 
ATOM   10   C  CA  . LYS A 1 2  ? -2.708  11.945  -9.303  1.00 9.19  ? 2   LYS A CA  1 
ATOM   11   C  C   . LYS A 1 2  ? -2.041  11.268  -8.107  1.00 8.73  ? 2   LYS A C   1 
ATOM   12   O  O   . LYS A 1 2  ? -2.206  10.037  -8.021  1.00 13.31 ? 2   LYS A O   1 
ATOM   13   C  CB  . LYS A 1 2  ? -4.203  12.001  -9.030  1.00 10.75 ? 2   LYS A CB  1 
ATOM   14   C  CG  . LYS A 1 2  ? -4.979  12.903  -9.986  1.00 16.16 ? 2   LYS A CG  1 
ATOM   15   C  CD  . LYS A 1 2  ? -6.455  12.659  -9.707  1.00 20.18 ? 2   LYS A CD  1 
ATOM   16   C  CE  . LYS A 1 2  ? -7.312  13.476  -10.652 1.00 34.08 ? 2   LYS A CE  1 
ATOM   17   N  NZ  . LYS A 1 2  ? -8.719  13.022  -10.524 1.00 32.42 ? 2   LYS A NZ  1 
ATOM   18   N  N   . CYS A 1 3  ? -1.366  11.964  -7.207  1.00 7.08  ? 3   CYS A N   1 
ATOM   19   C  CA  . CYS A 1 3  ? -0.726  11.357  -6.027  1.00 10.06 ? 3   CYS A CA  1 
ATOM   20   C  C   . CYS A 1 3  ? -1.106  12.065  -4.725  1.00 16.84 ? 3   CYS A C   1 
ATOM   21   O  O   . CYS A 1 3  ? -1.463  13.254  -4.758  1.00 11.72 ? 3   CYS A O   1 
ATOM   22   C  CB  . CYS A 1 3  ? 0.799   11.363  -6.152  1.00 8.92  ? 3   CYS A CB  1 
ATOM   23   S  SG  . CYS A 1 3  ? 1.422   10.414  -7.551  1.00 11.20 ? 3   CYS A SG  1 
ATOM   24   N  N   . ASN A 1 4  ? -1.028  11.393  -3.590  1.00 15.95 ? 4   ASN A N   1 
ATOM   25   C  CA  . ASN A 1 4  ? -1.309  11.988  -2.266  1.00 11.41 ? 4   ASN A CA  1 
ATOM   26   C  C   . ASN A 1 4  ? -0.125  12.879  -1.850  1.00 10.40 ? 4   ASN A C   1 
ATOM   27   O  O   . ASN A 1 4  ? 1.016   12.627  -2.284  1.00 13.51 ? 4   ASN A O   1 
ATOM   28   C  CB  . ASN A 1 4  ? -1.598  10.916  -1.214  1.00 10.37 ? 4   ASN A CB  1 
ATOM   29   C  CG  . ASN A 1 4  ? -2.877  10.131  -1.405  1.00 9.62  ? 4   ASN A CG  1 
ATOM   30   O  OD1 . ASN A 1 4  ? -4.007  10.765  -1.725  1.00 13.73 ? 4   ASN A OD1 1 
ATOM   31   N  ND2 . ASN A 1 4  ? -2.947  8.893   -1.300  1.00 17.33 ? 4   ASN A ND2 1 
ATOM   32   N  N   . GLN A 1 5  ? -0.367  13.890  -1.031  1.00 10.35 ? 5   GLN A N   1 
ATOM   33   C  CA  . GLN A 1 5  ? 0.678   14.810  -0.528  1.00 14.20 ? 5   GLN A CA  1 
ATOM   34   C  C   . GLN A 1 5  ? 0.365   15.224  0.914   1.00 13.52 ? 5   GLN A C   1 
ATOM   35   O  O   . GLN A 1 5  ? -0.785  15.048  1.348   1.00 12.67 ? 5   GLN A O   1 
ATOM   36   C  CB  . GLN A 1 5  ? 0.861   16.055  -1.402  1.00 16.26 ? 5   GLN A CB  1 
ATOM   37   C  CG  . GLN A 1 5  ? -0.315  17.011  -1.480  1.00 13.83 ? 5   GLN A CG  1 
ATOM   38   C  CD  . GLN A 1 5  ? -0.204  18.255  -2.314  1.00 23.12 ? 5   GLN A CD  1 
ATOM   39   O  OE1 . GLN A 1 5  ? 0.681   18.438  -3.149  1.00 26.04 ? 5   GLN A OE1 1 
ATOM   40   N  NE2 . GLN A 1 5  ? -1.095  19.238  -2.147  1.00 23.83 ? 5   GLN A NE2 1 
ATOM   41   N  N   . LEU A 1 6  ? 1.286   15.872  1.611   1.00 15.88 ? 6   LEU A N   1 
ATOM   42   C  CA  . LEU A 1 6  ? 1.095   16.298  3.003   1.00 16.64 ? 6   LEU A CA  1 
ATOM   43   C  C   . LEU A 1 6  ? 0.286   17.571  3.237   1.00 18.63 ? 6   LEU A C   1 
ATOM   44   O  O   . LEU A 1 6  ? -0.378  17.716  4.280   1.00 21.77 ? 6   LEU A O   1 
ATOM   45   C  CB  . LEU A 1 6  ? 2.473   16.425  3.682   1.00 16.06 ? 6   LEU A CB  1 
ATOM   46   C  CG  . LEU A 1 6  ? 3.444   15.258  3.644   1.00 25.26 ? 6   LEU A CG  1 
ATOM   47   C  CD1 . LEU A 1 6  ? 4.835   15.707  4.081   1.00 37.30 ? 6   LEU A CD1 1 
ATOM   48   C  CD2 . LEU A 1 6  ? 2.928   14.123  4.528   1.00 23.74 ? 6   LEU A CD2 1 
ATOM   49   N  N   . ILE A 1 7  ? 0.312   18.490  2.301   1.00 15.93 ? 7   ILE A N   1 
ATOM   50   C  CA  . ILE A 1 7  ? -0.384  19.784  2.341   1.00 19.28 ? 7   ILE A CA  1 
ATOM   51   C  C   . ILE A 1 7  ? -1.820  19.731  1.845   1.00 15.90 ? 7   ILE A C   1 
ATOM   52   O  O   . ILE A 1 7  ? -2.047  19.053  0.818   1.00 13.88 ? 7   ILE A O   1 
ATOM   53   C  CB  . ILE A 1 7  ? 0.529   20.755  1.465   1.00 22.72 ? 7   ILE A CB  1 
ATOM   54   C  CG1 . ILE A 1 7  ? 1.950   20.956  2.071   1.00 25.74 ? 7   ILE A CG1 1 
ATOM   55   C  CG2 . ILE A 1 7  ? -0.102  22.146  1.166   1.00 33.52 ? 7   ILE A CG2 1 
ATOM   56   C  CD1 . ILE A 1 7  ? 1.969   21.580  3.494   1.00 28.96 ? 7   ILE A CD1 1 
ATOM   57   N  N   . PRO A 1 8  ? -2.795  20.426  2.419   1.00 14.27 ? 8   PRO A N   1 
ATOM   58   C  CA  . PRO A 1 8  ? -4.164  20.520  1.864   1.00 15.42 ? 8   PRO A CA  1 
ATOM   59   C  C   . PRO A 1 8  ? -4.130  20.988  0.399   1.00 13.30 ? 8   PRO A C   1 
ATOM   60   O  O   . PRO A 1 8  ? -3.276  21.823  0.025   1.00 17.05 ? 8   PRO A O   1 
ATOM   61   C  CB  . PRO A 1 8  ? -4.875  21.515  2.783   1.00 16.71 ? 8   PRO A CB  1 
ATOM   62   C  CG  . PRO A 1 8  ? -4.144  21.358  4.093   1.00 15.03 ? 8   PRO A CG  1 
ATOM   63   C  CD  . PRO A 1 8  ? -2.675  21.188  3.676   1.00 22.59 ? 8   PRO A CD  1 
ATOM   64   N  N   . PRO A 1 9  ? -4.969  20.491  -0.506  1.00 14.86 ? 9   PRO A N   1 
ATOM   65   C  CA  . PRO A 1 9  ? -6.044  19.527  -0.274  1.00 14.41 ? 9   PRO A CA  1 
ATOM   66   C  C   . PRO A 1 9  ? -5.670  18.063  -0.179  1.00 17.01 ? 9   PRO A C   1 
ATOM   67   O  O   . PRO A 1 9  ? -6.549  17.187  -0.327  1.00 16.57 ? 9   PRO A O   1 
ATOM   68   C  CB  . PRO A 1 9  ? -7.004  19.808  -1.450  1.00 24.21 ? 9   PRO A CB  1 
ATOM   69   C  CG  . PRO A 1 9  ? -6.023  20.008  -2.582  1.00 16.06 ? 9   PRO A CG  1 
ATOM   70   C  CD  . PRO A 1 9  ? -4.948  20.881  -1.932  1.00 21.60 ? 9   PRO A CD  1 
ATOM   71   N  N   . PHE A 1 10 ? -4.416  17.722  0.042   1.00 13.24 ? 10  PHE A N   1 
ATOM   72   C  CA  . PHE A 1 10 ? -3.898  16.357  0.225   1.00 18.76 ? 10  PHE A CA  1 
ATOM   73   C  C   . PHE A 1 10 ? -3.709  15.529  -1.048  1.00 17.46 ? 10  PHE A C   1 
ATOM   74   O  O   . PHE A 1 10 ? -3.401  14.320  -0.940  1.00 13.52 ? 10  PHE A O   1 
ATOM   75   C  CB  . PHE A 1 10 ? -4.682  15.607  1.324   1.00 20.51 ? 10  PHE A CB  1 
ATOM   76   C  CG  . PHE A 1 10 ? -4.811  16.321  2.645   1.00 15.29 ? 10  PHE A CG  1 
ATOM   77   C  CD1 . PHE A 1 10 ? -3.688  16.641  3.408   1.00 20.90 ? 10  PHE A CD1 1 
ATOM   78   C  CD2 . PHE A 1 10 ? -6.070  16.699  3.127   1.00 24.67 ? 10  PHE A CD2 1 
ATOM   79   C  CE1 . PHE A 1 10 ? -3.812  17.318  4.619   1.00 22.73 ? 10  PHE A CE1 1 
ATOM   80   C  CE2 . PHE A 1 10 ? -6.213  17.360  4.339   1.00 21.25 ? 10  PHE A CE2 1 
ATOM   81   C  CZ  . PHE A 1 10 ? -5.084  17.676  5.090   1.00 16.02 ? 10  PHE A CZ  1 
ATOM   82   N  N   . TRP A 1 11 ? -3.803  16.087  -2.243  1.00 14.32 ? 11  TRP A N   1 
ATOM   83   C  CA  . TRP A 1 11 ? -3.512  15.386  -3.506  1.00 16.99 ? 11  TRP A CA  1 
ATOM   84   C  C   . TRP A 1 11 ? -2.966  16.386  -4.536  1.00 22.98 ? 11  TRP A C   1 
ATOM   85   O  O   . TRP A 1 11 ? -3.240  17.586  -4.339  1.00 16.00 ? 11  TRP A O   1 
ATOM   86   C  CB  . TRP A 1 11 ? -4.717  14.620  -4.070  1.00 13.94 ? 11  TRP A CB  1 
ATOM   87   C  CG  . TRP A 1 11 ? -5.876  15.467  -4.480  1.00 17.13 ? 11  TRP A CG  1 
ATOM   88   C  CD1 . TRP A 1 11 ? -6.835  15.959  -3.641  1.00 22.43 ? 11  TRP A CD1 1 
ATOM   89   C  CD2 . TRP A 1 11 ? -6.104  15.984  -5.795  1.00 19.28 ? 11  TRP A CD2 1 
ATOM   90   N  NE1 . TRP A 1 11 ? -7.692  16.744  -4.367  1.00 27.39 ? 11  TRP A NE1 1 
ATOM   91   C  CE2 . TRP A 1 11 ? -7.256  16.781  -5.660  1.00 23.66 ? 11  TRP A CE2 1 
ATOM   92   C  CE3 . TRP A 1 11 ? -5.478  15.834  -7.025  1.00 29.57 ? 11  TRP A CE3 1 
ATOM   93   C  CZ2 . TRP A 1 11 ? -7.803  17.418  -6.761  1.00 24.10 ? 11  TRP A CZ2 1 
ATOM   94   C  CZ3 . TRP A 1 11 ? -6.020  16.488  -8.116  1.00 31.44 ? 11  TRP A CZ3 1 
ATOM   95   C  CH2 . TRP A 1 11 ? -7.166  17.268  -7.984  1.00 31.18 ? 11  TRP A CH2 1 
ATOM   96   N  N   . LYS A 1 12 ? -2.300  16.004  -5.606  1.00 11.57 ? 12  LYS A N   1 
ATOM   97   C  CA  . LYS A 1 12 ? -1.866  16.912  -6.686  1.00 11.88 ? 12  LYS A CA  1 
ATOM   98   C  C   . LYS A 1 12 ? -1.818  16.158  -8.021  1.00 19.60 ? 12  LYS A C   1 
ATOM   99   O  O   . LYS A 1 12 ? -1.727  14.912  -7.998  1.00 14.18 ? 12  LYS A O   1 
ATOM   100  C  CB  . LYS A 1 12 ? -0.513  17.574  -6.409  1.00 20.03 ? 12  LYS A CB  1 
ATOM   101  C  CG  . LYS A 1 12 ? 0.755   16.729  -6.442  1.00 22.01 ? 12  LYS A CG  1 
ATOM   102  C  CD  . LYS A 1 12 ? 2.102   17.377  -6.110  1.00 33.38 ? 12  LYS A CD  1 
ATOM   103  C  CE  . LYS A 1 12 ? 3.175   16.314  -6.008  1.00 83.34 ? 12  LYS A CE  1 
ATOM   104  N  NZ  . LYS A 1 12 ? 4.567   16.608  -5.624  1.00 42.09 ? 12  LYS A NZ  1 
ATOM   105  N  N   . THR A 1 13 ? -1.884  16.810  -9.170  1.00 17.37 ? 13  THR A N   1 
ATOM   106  C  CA  . THR A 1 13 ? -1.685  16.155  -10.469 1.00 11.38 ? 13  THR A CA  1 
ATOM   107  C  C   . THR A 1 13 ? -0.182  16.176  -10.775 1.00 16.51 ? 13  THR A C   1 
ATOM   108  O  O   . THR A 1 13 ? 0.393   17.281  -10.699 1.00 14.37 ? 13  THR A O   1 
ATOM   109  C  CB  . THR A 1 13 ? -2.442  16.926  -11.604 1.00 11.50 ? 13  THR A CB  1 
ATOM   110  O  OG1 . THR A 1 13 ? -3.840  16.898  -11.184 1.00 16.34 ? 13  THR A OG1 1 
ATOM   111  C  CG2 . THR A 1 13 ? -2.269  16.302  -12.990 1.00 13.73 ? 13  THR A CG2 1 
ATOM   112  N  N   . CYS A 1 14 ? 0.453   15.084  -11.146 1.00 11.30 ? 14  CYS A N   1 
ATOM   113  C  CA  . CYS A 1 14 ? 1.894   15.080  -11.457 1.00 12.42 ? 14  CYS A CA  1 
ATOM   114  C  C   . CYS A 1 14 ? 2.242   15.753  -12.778 1.00 16.78 ? 14  CYS A C   1 
ATOM   115  O  O   . CYS A 1 14 ? 1.488   15.599  -13.755 1.00 13.70 ? 14  CYS A O   1 
ATOM   116  C  CB  . CYS A 1 14 ? 2.384   13.625  -11.495 1.00 12.90 ? 14  CYS A CB  1 
ATOM   117  S  SG  . CYS A 1 14 ? 2.197   12.642  -10.000 1.00 12.39 ? 14  CYS A SG  1 
ATOM   118  N  N   . PRO A 1 15 ? 3.348   16.474  -12.865 1.00 12.61 ? 15  PRO A N   1 
ATOM   119  C  CA  . PRO A 1 15 ? 3.803   17.082  -14.124 1.00 18.10 ? 15  PRO A CA  1 
ATOM   120  C  C   . PRO A 1 15 ? 4.456   16.042  -15.043 1.00 18.25 ? 15  PRO A C   1 
ATOM   121  O  O   . PRO A 1 15 ? 4.732   14.890  -14.663 1.00 18.68 ? 15  PRO A O   1 
ATOM   122  C  CB  . PRO A 1 15 ? 4.779   18.159  -13.656 1.00 22.50 ? 15  PRO A CB  1 
ATOM   123  C  CG  . PRO A 1 15 ? 5.448   17.492  -12.471 1.00 19.31 ? 15  PRO A CG  1 
ATOM   124  C  CD  . PRO A 1 15 ? 4.271   16.812  -11.767 1.00 19.14 ? 15  PRO A CD  1 
ATOM   125  N  N   . LYS A 1 16 ? 4.725   16.493  -16.252 1.00 23.76 ? 16  LYS A N   1 
ATOM   126  C  CA  . LYS A 1 16 ? 5.339   15.673  -17.300 1.00 26.31 ? 16  LYS A CA  1 
ATOM   127  C  C   . LYS A 1 16 ? 6.654   15.057  -16.843 1.00 18.61 ? 16  LYS A C   1 
ATOM   128  O  O   . LYS A 1 16 ? 7.493   15.803  -16.305 1.00 21.96 ? 16  LYS A O   1 
ATOM   129  C  CB  . LYS A 1 16 ? 5.533   16.525  -18.556 1.00 30.98 ? 16  LYS A CB  1 
ATOM   130  C  CG  . LYS A 1 16 ? 6.086   15.845  -19.804 1.00 33.51 ? 16  LYS A CG  1 
ATOM   131  C  CD  . LYS A 1 16 ? 5.257   14.662  -20.284 1.00 30.94 ? 16  LYS A CD  1 
ATOM   132  C  CE  . LYS A 1 16 ? 5.777   14.016  -21.536 1.00 45.19 ? 16  LYS A CE  1 
ATOM   133  N  NZ  . LYS A 1 16 ? 7.212   13.661  -21.460 1.00 26.91 ? 16  LYS A NZ  1 
ATOM   134  N  N   . GLY A 1 17 ? 6.855   13.761  -16.991 1.00 17.51 ? 17  GLY A N   1 
ATOM   135  C  CA  . GLY A 1 17 ? 8.117   13.137  -16.590 1.00 16.07 ? 17  GLY A CA  1 
ATOM   136  C  C   . GLY A 1 17 ? 8.105   12.487  -15.220 1.00 16.58 ? 17  GLY A C   1 
ATOM   137  O  O   . GLY A 1 17 ? 9.083   11.786  -14.884 1.00 17.54 ? 17  GLY A O   1 
ATOM   138  N  N   . LYS A 1 18 ? 7.104   12.694  -14.391 1.00 18.95 ? 18  LYS A N   1 
ATOM   139  C  CA  . LYS A 1 18 ? 7.035   12.011  -13.076 1.00 15.37 ? 18  LYS A CA  1 
ATOM   140  C  C   . LYS A 1 18 ? 5.934   10.972  -13.245 1.00 13.13 ? 18  LYS A C   1 
ATOM   141  O  O   . LYS A 1 18 ? 4.746   11.348  -13.302 1.00 16.84 ? 18  LYS A O   1 
ATOM   142  C  CB  . LYS A 1 18 ? 6.794   13.011  -11.960 1.00 17.65 ? 18  LYS A CB  1 
ATOM   143  C  CG  . LYS A 1 18 ? 7.985   13.967  -11.804 1.00 21.61 ? 18  LYS A CG  1 
ATOM   144  C  CD  . LYS A 1 18 ? 7.836   14.875  -10.599 1.00 22.68 ? 18  LYS A CD  1 
ATOM   145  C  CE  . LYS A 1 18 ? 8.989   15.855  -10.478 1.00 26.89 ? 18  LYS A CE  1 
ATOM   146  N  NZ  . LYS A 1 18 ? 8.857   16.574  -9.186  1.00 34.70 ? 18  LYS A NZ  1 
ATOM   147  N  N   . ASN A 1 19 ? 6.256   9.698   -13.396 1.00 16.02 ? 19  ASN A N   1 
ATOM   148  C  CA  . ASN A 1 19 ? 5.213   8.684   -13.669 1.00 15.04 ? 19  ASN A CA  1 
ATOM   149  C  C   . ASN A 1 19 ? 4.945   7.734   -12.507 1.00 12.20 ? 19  ASN A C   1 
ATOM   150  O  O   . ASN A 1 19 ? 4.316   6.675   -12.694 1.00 12.16 ? 19  ASN A O   1 
ATOM   151  C  CB  . ASN A 1 19 ? 5.590   7.995   -14.988 1.00 14.94 ? 19  ASN A CB  1 
ATOM   152  C  CG  . ASN A 1 19 ? 5.621   8.904   -16.204 1.00 20.07 ? 19  ASN A CG  1 
ATOM   153  O  OD1 . ASN A 1 19 ? 6.799   9.228   -16.741 1.00 25.31 ? 19  ASN A OD1 1 
ATOM   154  N  ND2 . ASN A 1 19 ? 4.580   9.362   -16.704 1.00 18.30 ? 19  ASN A ND2 1 
ATOM   155  N  N   . LEU A 1 20 ? 5.419   8.072   -11.317 1.00 9.37  ? 20  LEU A N   1 
ATOM   156  C  CA  . LEU A 1 20 ? 5.246   7.287   -10.093 1.00 14.13 ? 20  LEU A CA  1 
ATOM   157  C  C   . LEU A 1 20 ? 4.842   8.142   -8.884  1.00 9.74  ? 20  LEU A C   1 
ATOM   158  O  O   . LEU A 1 20 ? 5.184   9.330   -8.827  1.00 10.93 ? 20  LEU A O   1 
ATOM   159  C  CB  . LEU A 1 20 ? 6.549   6.553   -9.716  1.00 19.09 ? 20  LEU A CB  1 
ATOM   160  C  CG  . LEU A 1 20 ? 7.150   5.518   -10.650 1.00 15.78 ? 20  LEU A CG  1 
ATOM   161  C  CD1 . LEU A 1 20 ? 8.589   5.223   -10.233 1.00 15.84 ? 20  LEU A CD1 1 
ATOM   162  C  CD2 . LEU A 1 20 ? 6.279   4.261   -10.654 1.00 15.86 ? 20  LEU A CD2 1 
ATOM   163  N  N   . CYS A 1 21 ? 4.140   7.526   -7.952  1.00 8.70  ? 21  CYS A N   1 
ATOM   164  C  CA  . CYS A 1 21 ? 3.769   8.086   -6.644  1.00 9.67  ? 21  CYS A CA  1 
ATOM   165  C  C   . CYS A 1 21 ? 4.701   7.459   -5.597  1.00 15.29 ? 21  CYS A C   1 
ATOM   166  O  O   . CYS A 1 21 ? 5.104   6.297   -5.811  1.00 11.18 ? 21  CYS A O   1 
ATOM   167  C  CB  . CYS A 1 21 ? 2.330   7.803   -6.241  1.00 11.80 ? 21  CYS A CB  1 
ATOM   168  S  SG  . CYS A 1 21 ? 0.970   8.462   -7.225  1.00 11.54 ? 21  CYS A SG  1 
ATOM   169  N  N   . TYR A 1 22 ? 5.059   8.128   -4.508  1.00 11.78 ? 22  TYR A N   1 
ATOM   170  C  CA  . TYR A 1 22 ? 5.915   7.567   -3.449  1.00 11.75 ? 22  TYR A CA  1 
ATOM   171  C  C   . TYR A 1 22 ? 5.556   8.098   -2.044  1.00 14.68 ? 22  TYR A C   1 
ATOM   172  O  O   . TYR A 1 22 ? 4.937   9.165   -1.900  1.00 12.18 ? 22  TYR A O   1 
ATOM   173  C  CB  . TYR A 1 22 ? 7.424   7.803   -3.741  1.00 13.25 ? 22  TYR A CB  1 
ATOM   174  C  CG  . TYR A 1 22 ? 7.967   9.183   -3.419  1.00 13.74 ? 22  TYR A CG  1 
ATOM   175  C  CD1 . TYR A 1 22 ? 7.503   10.313  -4.091  1.00 17.33 ? 22  TYR A CD1 1 
ATOM   176  C  CD2 . TYR A 1 22 ? 8.829   9.348   -2.330  1.00 22.83 ? 22  TYR A CD2 1 
ATOM   177  C  CE1 . TYR A 1 22 ? 7.939   11.586  -3.747  1.00 15.07 ? 22  TYR A CE1 1 
ATOM   178  C  CE2 . TYR A 1 22 ? 9.276   10.619  -1.984  1.00 25.03 ? 22  TYR A CE2 1 
ATOM   179  C  CZ  . TYR A 1 22 ? 8.825   11.731  -2.693  1.00 22.84 ? 22  TYR A CZ  1 
ATOM   180  O  OH  . TYR A 1 22 ? 9.257   12.981  -2.343  1.00 28.87 ? 22  TYR A OH  1 
ATOM   181  N  N   . LYS A 1 23 ? 6.076   7.374   -1.070  1.00 15.56 ? 23  LYS A N   1 
ATOM   182  C  CA  . LYS A 1 23 ? 5.986   7.680   0.366   1.00 12.81 ? 23  LYS A CA  1 
ATOM   183  C  C   . LYS A 1 23 ? 7.321   7.367   1.053   1.00 13.41 ? 23  LYS A C   1 
ATOM   184  O  O   . LYS A 1 23 ? 7.901   6.303   0.769   1.00 13.45 ? 23  LYS A O   1 
ATOM   185  C  CB  . LYS A 1 23 ? 4.854   6.896   1.011   1.00 14.55 ? 23  LYS A CB  1 
ATOM   186  C  CG  . LYS A 1 23 ? 4.674   7.131   2.521   1.00 24.11 ? 23  LYS A CG  1 
ATOM   187  C  CD  . LYS A 1 23 ? 3.491   6.434   3.155   1.00 22.22 ? 23  LYS A CD  1 
ATOM   188  C  CE  . LYS A 1 23 ? 3.586   4.918   3.104   1.00 33.40 ? 23  LYS A CE  1 
ATOM   189  N  NZ  . LYS A 1 23 ? 2.312   4.319   3.541   1.00 44.95 ? 23  LYS A NZ  1 
ATOM   190  N  N   . MET A 1 24 ? 7.805   8.200   1.962   1.00 13.61 ? 24  MET A N   1 
ATOM   191  C  CA  . MET A 1 24 ? 9.051   8.000   2.725   1.00 14.98 ? 24  MET A CA  1 
ATOM   192  C  C   . MET A 1 24 ? 8.727   7.945   4.229   1.00 13.61 ? 24  MET A C   1 
ATOM   193  O  O   . MET A 1 24 ? 8.029   8.870   4.683   1.00 15.91 ? 24  MET A O   1 
ATOM   194  C  CB  . MET A 1 24 ? 10.068  9.100   2.407   1.00 14.94 ? 24  MET A CB  1 
ATOM   195  C  CG  . MET A 1 24 ? 11.365  9.098   3.186   1.00 19.95 ? 24  MET A CG  1 
ATOM   196  S  SD  . MET A 1 24 ? 12.378  10.566  2.807   1.00 28.66 ? 24  MET A SD  1 
ATOM   197  C  CE  . MET A 1 24 ? 13.674  10.502  4.052   1.00 40.00 ? 24  MET A CE  1 
ATOM   198  N  N   . THR A 1 25 ? 9.194   6.938   4.950   1.00 12.10 ? 25  THR A N   1 
ATOM   199  C  CA  . THR A 1 25 ? 9.035   6.793   6.405   1.00 12.47 ? 25  THR A CA  1 
ATOM   200  C  C   . THR A 1 25 ? 10.312  6.308   7.108   1.00 16.59 ? 25  THR A C   1 
ATOM   201  O  O   . THR A 1 25 ? 11.236  5.820   6.433   1.00 15.98 ? 25  THR A O   1 
ATOM   202  C  CB  . THR A 1 25 ? 7.912   5.776   6.863   1.00 14.39 ? 25  THR A CB  1 
ATOM   203  O  OG1 . THR A 1 25 ? 8.289   4.478   6.307   1.00 19.14 ? 25  THR A OG1 1 
ATOM   204  C  CG2 . THR A 1 25 ? 6.496   6.150   6.436   1.00 19.14 ? 25  THR A CG2 1 
ATOM   205  N  N   . MET A 1 26 ? 10.397  6.409   8.428   1.00 15.14 ? 26  MET A N   1 
ATOM   206  C  CA  . MET A 1 26 ? 11.514  5.886   9.226   1.00 16.86 ? 26  MET A CA  1 
ATOM   207  C  C   . MET A 1 26 ? 11.032  4.510   9.716   1.00 11.17 ? 26  MET A C   1 
ATOM   208  O  O   . MET A 1 26 ? 9.848   4.296   10.022  1.00 16.71 ? 26  MET A O   1 
ATOM   209  C  CB  . MET A 1 26 ? 11.903  6.785   10.393  1.00 15.84 ? 26  MET A CB  1 
ATOM   210  C  CG  . MET A 1 26 ? 13.066  6.301   11.213  1.00 15.93 ? 26  MET A CG  1 
ATOM   211  S  SD  . MET A 1 26 ? 13.380  7.239   12.749  1.00 18.92 ? 26  MET A SD  1 
ATOM   212  C  CE  . MET A 1 26 ? 14.561  8.396   12.029  1.00 36.52 ? 26  MET A CE  1 
ATOM   213  N  N   . ARG A 1 27 ? 11.960  3.576   9.752   1.00 15.16 ? 27  ARG A N   1 
ATOM   214  C  CA  . ARG A 1 27 ? 11.763  2.202   10.243  1.00 14.03 ? 27  ARG A CA  1 
ATOM   215  C  C   . ARG A 1 27 ? 11.163  2.273   11.651  1.00 21.13 ? 27  ARG A C   1 
ATOM   216  O  O   . ARG A 1 27 ? 11.669  3.048   12.478  1.00 19.00 ? 27  ARG A O   1 
ATOM   217  C  CB  . ARG A 1 27 ? 13.102  1.473   10.284  1.00 18.04 ? 27  ARG A CB  1 
ATOM   218  C  CG  . ARG A 1 27 ? 13.172  0.070   10.894  1.00 32.42 ? 27  ARG A CG  1 
ATOM   219  C  CD  . ARG A 1 27 ? 14.375  0.096   11.776  1.00 62.46 ? 27  ARG A CD  1 
ATOM   220  N  NE  . ARG A 1 27 ? 14.887  -1.113  12.360  1.00 63.80 ? 27  ARG A NE  1 
ATOM   221  C  CZ  . ARG A 1 27 ? 16.043  -1.183  13.021  1.00 32.47 ? 27  ARG A CZ  1 
ATOM   222  N  NH1 . ARG A 1 27 ? 16.769  -0.150  13.449  1.00 42.85 ? 27  ARG A NH1 1 
ATOM   223  N  NH2 . ARG A 1 27 ? 16.465  -2.392  13.392  1.00 47.53 ? 27  ARG A NH2 1 
ATOM   224  N  N   . ALA A 1 28 ? 10.128  1.504   11.912  1.00 19.71 ? 28  ALA A N   1 
ATOM   225  C  CA  . ALA A 1 28 ? 9.387   1.418   13.171  1.00 24.11 ? 28  ALA A CA  1 
ATOM   226  C  C   . ALA A 1 28 ? 8.518   2.640   13.481  1.00 31.65 ? 28  ALA A C   1 
ATOM   227  O  O   . ALA A 1 28 ? 7.949   2.778   14.586  1.00 26.51 ? 28  ALA A O   1 
ATOM   228  C  CB  . ALA A 1 28 ? 10.277  1.112   14.383  1.00 26.17 ? 28  ALA A CB  1 
ATOM   229  N  N   . ALA A 1 29 ? 8.335   3.530   12.519  1.00 21.37 ? 29  ALA A N   1 
ATOM   230  C  CA  . ALA A 1 29 ? 7.431   4.697   12.671  1.00 22.05 ? 29  ALA A CA  1 
ATOM   231  C  C   . ALA A 1 29 ? 6.575   4.879   11.415  1.00 18.94 ? 29  ALA A C   1 
ATOM   232  O  O   . ALA A 1 29 ? 6.541   5.975   10.806  1.00 17.35 ? 29  ALA A O   1 
ATOM   233  C  CB  . ALA A 1 29 ? 8.281   5.927   12.996  1.00 21.51 ? 29  ALA A CB  1 
ATOM   234  N  N   . PRO A 1 30 ? 5.826   3.864   10.995  1.00 17.61 ? 30  PRO A N   1 
ATOM   235  C  CA  . PRO A 1 30 ? 5.030   3.871   9.759   1.00 20.54 ? 30  PRO A CA  1 
ATOM   236  C  C   . PRO A 1 30 ? 3.868   4.835   9.727   1.00 22.84 ? 30  PRO A C   1 
ATOM   237  O  O   . PRO A 1 30 ? 3.385   5.175   8.633   1.00 19.80 ? 30  PRO A O   1 
ATOM   238  C  CB  . PRO A 1 30 ? 4.631   2.398   9.569   1.00 25.57 ? 30  PRO A CB  1 
ATOM   239  C  CG  . PRO A 1 30 ? 4.371   2.002   11.003  1.00 22.06 ? 30  PRO A CG  1 
ATOM   240  C  CD  . PRO A 1 30 ? 5.625   2.578   11.680  1.00 22.49 ? 30  PRO A CD  1 
ATOM   241  N  N   . MET A 1 31 ? 3.407   5.287   10.872  1.00 26.64 ? 31  MET A N   1 
ATOM   242  C  CA  . MET A 1 31 ? 2.296   6.244   10.987  1.00 20.31 ? 31  MET A CA  1 
ATOM   243  C  C   . MET A 1 31 ? 2.711   7.698   10.760  1.00 20.83 ? 31  MET A C   1 
ATOM   244  O  O   . MET A 1 31 ? 1.816   8.573   10.757  1.00 21.93 ? 31  MET A O   1 
ATOM   245  C  CB  . MET A 1 31 ? 1.625   6.020   12.335  1.00 29.35 ? 31  MET A CB  1 
ATOM   246  C  CG  . MET A 1 31 ? 2.339   6.398   13.590  1.00 23.74 ? 31  MET A CG  1 
ATOM   247  S  SD  . MET A 1 31 ? 3.793   5.435   14.109  1.00 34.66 ? 31  MET A SD  1 
ATOM   248  C  CE  . MET A 1 31 ? 3.830   6.093   15.793  1.00 55.53 ? 31  MET A CE  1 
ATOM   249  N  N   . VAL A 1 32 ? 3.975   8.063   10.605  1.00 19.22 ? 32  VAL A N   1 
ATOM   250  C  CA  . VAL A 1 32 ? 4.401   9.451   10.355  1.00 23.25 ? 32  VAL A CA  1 
ATOM   251  C  C   . VAL A 1 32 ? 5.135   9.569   9.019   1.00 17.56 ? 32  VAL A C   1 
ATOM   252  O  O   . VAL A 1 32 ? 6.390   9.545   8.990   1.00 22.59 ? 32  VAL A O   1 
ATOM   253  C  CB  . VAL A 1 32 ? 5.219   10.025  11.555  1.00 23.13 ? 32  VAL A CB  1 
ATOM   254  C  CG1 . VAL A 1 32 ? 5.758   11.446  11.356  1.00 24.13 ? 32  VAL A CG1 1 
ATOM   255  C  CG2 . VAL A 1 32 ? 4.419   10.042  12.846  1.00 29.30 ? 32  VAL A CG2 1 
ATOM   256  N  N   . PRO A 1 33 ? 4.510   9.707   7.864   1.00 24.83 ? 33  PRO A N   1 
ATOM   257  C  CA  . PRO A 1 33 ? 5.269   9.905   6.612   1.00 24.08 ? 33  PRO A CA  1 
ATOM   258  C  C   . PRO A 1 33 ? 5.955   11.274  6.584   1.00 18.05 ? 33  PRO A C   1 
ATOM   259  O  O   . PRO A 1 33 ? 5.314   12.294  6.914   1.00 19.21 ? 33  PRO A O   1 
ATOM   260  C  CB  . PRO A 1 33 ? 4.219   9.735   5.520   1.00 23.48 ? 33  PRO A CB  1 
ATOM   261  C  CG  . PRO A 1 33 ? 2.907   10.068  6.180   1.00 24.66 ? 33  PRO A CG  1 
ATOM   262  C  CD  . PRO A 1 33 ? 3.062   9.637   7.635   1.00 23.55 ? 33  PRO A CD  1 
ATOM   263  N  N   . VAL A 1 34 ? 7.231   11.324  6.220   1.00 14.95 ? 34  VAL A N   1 
ATOM   264  C  CA  . VAL A 1 34 ? 7.978   12.595  6.163   1.00 16.43 ? 34  VAL A CA  1 
ATOM   265  C  C   . VAL A 1 34 ? 8.038   13.186  4.758   1.00 15.30 ? 34  VAL A C   1 
ATOM   266  O  O   . VAL A 1 34 ? 8.397   14.370  4.639   1.00 17.34 ? 34  VAL A O   1 
ATOM   267  C  CB  . VAL A 1 34 ? 9.367   12.507  6.830   1.00 19.58 ? 34  VAL A CB  1 
ATOM   268  C  CG1 . VAL A 1 34 ? 9.178   12.074  8.281   1.00 21.91 ? 34  VAL A CG1 1 
ATOM   269  C  CG2 . VAL A 1 34 ? 10.370  11.605  6.135   1.00 21.38 ? 34  VAL A CG2 1 
ATOM   270  N  N   . LYS A 1 35 ? 7.744   12.430  3.725   1.00 13.66 ? 35  LYS A N   1 
ATOM   271  C  CA  . LYS A 1 35 ? 7.711   12.932  2.340   1.00 16.81 ? 35  LYS A CA  1 
ATOM   272  C  C   . LYS A 1 35 ? 6.625   12.134  1.616   1.00 23.33 ? 35  LYS A C   1 
ATOM   273  O  O   . LYS A 1 35 ? 6.504   10.925  1.893   1.00 13.61 ? 35  LYS A O   1 
ATOM   274  C  CB  . LYS A 1 35 ? 9.004   12.797  1.563   1.00 17.92 ? 35  LYS A CB  1 
ATOM   275  C  CG  . LYS A 1 35 ? 10.069  13.856  1.842   1.00 23.73 ? 35  LYS A CG  1 
ATOM   276  C  CD  . LYS A 1 35 ? 11.302  13.578  0.994   1.00 26.77 ? 35  LYS A CD  1 
ATOM   277  C  CE  . LYS A 1 35 ? 12.391  14.608  1.192   1.00 30.76 ? 35  LYS A CE  1 
ATOM   278  N  NZ  . LYS A 1 35 ? 12.011  15.926  0.629   1.00 45.34 ? 35  LYS A NZ  1 
ATOM   279  N  N   . ARG A 1 36 ? 5.866   12.746  0.726   1.00 16.95 ? 36  ARG A N   1 
ATOM   280  C  CA  . ARG A 1 36 ? 4.781   12.058  -0.012  1.00 14.42 ? 36  ARG A CA  1 
ATOM   281  C  C   . ARG A 1 36 ? 4.463   12.861  -1.267  1.00 15.96 ? 36  ARG A C   1 
ATOM   282  O  O   . ARG A 1 36 ? 4.149   14.063  -1.128  1.00 13.55 ? 36  ARG A O   1 
ATOM   283  C  CB  . ARG A 1 36 ? 3.589   11.941  0.933   1.00 15.66 ? 36  ARG A CB  1 
ATOM   284  C  CG  . ARG A 1 36 ? 2.663   10.743  0.823   1.00 15.22 ? 36  ARG A CG  1 
ATOM   285  C  CD  . ARG A 1 36 ? 1.530   10.914  1.780   1.00 19.60 ? 36  ARG A CD  1 
ATOM   286  N  NE  . ARG A 1 36 ? 0.697   9.732   1.878   1.00 15.78 ? 36  ARG A NE  1 
ATOM   287  C  CZ  . ARG A 1 36 ? -0.032  9.356   2.925   1.00 26.47 ? 36  ARG A CZ  1 
ATOM   288  N  NH1 . ARG A 1 36 ? -0.120  10.076  4.042   1.00 23.29 ? 36  ARG A NH1 1 
ATOM   289  N  NH2 . ARG A 1 36 ? -0.719  8.218   2.862   1.00 31.91 ? 36  ARG A NH2 1 
ATOM   290  N  N   . GLY A 1 37 ? 4.511   12.313  -2.477  1.00 12.53 ? 37  GLY A N   1 
ATOM   291  C  CA  . GLY A 1 37 ? 4.238   13.116  -3.688  1.00 15.78 ? 37  GLY A CA  1 
ATOM   292  C  C   . GLY A 1 37 ? 4.527   12.355  -4.977  1.00 13.24 ? 37  GLY A C   1 
ATOM   293  O  O   . GLY A 1 37 ? 4.400   11.120  -4.977  1.00 12.25 ? 37  GLY A O   1 
ATOM   294  N  N   . CYS A 1 38 ? 4.882   13.045  -6.045  1.00 13.62 ? 38  CYS A N   1 
ATOM   295  C  CA  . CYS A 1 38 ? 5.189   12.482  -7.372  1.00 10.37 ? 38  CYS A CA  1 
ATOM   296  C  C   . CYS A 1 38 ? 6.696   12.311  -7.549  1.00 16.80 ? 38  CYS A C   1 
ATOM   297  O  O   . CYS A 1 38 ? 7.415   13.157  -6.981  1.00 19.36 ? 38  CYS A O   1 
ATOM   298  C  CB  . CYS A 1 38 ? 4.698   13.409  -8.483  1.00 12.09 ? 38  CYS A CB  1 
ATOM   299  S  SG  . CYS A 1 38 ? 2.928   13.761  -8.458  1.00 13.81 ? 38  CYS A SG  1 
ATOM   300  N  N   . ILE A 1 39 ? 7.223   11.355  -8.288  1.00 11.60 ? 39  ILE A N   1 
ATOM   301  C  CA  . ILE A 1 39 ? 8.685   11.219  -8.472  1.00 11.64 ? 39  ILE A CA  1 
ATOM   302  C  C   . ILE A 1 39 ? 8.985   10.583  -9.830  1.00 19.21 ? 39  ILE A C   1 
ATOM   303  O  O   . ILE A 1 39 ? 8.097   9.979   -10.458 1.00 13.92 ? 39  ILE A O   1 
ATOM   304  C  CB  . ILE A 1 39 ? 9.294   10.450  -7.243  1.00 14.57 ? 39  ILE A CB  1 
ATOM   305  C  CG1 . ILE A 1 39 ? 10.834  10.596  -7.183  1.00 19.08 ? 39  ILE A CG1 1 
ATOM   306  C  CG2 . ILE A 1 39 ? 8.940   8.935   -7.228  1.00 15.40 ? 39  ILE A CG2 1 
ATOM   307  C  CD1 . ILE A 1 39 ? 11.388  10.389  -5.750  1.00 24.00 ? 39  ILE A CD1 1 
ATOM   308  N  N   . ASP A 1 40 ? 10.201  10.740  -10.312 1.00 16.54 ? 40  ASP A N   1 
ATOM   309  C  CA  . ASP A 1 40 ? 10.726  10.136  -11.542 1.00 19.14 ? 40  ASP A CA  1 
ATOM   310  C  C   . ASP A 1 40 ? 11.334  8.764   -11.219 1.00 18.96 ? 40  ASP A C   1 
ATOM   311  O  O   . ASP A 1 40 ? 10.826  7.695   -11.597 1.00 28.38 ? 40  ASP A O   1 
ATOM   312  C  CB  . ASP A 1 40 ? 11.709  11.071  -12.239 1.00 20.31 ? 40  ASP A CB  1 
ATOM   313  C  CG  . ASP A 1 40 ? 12.804  11.746  -11.429 1.00 55.58 ? 40  ASP A CG  1 
ATOM   314  O  OD1 . ASP A 1 40 ? 13.031  11.468  -10.236 1.00 36.85 ? 40  ASP A OD1 1 
ATOM   315  O  OD2 . ASP A 1 40 ? 13.490  12.629  -11.993 1.00 45.61 ? 40  ASP A OD2 1 
ATOM   316  N  N   . VAL A 1 41 ? 12.434  8.693   -10.491 1.00 19.44 ? 41  VAL A N   1 
ATOM   317  C  CA  . VAL A 1 41 ? 13.109  7.415   -10.186 1.00 20.75 ? 41  VAL A CA  1 
ATOM   318  C  C   . VAL A 1 41 ? 12.848  7.000   -8.746  1.00 15.42 ? 41  VAL A C   1 
ATOM   319  O  O   . VAL A 1 41 ? 12.999  7.839   -7.842  1.00 20.95 ? 41  VAL A O   1 
ATOM   320  C  CB  . VAL A 1 41 ? 14.606  7.564   -10.523 1.00 21.41 ? 41  VAL A CB  1 
ATOM   321  C  CG1 . VAL A 1 41 ? 14.820  7.754   -12.025 1.00 41.26 ? 41  VAL A CG1 1 
ATOM   322  C  CG2 . VAL A 1 41 ? 15.287  8.759   -9.889  1.00 48.87 ? 41  VAL A CG2 1 
ATOM   323  N  N   . CYS A 1 42 ? 12.456  5.767   -8.486  1.00 16.41 ? 42  CYS A N   1 
ATOM   324  C  CA  . CYS A 1 42 ? 12.207  5.317   -7.102  1.00 15.29 ? 42  CYS A CA  1 
ATOM   325  C  C   . CYS A 1 42 ? 13.548  5.135   -6.393  1.00 15.76 ? 42  CYS A C   1 
ATOM   326  O  O   . CYS A 1 42 ? 14.407  4.380   -6.886  1.00 17.38 ? 42  CYS A O   1 
ATOM   327  C  CB  . CYS A 1 42 ? 11.409  4.018   -7.115  1.00 18.46 ? 42  CYS A CB  1 
ATOM   328  S  SG  . CYS A 1 42 ? 10.788  3.574   -5.468  1.00 18.87 ? 42  CYS A SG  1 
ATOM   329  N  N   . PRO A 1 43 ? 13.763  5.800   -5.273  1.00 17.52 ? 43  PRO A N   1 
ATOM   330  C  CA  . PRO A 1 43 ? 15.011  5.707   -4.508  1.00 20.95 ? 43  PRO A CA  1 
ATOM   331  C  C   . PRO A 1 43 ? 15.186  4.348   -3.846  1.00 24.45 ? 43  PRO A C   1 
ATOM   332  O  O   . PRO A 1 43 ? 14.227  3.614   -3.564  1.00 20.87 ? 43  PRO A O   1 
ATOM   333  C  CB  . PRO A 1 43 ? 14.896  6.851   -3.499  1.00 18.70 ? 43  PRO A CB  1 
ATOM   334  C  CG  . PRO A 1 43 ? 13.783  7.729   -4.015  1.00 30.55 ? 43  PRO A CG  1 
ATOM   335  C  CD  . PRO A 1 43 ? 12.815  6.702   -4.595  1.00 20.57 ? 43  PRO A CD  1 
ATOM   336  N  N   . LYS A 1 44 ? 16.439  4.054   -3.562  1.00 22.92 ? 44  LYS A N   1 
ATOM   337  C  CA  . LYS A 1 44 ? 16.840  2.813   -2.886  1.00 19.90 ? 44  LYS A CA  1 
ATOM   338  C  C   . LYS A 1 44 ? 16.623  2.941   -1.382  1.00 17.85 ? 44  LYS A C   1 
ATOM   339  O  O   . LYS A 1 44 ? 16.932  4.018   -0.836  1.00 19.83 ? 44  LYS A O   1 
ATOM   340  C  CB  . LYS A 1 44 ? 18.317  2.588   -3.155  1.00 22.12 ? 44  LYS A CB  1 
ATOM   341  C  CG  . LYS A 1 44 ? 18.753  1.122   -3.180  1.00 41.80 ? 44  LYS A CG  1 
ATOM   342  C  CD  . LYS A 1 44 ? 20.117  0.794   -2.607  1.00 44.81 ? 44  LYS A CD  1 
ATOM   343  C  CE  . LYS A 1 44 ? 21.294  1.625   -3.074  1.00 53.63 ? 44  LYS A CE  1 
ATOM   344  N  NZ  . LYS A 1 44 ? 21.399  1.648   -4.548  1.00 69.62 ? 44  LYS A NZ  1 
ATOM   345  N  N   . SER A 1 45 ? 16.115  1.943   -0.691  1.00 15.61 ? 45  SER A N   1 
ATOM   346  C  CA  . SER A 1 45 ? 15.942  1.961   0.778   1.00 16.15 ? 45  SER A CA  1 
ATOM   347  C  C   . SER A 1 45 ? 17.244  1.620   1.518   1.00 14.81 ? 45  SER A C   1 
ATOM   348  O  O   . SER A 1 45 ? 18.194  1.057   0.934   1.00 14.19 ? 45  SER A O   1 
ATOM   349  C  CB  . SER A 1 45 ? 14.825  0.984   1.137   1.00 13.96 ? 45  SER A CB  1 
ATOM   350  O  OG  . SER A 1 45 ? 13.539  1.401   0.719   1.00 14.54 ? 45  SER A OG  1 
ATOM   351  N  N   . SER A 1 46 ? 17.329  1.918   2.809   1.00 12.50 ? 46  SER A N   1 
ATOM   352  C  CA  . SER A 1 46 ? 18.483  1.600   3.673   1.00 13.77 ? 46  SER A CA  1 
ATOM   353  C  C   . SER A 1 46 ? 17.990  0.995   4.989   1.00 16.27 ? 46  SER A C   1 
ATOM   354  O  O   . SER A 1 46 ? 16.773  0.763   5.114   1.00 14.86 ? 46  SER A O   1 
ATOM   355  C  CB  . SER A 1 46 ? 19.329  2.836   3.923   1.00 23.53 ? 46  SER A CB  1 
ATOM   356  O  OG  . SER A 1 46 ? 18.647  3.881   4.592   1.00 25.52 ? 46  SER A OG  1 
ATOM   357  N  N   . LEU A 1 47 ? 18.808  0.767   6.006   1.00 16.20 ? 47  LEU A N   1 
ATOM   358  C  CA  . LEU A 1 47 ? 18.330  0.232   7.293   1.00 15.78 ? 47  LEU A CA  1 
ATOM   359  C  C   . LEU A 1 47 ? 17.284  1.132   7.956   1.00 12.49 ? 47  LEU A C   1 
ATOM   360  O  O   . LEU A 1 47 ? 16.262  0.647   8.478   1.00 17.38 ? 47  LEU A O   1 
ATOM   361  C  CB  . LEU A 1 47 ? 19.545  -0.029  8.192   1.00 22.65 ? 47  LEU A CB  1 
ATOM   362  C  CG  . LEU A 1 47 ? 19.581  -0.639  9.578   1.00 44.70 ? 47  LEU A CG  1 
ATOM   363  C  CD1 . LEU A 1 47 ? 19.138  0.387   10.623  1.00 53.53 ? 47  LEU A CD1 1 
ATOM   364  C  CD2 . LEU A 1 47 ? 18.737  -1.914  9.667   1.00 23.81 ? 47  LEU A CD2 1 
ATOM   365  N  N   . LEU A 1 48 ? 17.531  2.431   8.043   1.00 11.78 ? 48  LEU A N   1 
ATOM   366  C  CA  . LEU A 1 48 ? 16.610  3.340   8.746   1.00 15.58 ? 48  LEU A CA  1 
ATOM   367  C  C   . LEU A 1 48 ? 15.553  3.997   7.868   1.00 15.09 ? 48  LEU A C   1 
ATOM   368  O  O   . LEU A 1 48 ? 14.472  4.324   8.399   1.00 18.13 ? 48  LEU A O   1 
ATOM   369  C  CB  . LEU A 1 48 ? 17.445  4.391   9.503   1.00 25.90 ? 48  LEU A CB  1 
ATOM   370  C  CG  . LEU A 1 48 ? 16.828  5.328   10.526  1.00 57.44 ? 48  LEU A CG  1 
ATOM   371  C  CD1 . LEU A 1 48 ? 16.689  4.650   11.889  1.00 38.82 ? 48  LEU A CD1 1 
ATOM   372  C  CD2 . LEU A 1 48 ? 17.688  6.581   10.709  1.00 60.56 ? 48  LEU A CD2 1 
ATOM   373  N  N   . ILE A 1 49 ? 15.809  4.236   6.597   1.00 15.35 ? 49  ILE A N   1 
ATOM   374  C  CA  . ILE A 1 49 ? 14.861  4.946   5.725   1.00 8.60  ? 49  ILE A CA  1 
ATOM   375  C  C   . ILE A 1 49 ? 14.189  3.994   4.734   1.00 14.26 ? 49  ILE A C   1 
ATOM   376  O  O   . ILE A 1 49 ? 14.891  3.359   3.928   1.00 15.65 ? 49  ILE A O   1 
ATOM   377  C  CB  . ILE A 1 49 ? 15.618  6.152   5.053   1.00 17.34 ? 49  ILE A CB  1 
ATOM   378  C  CG1 . ILE A 1 49 ? 16.071  7.183   6.114   1.00 19.83 ? 49  ILE A CG1 1 
ATOM   379  C  CG2 . ILE A 1 49 ? 14.753  6.821   3.939   1.00 24.55 ? 49  ILE A CG2 1 
ATOM   380  C  CD1 . ILE A 1 49 ? 16.900  8.388   5.574   1.00 27.42 ? 49  ILE A CD1 1 
ATOM   381  N  N   . LYS A 1 50 ? 12.867  4.010   4.724   1.00 13.53 ? 50  LYS A N   1 
ATOM   382  C  CA  . LYS A 1 50 ? 12.097  3.137   3.829   1.00 13.83 ? 50  LYS A CA  1 
ATOM   383  C  C   . LYS A 1 50 ? 11.263  3.888   2.806   1.00 11.45 ? 50  LYS A C   1 
ATOM   384  O  O   . LYS A 1 50 ? 10.531  4.826   3.163   1.00 15.59 ? 50  LYS A O   1 
ATOM   385  C  CB  . LYS A 1 50 ? 11.214  2.195   4.660   1.00 14.54 ? 50  LYS A CB  1 
ATOM   386  C  CG  . LYS A 1 50 ? 11.935  1.374   5.731   1.00 19.74 ? 50  LYS A CG  1 
ATOM   387  C  CD  . LYS A 1 50 ? 13.091  0.496   5.274   1.00 20.02 ? 50  LYS A CD  1 
ATOM   388  C  CE  . LYS A 1 50 ? 13.647  -0.341  6.405   1.00 17.65 ? 50  LYS A CE  1 
ATOM   389  N  NZ  . LYS A 1 50 ? 14.751  -1.202  5.907   1.00 16.81 ? 50  LYS A NZ  1 
ATOM   390  N  N   . TYR A 1 51 ? 11.371  3.471   1.554   1.00 13.34 ? 51  TYR A N   1 
ATOM   391  C  CA  . TYR A 1 51 ? 10.584  4.059   0.463   1.00 16.69 ? 51  TYR A CA  1 
ATOM   392  C  C   . TYR A 1 51 ? 9.640   3.032   -0.169  1.00 13.86 ? 51  TYR A C   1 
ATOM   393  O  O   . TYR A 1 51 ? 9.987   1.840   -0.256  1.00 13.43 ? 51  TYR A O   1 
ATOM   394  C  CB  . TYR A 1 51 ? 11.468  4.592   -0.680  1.00 15.18 ? 51  TYR A CB  1 
ATOM   395  C  CG  . TYR A 1 51 ? 12.409  5.723   -0.348  1.00 15.09 ? 51  TYR A CG  1 
ATOM   396  C  CD1 . TYR A 1 51 ? 11.954  7.045   -0.373  1.00 18.02 ? 51  TYR A CD1 1 
ATOM   397  C  CD2 . TYR A 1 51 ? 13.749  5.475   -0.057  1.00 21.23 ? 51  TYR A CD2 1 
ATOM   398  C  CE1 . TYR A 1 51 ? 12.808  8.104   -0.095  1.00 18.27 ? 51  TYR A CE1 1 
ATOM   399  C  CE2 . TYR A 1 51 ? 14.612  6.529   0.216   1.00 22.77 ? 51  TYR A CE2 1 
ATOM   400  C  CZ  . TYR A 1 51 ? 14.142  7.831   0.197   1.00 19.55 ? 51  TYR A CZ  1 
ATOM   401  O  OH  . TYR A 1 51 ? 14.997  8.857   0.493   1.00 33.39 ? 51  TYR A OH  1 
ATOM   402  N  N   . MET A 1 52 ? 8.475   3.452   -0.628  1.00 11.73 ? 52  MET A N   1 
ATOM   403  C  CA  . MET A 1 52 ? 7.536   2.596   -1.386  1.00 15.26 ? 52  MET A CA  1 
ATOM   404  C  C   . MET A 1 52 ? 7.159   3.418   -2.636  1.00 18.38 ? 52  MET A C   1 
ATOM   405  O  O   . MET A 1 52 ? 6.880   4.621   -2.443  1.00 11.73 ? 52  MET A O   1 
ATOM   406  C  CB  . MET A 1 52 ? 6.322   2.084   -0.645  1.00 17.03 ? 52  MET A CB  1 
ATOM   407  C  CG  . MET A 1 52 ? 5.169   2.964   -0.300  1.00 22.39 ? 52  MET A CG  1 
ATOM   408  S  SD  . MET A 1 52 ? 4.051   3.518   -1.634  1.00 30.36 ? 52  MET A SD  1 
ATOM   409  C  CE  . MET A 1 52 ? 2.983   2.084   -1.712  1.00 27.57 ? 52  MET A CE  1 
ATOM   410  N  N   . CYS A 1 53 ? 7.035   2.840   -3.815  1.00 13.70 ? 53  CYS A N   1 
ATOM   411  C  CA  . CYS A 1 53 ? 6.623   3.520   -5.059  1.00 14.15 ? 53  CYS A CA  1 
ATOM   412  C  C   . CYS A 1 53 ? 5.500   2.744   -5.758  1.00 12.99 ? 53  CYS A C   1 
ATOM   413  O  O   . CYS A 1 53 ? 5.519   1.501   -5.681  1.00 13.78 ? 53  CYS A O   1 
ATOM   414  C  CB  . CYS A 1 53 ? 7.784   3.728   -6.029  1.00 11.27 ? 53  CYS A CB  1 
ATOM   415  S  SG  . CYS A 1 53 ? 9.119   4.739   -5.334  1.00 15.75 ? 53  CYS A SG  1 
ATOM   416  N  N   . CYS A 1 54 ? 4.563   3.412   -6.413  1.00 10.25 ? 54  CYS A N   1 
ATOM   417  C  CA  . CYS A 1 54 ? 3.417   2.755   -7.074  1.00 8.62  ? 54  CYS A CA  1 
ATOM   418  C  C   . CYS A 1 54 ? 2.932   3.553   -8.284  1.00 9.92  ? 54  CYS A C   1 
ATOM   419  O  O   . CYS A 1 54 ? 3.338   4.721   -8.439  1.00 11.54 ? 54  CYS A O   1 
ATOM   420  C  CB  . CYS A 1 54 ? 2.317   2.469   -6.063  1.00 11.29 ? 54  CYS A CB  1 
ATOM   421  S  SG  . CYS A 1 54 ? 1.797   3.882   -5.051  1.00 13.03 ? 54  CYS A SG  1 
ATOM   422  N  N   . ASN A 1 55 ? 2.068   2.980   -9.117  1.00 12.09 ? 55  ASN A N   1 
ATOM   423  C  CA  . ASN A 1 55 ? 1.687   3.634   -10.377 1.00 11.17 ? 55  ASN A CA  1 
ATOM   424  C  C   . ASN A 1 55 ? 0.208   3.844   -10.669 1.00 13.85 ? 55  ASN A C   1 
ATOM   425  O  O   . ASN A 1 55 ? -0.156  3.996   -11.859 1.00 12.36 ? 55  ASN A O   1 
ATOM   426  C  CB  . ASN A 1 55 ? 2.396   2.841   -11.506 1.00 9.94  ? 55  ASN A CB  1 
ATOM   427  C  CG  . ASN A 1 55 ? 1.801   1.489   -11.863 1.00 14.31 ? 55  ASN A CG  1 
ATOM   428  O  OD1 . ASN A 1 55 ? 1.009   0.895   -11.107 1.00 13.91 ? 55  ASN A OD1 1 
ATOM   429  N  ND2 . ASN A 1 55 ? 2.110   0.925   -13.031 1.00 15.65 ? 55  ASN A ND2 1 
ATOM   430  N  N   . THR A 1 56 ? -0.669  3.850   -9.687  1.00 10.01 ? 56  THR A N   1 
ATOM   431  C  CA  . THR A 1 56 ? -2.105  4.111   -9.904  1.00 11.32 ? 56  THR A CA  1 
ATOM   432  C  C   . THR A 1 56 ? -2.553  5.298   -9.058  1.00 10.89 ? 56  THR A C   1 
ATOM   433  O  O   . THR A 1 56 ? -1.905  5.605   -8.051  1.00 13.69 ? 56  THR A O   1 
ATOM   434  C  CB  . THR A 1 56 ? -2.996  2.840   -9.667  1.00 18.93 ? 56  THR A CB  1 
ATOM   435  O  OG1 . THR A 1 56 ? -2.767  2.420   -8.289  1.00 15.41 ? 56  THR A OG1 1 
ATOM   436  C  CG2 . THR A 1 56 ? -2.702  1.724   -10.674 1.00 13.96 ? 56  THR A CG2 1 
ATOM   437  N  N   . ASP A 1 57 ? -3.624  5.989   -9.406  1.00 9.91  ? 57  ASP A N   1 
ATOM   438  C  CA  . ASP A 1 57 ? -4.078  7.193   -8.684  1.00 10.36 ? 57  ASP A CA  1 
ATOM   439  C  C   . ASP A 1 57 ? -4.155  7.033   -7.165  1.00 11.80 ? 57  ASP A C   1 
ATOM   440  O  O   . ASP A 1 57 ? -4.776  6.066   -6.696  1.00 11.58 ? 57  ASP A O   1 
ATOM   441  C  CB  . ASP A 1 57 ? -5.406  7.699   -9.254  1.00 11.28 ? 57  ASP A CB  1 
ATOM   442  C  CG  . ASP A 1 57 ? -5.403  8.452   -10.564 1.00 12.91 ? 57  ASP A CG  1 
ATOM   443  O  OD1 . ASP A 1 57 ? -4.326  8.787   -11.104 1.00 10.95 ? 57  ASP A OD1 1 
ATOM   444  O  OD2 . ASP A 1 57 ? -6.483  8.748   -11.111 1.00 14.17 ? 57  ASP A OD2 1 
ATOM   445  N  N   . LYS A 1 58 ? -3.538  7.944   -6.430  1.00 10.13 ? 58  LYS A N   1 
ATOM   446  C  CA  . LYS A 1 58 ? -3.561  8.050   -4.965  1.00 10.30 ? 58  LYS A CA  1 
ATOM   447  C  C   . LYS A 1 58 ? -3.261  6.745   -4.245  1.00 11.63 ? 58  LYS A C   1 
ATOM   448  O  O   . LYS A 1 58 ? -3.900  6.323   -3.260  1.00 16.70 ? 58  LYS A O   1 
ATOM   449  C  CB  . LYS A 1 58 ? -4.954  8.580   -4.589  1.00 14.27 ? 58  LYS A CB  1 
ATOM   450  C  CG  . LYS A 1 58 ? -5.279  9.987   -5.072  1.00 15.01 ? 58  LYS A CG  1 
ATOM   451  C  CD  . LYS A 1 58 ? -6.750  10.284  -4.788  1.00 18.94 ? 58  LYS A CD  1 
ATOM   452  C  CE  . LYS A 1 58 ? -7.074  11.669  -5.308  1.00 27.67 ? 58  LYS A CE  1 
ATOM   453  N  NZ  . LYS A 1 58 ? -8.514  11.967  -5.127  1.00 31.05 ? 58  LYS A NZ  1 
ATOM   454  N  N   . CYS A 1 59 ? -2.235  6.059   -4.728  1.00 9.09  ? 59  CYS A N   1 
ATOM   455  C  CA  . CYS A 1 59 ? -1.841  4.744   -4.206  1.00 15.78 ? 59  CYS A CA  1 
ATOM   456  C  C   . CYS A 1 59 ? -0.837  4.847   -3.063  1.00 15.27 ? 59  CYS A C   1 
ATOM   457  O  O   . CYS A 1 59 ? -0.536  3.824   -2.420  1.00 15.10 ? 59  CYS A O   1 
ATOM   458  C  CB  . CYS A 1 59 ? -1.280  3.879   -5.347  1.00 12.89 ? 59  CYS A CB  1 
ATOM   459  S  SG  . CYS A 1 59 ? 0.206   4.575   -6.114  1.00 10.92 ? 59  CYS A SG  1 
ATOM   460  N  N   . ASN A 1 60 ? -0.302  6.015   -2.786  1.00 12.59 ? 60  ASN A N   1 
ATOM   461  C  CA  . ASN A 1 60 ? 0.759   6.275   -1.795  1.00 12.91 ? 60  ASN A CA  1 
ATOM   462  C  C   . ASN A 1 60 ? 0.413   6.890   -0.446  1.00 22.57 ? 60  ASN A C   1 
ATOM   463  O  O   . ASN A 1 60 ? -0.766  6.847   -0.023  1.00 18.12 ? 60  ASN A O   1 
ATOM   464  C  CB  . ASN A 1 60 ? 1.810   7.198   -2.463  1.00 12.58 ? 60  ASN A CB  1 
ATOM   465  C  CG  . ASN A 1 60 ? 1.289   8.590   -2.786  1.00 11.35 ? 60  ASN A CG  1 
ATOM   466  O  OD1 . ASN A 1 60 ? 0.136   8.768   -3.221  1.00 12.09 ? 60  ASN A OD1 1 
ATOM   467  N  ND2 . ASN A 1 60 ? 2.087   9.641   -2.606  1.00 11.24 ? 60  ASN A ND2 1 
ATOM   468  O  OXT . ASN A 1 60 ? 1.066   7.708   0.227   1.00 26.72 ? 60  ASN A OXT 1 
ATOM   469  N  N   . LEU B 1 1  ? 11.069  -7.948  -12.489 1.00 11.47 ? 1   LEU B N   1 
ATOM   470  C  CA  . LEU B 1 1  ? 10.540  -7.320  -11.273 1.00 10.80 ? 1   LEU B CA  1 
ATOM   471  C  C   . LEU B 1 1  ? 11.616  -7.277  -10.182 1.00 15.65 ? 1   LEU B C   1 
ATOM   472  O  O   . LEU B 1 1  ? 12.296  -8.293  -9.965  1.00 12.92 ? 1   LEU B O   1 
ATOM   473  C  CB  . LEU B 1 1  ? 9.297   -8.069  -10.774 1.00 10.51 ? 1   LEU B CB  1 
ATOM   474  C  CG  . LEU B 1 1  ? 8.625   -7.639  -9.479  1.00 13.13 ? 1   LEU B CG  1 
ATOM   475  C  CD1 . LEU B 1 1  ? 7.970   -6.265  -9.595  1.00 9.54  ? 1   LEU B CD1 1 
ATOM   476  C  CD2 . LEU B 1 1  ? 7.529   -8.636  -9.106  1.00 12.17 ? 1   LEU B CD2 1 
ATOM   477  N  N   . LYS B 1 2  ? 11.708  -6.164  -9.479  1.00 13.24 ? 2   LYS B N   1 
ATOM   478  C  CA  . LYS B 1 2  ? 12.646  -5.909  -8.374  1.00 7.54  ? 2   LYS B CA  1 
ATOM   479  C  C   . LYS B 1 2  ? 11.873  -5.531  -7.112  1.00 11.19 ? 2   LYS B C   1 
ATOM   480  O  O   . LYS B 1 2  ? 11.038  -4.613  -7.218  1.00 13.92 ? 2   LYS B O   1 
ATOM   481  C  CB  . LYS B 1 2  ? 13.612  -4.786  -8.750  1.00 14.40 ? 2   LYS B CB  1 
ATOM   482  C  CG  . LYS B 1 2  ? 14.768  -5.271  -9.627  1.00 21.96 ? 2   LYS B CG  1 
ATOM   483  C  CD  . LYS B 1 2  ? 15.363  -4.134  -10.444 1.00 31.36 ? 2   LYS B CD  1 
ATOM   484  C  CE  . LYS B 1 2  ? 16.568  -4.575  -11.243 1.00 30.81 ? 2   LYS B CE  1 
ATOM   485  N  NZ  . LYS B 1 2  ? 16.323  -5.771  -12.083 1.00 22.92 ? 2   LYS B NZ  1 
ATOM   486  N  N   . CYS B 1 3  ? 12.082  -6.186  -5.985  1.00 14.23 ? 3   CYS B N   1 
ATOM   487  C  CA  . CYS B 1 3  ? 11.347  -5.899  -4.742  1.00 12.20 ? 3   CYS B CA  1 
ATOM   488  C  C   . CYS B 1 3  ? 12.257  -5.425  -3.607  1.00 12.99 ? 3   CYS B C   1 
ATOM   489  O  O   . CYS B 1 3  ? 13.474  -5.699  -3.620  1.00 12.63 ? 3   CYS B O   1 
ATOM   490  C  CB  . CYS B 1 3  ? 10.591  -7.154  -4.299  1.00 9.08  ? 3   CYS B CB  1 
ATOM   491  S  SG  . CYS B 1 3  ? 9.438   -7.840  -5.510  1.00 12.19 ? 3   CYS B SG  1 
ATOM   492  N  N   . ASN B 1 4  ? 11.715  -4.727  -2.617  1.00 10.79 ? 4   ASN B N   1 
ATOM   493  C  CA  . ASN B 1 4  ? 12.477  -4.279  -1.434  1.00 11.02 ? 4   ASN B CA  1 
ATOM   494  C  C   . ASN B 1 4  ? 12.669  -5.487  -0.501  1.00 12.33 ? 4   ASN B C   1 
ATOM   495  O  O   . ASN B 1 4  ? 11.823  -6.401  -0.549  1.00 13.01 ? 4   ASN B O   1 
ATOM   496  C  CB  . ASN B 1 4  ? 11.766  -3.160  -0.669  1.00 10.62 ? 4   ASN B CB  1 
ATOM   497  C  CG  . ASN B 1 4  ? 11.594  -1.851  -1.408  1.00 12.69 ? 4   ASN B CG  1 
ATOM   498  O  OD1 . ASN B 1 4  ? 12.547  -1.323  -2.003  1.00 11.66 ? 4   ASN B OD1 1 
ATOM   499  N  ND2 . ASN B 1 4  ? 10.388  -1.276  -1.426  1.00 13.01 ? 4   ASN B ND2 1 
ATOM   500  N  N   . GLN B 1 5  ? 13.703  -5.508  0.321   1.00 12.74 ? 5   GLN B N   1 
ATOM   501  C  CA  . GLN B 1 5  ? 13.919  -6.565  1.327   1.00 14.37 ? 5   GLN B CA  1 
ATOM   502  C  C   . GLN B 1 5  ? 14.469  -5.925  2.611   1.00 11.20 ? 5   GLN B C   1 
ATOM   503  O  O   . GLN B 1 5  ? 14.951  -4.778  2.538   1.00 12.92 ? 5   GLN B O   1 
ATOM   504  C  CB  . GLN B 1 5  ? 14.786  -7.704  0.874   1.00 13.51 ? 5   GLN B CB  1 
ATOM   505  C  CG  . GLN B 1 5  ? 16.276  -7.540  0.652   1.00 19.36 ? 5   GLN B CG  1 
ATOM   506  C  CD  . GLN B 1 5  ? 16.895  -8.807  0.103   1.00 35.24 ? 5   GLN B CD  1 
ATOM   507  O  OE1 . GLN B 1 5  ? 16.378  -9.924  0.209   1.00 35.62 ? 5   GLN B OE1 1 
ATOM   508  N  NE2 . GLN B 1 5  ? 18.045  -8.711  -0.560  1.00 23.80 ? 5   GLN B NE2 1 
ATOM   509  N  N   . LEU B 1 6  ? 14.451  -6.628  3.734   1.00 13.17 ? 6   LEU B N   1 
ATOM   510  C  CA  . LEU B 1 6  ? 14.934  -6.073  5.003   1.00 11.86 ? 6   LEU B CA  1 
ATOM   511  C  C   . LEU B 1 6  ? 16.416  -6.237  5.306   1.00 16.04 ? 6   LEU B C   1 
ATOM   512  O  O   . LEU B 1 6  ? 16.896  -5.598  6.259   1.00 17.77 ? 6   LEU B O   1 
ATOM   513  C  CB  . LEU B 1 6  ? 14.116  -6.663  6.176   1.00 13.03 ? 6   LEU B CB  1 
ATOM   514  C  CG  . LEU B 1 6  ? 12.612  -6.438  6.144   1.00 12.51 ? 6   LEU B CG  1 
ATOM   515  C  CD1 . LEU B 1 6  ? 11.949  -7.209  7.284   1.00 18.79 ? 6   LEU B CD1 1 
ATOM   516  C  CD2 . LEU B 1 6  ? 12.245  -4.962  6.302   1.00 13.57 ? 6   LEU B CD2 1 
ATOM   517  N  N   . ILE B 1 7  ? 17.099  -7.035  4.531   1.00 12.03 ? 7   ILE B N   1 
ATOM   518  C  CA  . ILE B 1 7  ? 18.529  -7.396  4.707   1.00 14.75 ? 7   ILE B CA  1 
ATOM   519  C  C   . ILE B 1 7  ? 19.367  -6.738  3.627   1.00 17.33 ? 7   ILE B C   1 
ATOM   520  O  O   . ILE B 1 7  ? 18.837  -6.637  2.505   1.00 13.52 ? 7   ILE B O   1 
ATOM   521  C  CB  . ILE B 1 7  ? 18.414  -8.967  4.795   1.00 34.53 ? 7   ILE B CB  1 
ATOM   522  C  CG1 . ILE B 1 7  ? 18.508  -9.462  6.261   1.00 28.91 ? 7   ILE B CG1 1 
ATOM   523  C  CG2 . ILE B 1 7  ? 19.465  -9.739  3.964   1.00 36.23 ? 7   ILE B CG2 1 
ATOM   524  C  CD1 . ILE B 1 7  ? 17.390  -9.059  7.249   1.00 50.67 ? 7   ILE B CD1 1 
ATOM   525  N  N   . PRO B 1 8  ? 20.605  -6.318  3.842   1.00 17.18 ? 8   PRO B N   1 
ATOM   526  C  CA  . PRO B 1 8  ? 21.414  -5.641  2.802   1.00 20.56 ? 8   PRO B CA  1 
ATOM   527  C  C   . PRO B 1 8  ? 21.539  -6.445  1.516   1.00 20.28 ? 8   PRO B C   1 
ATOM   528  O  O   . PRO B 1 8  ? 21.638  -7.683  1.646   1.00 17.06 ? 8   PRO B O   1 
ATOM   529  C  CB  . PRO B 1 8  ? 22.740  -5.336  3.492   1.00 21.75 ? 8   PRO B CB  1 
ATOM   530  C  CG  . PRO B 1 8  ? 22.778  -6.179  4.738   1.00 22.27 ? 8   PRO B CG  1 
ATOM   531  C  CD  . PRO B 1 8  ? 21.317  -6.382  5.129   1.00 19.93 ? 8   PRO B CD  1 
ATOM   532  N  N   . PRO B 1 9  ? 21.533  -5.907  0.302   1.00 15.52 ? 9   PRO B N   1 
ATOM   533  C  CA  . PRO B 1 9  ? 21.477  -4.482  -0.022  1.00 11.31 ? 9   PRO B CA  1 
ATOM   534  C  C   . PRO B 1 9  ? 20.112  -3.828  -0.040  1.00 15.33 ? 9   PRO B C   1 
ATOM   535  O  O   . PRO B 1 9  ? 19.966  -2.734  -0.615  1.00 16.46 ? 9   PRO B O   1 
ATOM   536  C  CB  . PRO B 1 9  ? 22.203  -4.445  -1.385  1.00 19.98 ? 9   PRO B CB  1 
ATOM   537  C  CG  . PRO B 1 9  ? 21.610  -5.654  -2.077  1.00 16.24 ? 9   PRO B CG  1 
ATOM   538  C  CD  . PRO B 1 9  ? 21.648  -6.690  -0.946  1.00 20.33 ? 9   PRO B CD  1 
ATOM   539  N  N   . PHE B 1 10 ? 19.102  -4.431  0.553   1.00 12.82 ? 10  PHE B N   1 
ATOM   540  C  CA  . PHE B 1 10 ? 17.735  -3.897  0.683   1.00 11.89 ? 10  PHE B CA  1 
ATOM   541  C  C   . PHE B 1 10 ? 16.883  -3.943  -0.590  1.00 19.53 ? 10  PHE B C   1 
ATOM   542  O  O   . PHE B 1 10 ? 15.764  -3.386  -0.607  1.00 12.98 ? 10  PHE B O   1 
ATOM   543  C  CB  . PHE B 1 10 ? 17.723  -2.507  1.367   1.00 11.42 ? 10  PHE B CB  1 
ATOM   544  C  CG  . PHE B 1 10 ? 18.500  -2.418  2.659   1.00 13.29 ? 10  PHE B CG  1 
ATOM   545  C  CD1 . PHE B 1 10 ? 17.991  -3.009  3.818   1.00 16.86 ? 10  PHE B CD1 1 
ATOM   546  C  CD2 . PHE B 1 10 ? 19.758  -1.812  2.725   1.00 14.12 ? 10  PHE B CD2 1 
ATOM   547  C  CE1 . PHE B 1 10 ? 18.716  -3.014  5.009   1.00 19.10 ? 10  PHE B CE1 1 
ATOM   548  C  CE2 . PHE B 1 10 ? 20.496  -1.792  3.899   1.00 20.99 ? 10  PHE B CE2 1 
ATOM   549  C  CZ  . PHE B 1 10 ? 19.975  -2.395  5.045   1.00 15.81 ? 10  PHE B CZ  1 
ATOM   550  N  N   . TRP B 1 11 ? 17.313  -4.626  -1.637  1.00 15.18 ? 11  TRP B N   1 
ATOM   551  C  CA  . TRP B 1 11 ? 16.601  -4.820  -2.916  1.00 12.59 ? 11  TRP B CA  1 
ATOM   552  C  C   . TRP B 1 11 ? 16.949  -6.222  -3.441  1.00 18.31 ? 11  TRP B C   1 
ATOM   553  O  O   . TRP B 1 11 ? 18.034  -6.735  -3.106  1.00 14.84 ? 11  TRP B O   1 
ATOM   554  C  CB  . TRP B 1 11 ? 16.876  -3.741  -3.971  1.00 14.79 ? 11  TRP B CB  1 
ATOM   555  C  CG  . TRP B 1 11 ? 18.297  -3.607  -4.401  1.00 20.84 ? 11  TRP B CG  1 
ATOM   556  C  CD1 . TRP B 1 11 ? 19.180  -2.713  -3.849  1.00 19.41 ? 11  TRP B CD1 1 
ATOM   557  C  CD2 . TRP B 1 11 ? 19.006  -4.378  -5.387  1.00 19.43 ? 11  TRP B CD2 1 
ATOM   558  N  NE1 . TRP B 1 11 ? 20.412  -2.890  -4.423  1.00 17.93 ? 11  TRP B NE1 1 
ATOM   559  C  CE2 . TRP B 1 11 ? 20.333  -3.897  -5.340  1.00 19.84 ? 11  TRP B CE2 1 
ATOM   560  C  CE3 . TRP B 1 11 ? 18.698  -5.420  -6.255  1.00 33.20 ? 11  TRP B CE3 1 
ATOM   561  C  CZ2 . TRP B 1 11 ? 21.354  -4.408  -6.125  1.00 30.80 ? 11  TRP B CZ2 1 
ATOM   562  C  CZ3 . TRP B 1 11 ? 19.713  -5.934  -7.043  1.00 52.47 ? 11  TRP B CZ3 1 
ATOM   563  C  CH2 . TRP B 1 11 ? 21.017  -5.438  -6.985  1.00 23.77 ? 11  TRP B CH2 1 
ATOM   564  N  N   . LYS B 1 12 ? 16.131  -6.782  -4.312  1.00 16.03 ? 12  LYS B N   1 
ATOM   565  C  CA  . LYS B 1 12 ? 16.344  -8.109  -4.915  1.00 14.40 ? 12  LYS B CA  1 
ATOM   566  C  C   . LYS B 1 12 ? 15.635  -8.238  -6.264  1.00 11.01 ? 12  LYS B C   1 
ATOM   567  O  O   . LYS B 1 12 ? 14.483  -7.770  -6.370  1.00 12.83 ? 12  LYS B O   1 
ATOM   568  C  CB  . LYS B 1 12 ? 15.800  -9.128  -3.914  1.00 22.45 ? 12  LYS B CB  1 
ATOM   569  C  CG  . LYS B 1 12 ? 15.677  -10.580 -4.347  1.00 39.25 ? 12  LYS B CG  1 
ATOM   570  C  CD  . LYS B 1 12 ? 15.017  -11.421 -3.265  1.00 43.82 ? 12  LYS B CD  1 
ATOM   571  C  CE  . LYS B 1 12 ? 15.414  -12.859 -3.547  1.00 53.46 ? 12  LYS B CE  1 
ATOM   572  N  NZ  . LYS B 1 12 ? 15.107  -13.732 -2.394  1.00 41.21 ? 12  LYS B NZ  1 
ATOM   573  N  N   . THR B 1 13 ? 16.216  -8.879  -7.263  1.00 13.28 ? 13  THR B N   1 
ATOM   574  C  CA  . THR B 1 13 ? 15.568  -9.158  -8.559  1.00 7.66  ? 13  THR B CA  1 
ATOM   575  C  C   . THR B 1 13 ? 14.848  -10.504 -8.402  1.00 12.03 ? 13  THR B C   1 
ATOM   576  O  O   . THR B 1 13 ? 15.564  -11.464 -8.052  1.00 15.53 ? 13  THR B O   1 
ATOM   577  C  CB  . THR B 1 13 ? 16.583  -9.245  -9.763  1.00 16.51 ? 13  THR B CB  1 
ATOM   578  O  OG1 . THR B 1 13 ? 17.293  -7.972  -9.815  1.00 16.39 ? 13  THR B OG1 1 
ATOM   579  C  CG2 . THR B 1 13 ? 15.940  -9.538  -11.126 1.00 14.15 ? 13  THR B CG2 1 
ATOM   580  N  N   . CYS B 1 14 ? 13.562  -10.646 -8.637  1.00 10.91 ? 14  CYS B N   1 
ATOM   581  C  CA  . CYS B 1 14 ? 12.852  -11.928 -8.500  1.00 13.01 ? 14  CYS B CA  1 
ATOM   582  C  C   . CYS B 1 14 ? 13.147  -12.941 -9.597  1.00 14.84 ? 14  CYS B C   1 
ATOM   583  O  O   . CYS B 1 14 ? 13.320  -12.492 -10.739 1.00 19.36 ? 14  CYS B O   1 
ATOM   584  C  CB  . CYS B 1 14 ? 11.327  -11.663 -8.504  1.00 10.88 ? 14  CYS B CB  1 
ATOM   585  S  SG  . CYS B 1 14 ? 10.771  -10.409 -7.327  1.00 12.53 ? 14  CYS B SG  1 
ATOM   586  N  N   . PRO B 1 15 ? 13.212  -14.237 -9.322  1.00 15.87 ? 15  PRO B N   1 
ATOM   587  C  CA  . PRO B 1 15 ? 13.367  -15.256 -10.375 1.00 18.42 ? 15  PRO B CA  1 
ATOM   588  C  C   . PRO B 1 15 ? 12.083  -15.332 -11.213 1.00 16.50 ? 15  PRO B C   1 
ATOM   589  O  O   . PRO B 1 15 ? 11.006  -14.923 -10.740 1.00 16.94 ? 15  PRO B O   1 
ATOM   590  C  CB  . PRO B 1 15 ? 13.631  -16.552 -9.612  1.00 26.59 ? 15  PRO B CB  1 
ATOM   591  C  CG  . PRO B 1 15 ? 13.002  -16.340 -8.259  1.00 26.93 ? 15  PRO B CG  1 
ATOM   592  C  CD  . PRO B 1 15 ? 13.194  -14.850 -7.978  1.00 17.57 ? 15  PRO B CD  1 
ATOM   593  N  N   . LYS B 1 16 ? 12.202  -15.850 -12.421 1.00 18.57 ? 16  LYS B N   1 
ATOM   594  C  CA  . LYS B 1 16 ? 11.080  -16.047 -13.353 1.00 20.75 ? 16  LYS B CA  1 
ATOM   595  C  C   . LYS B 1 16 ? 10.090  -16.966 -12.654 1.00 17.04 ? 16  LYS B C   1 
ATOM   596  O  O   . LYS B 1 16 ? 10.529  -17.984 -12.091 1.00 34.95 ? 16  LYS B O   1 
ATOM   597  C  CB  . LYS B 1 16 ? 11.543  -16.710 -14.650 1.00 26.53 ? 16  LYS B CB  1 
ATOM   598  C  CG  . LYS B 1 16 ? 12.442  -15.703 -15.367 1.00 56.64 ? 16  LYS B CG  1 
ATOM   599  C  CD  . LYS B 1 16 ? 13.259  -16.302 -16.489 1.00 71.33 ? 16  LYS B CD  1 
ATOM   600  C  CE  . LYS B 1 16 ? 14.252  -15.253 -16.963 1.00 40.82 ? 16  LYS B CE  1 
ATOM   601  N  NZ  . LYS B 1 16 ? 14.945  -15.748 -18.176 1.00 60.42 ? 16  LYS B NZ  1 
ATOM   602  N  N   . GLY B 1 17 ? 8.824   -16.619 -12.635 1.00 20.92 ? 17  GLY B N   1 
ATOM   603  C  CA  . GLY B 1 17 ? 7.861   -17.460 -11.905 1.00 18.90 ? 17  GLY B CA  1 
ATOM   604  C  C   . GLY B 1 17 ? 7.408   -16.725 -10.645 1.00 20.44 ? 17  GLY B C   1 
ATOM   605  O  O   . GLY B 1 17 ? 6.357   -17.128 -10.112 1.00 23.92 ? 17  GLY B O   1 
ATOM   606  N  N   . LYS B 1 18 ? 8.134   -15.736 -10.156 1.00 14.71 ? 18  LYS B N   1 
ATOM   607  C  CA  . LYS B 1 18 ? 7.673   -14.980 -8.968  1.00 13.93 ? 18  LYS B CA  1 
ATOM   608  C  C   . LYS B 1 18 ? 7.350   -13.572 -9.437  1.00 13.67 ? 18  LYS B C   1 
ATOM   609  O  O   . LYS B 1 18 ? 8.245   -12.742 -9.668  1.00 18.15 ? 18  LYS B O   1 
ATOM   610  C  CB  . LYS B 1 18 ? 8.736   -15.059 -7.882  1.00 13.16 ? 18  LYS B CB  1 
ATOM   611  C  CG  . LYS B 1 18 ? 8.806   -16.504 -7.375  1.00 23.61 ? 18  LYS B CG  1 
ATOM   612  C  CD  . LYS B 1 18 ? 9.624   -16.658 -6.108  1.00 25.97 ? 18  LYS B CD  1 
ATOM   613  C  CE  . LYS B 1 18 ? 9.338   -18.006 -5.474  1.00 49.87 ? 18  LYS B CE  1 
ATOM   614  N  NZ  . LYS B 1 18 ? 9.998   -19.127 -6.182  1.00 37.45 ? 18  LYS B NZ  1 
ATOM   615  N  N   . ASN B 1 19 ? 6.077   -13.273 -9.651  1.00 14.15 ? 19  ASN B N   1 
ATOM   616  C  CA  . ASN B 1 19 ? 5.708   -11.962 -10.215 1.00 13.03 ? 19  ASN B CA  1 
ATOM   617  C  C   . ASN B 1 19 ? 4.954   -10.984 -9.328  1.00 15.51 ? 19  ASN B C   1 
ATOM   618  O  O   . ASN B 1 19 ? 4.298   -10.052 -9.840  1.00 13.03 ? 19  ASN B O   1 
ATOM   619  C  CB  . ASN B 1 19 ? 4.997   -12.202 -11.552 1.00 15.12 ? 19  ASN B CB  1 
ATOM   620  C  CG  . ASN B 1 19 ? 3.888   -13.225 -11.583 1.00 23.15 ? 19  ASN B CG  1 
ATOM   621  O  OD1 . ASN B 1 19 ? 3.236   -13.642 -10.502 1.00 16.94 ? 19  ASN B OD1 1 
ATOM   622  N  ND2 . ASN B 1 19 ? 3.608   -13.717 -12.690 1.00 41.29 ? 19  ASN B ND2 1 
ATOM   623  N  N   . LEU B 1 20 ? 5.083   -11.146 -8.028  1.00 9.79  ? 20  LEU B N   1 
ATOM   624  C  CA  . LEU B 1 20 ? 4.495   -10.246 -7.032  1.00 8.44  ? 20  LEU B CA  1 
ATOM   625  C  C   . LEU B 1 20 ? 5.516   -9.852  -5.958  1.00 11.48 ? 20  LEU B C   1 
ATOM   626  O  O   . LEU B 1 20 ? 6.390   -10.701 -5.697  1.00 12.73 ? 20  LEU B O   1 
ATOM   627  C  CB  . LEU B 1 20 ? 3.316   -10.940 -6.331  1.00 11.93 ? 20  LEU B CB  1 
ATOM   628  C  CG  . LEU B 1 20 ? 2.011   -11.210 -7.057  1.00 15.28 ? 20  LEU B CG  1 
ATOM   629  C  CD1 . LEU B 1 20 ? 1.102   -12.108 -6.222  1.00 16.86 ? 20  LEU B CD1 1 
ATOM   630  C  CD2 . LEU B 1 20 ? 1.312   -9.881  -7.355  1.00 14.07 ? 20  LEU B CD2 1 
ATOM   631  N  N   . CYS B 1 21 ? 5.473   -8.684  -5.346  1.00 11.19 ? 21  CYS B N   1 
ATOM   632  C  CA  . CYS B 1 21 ? 6.292   -8.310  -4.181  1.00 10.80 ? 21  CYS B CA  1 
ATOM   633  C  C   . CYS B 1 21 ? 5.359   -8.449  -2.964  1.00 13.21 ? 21  CYS B C   1 
ATOM   634  O  O   . CYS B 1 21 ? 4.135   -8.313  -3.178  1.00 10.76 ? 21  CYS B O   1 
ATOM   635  C  CB  . CYS B 1 21 ? 6.842   -6.895  -4.196  1.00 9.86  ? 21  CYS B CB  1 
ATOM   636  S  SG  . CYS B 1 21 ? 7.939   -6.464  -5.561  1.00 12.65 ? 21  CYS B SG  1 
ATOM   637  N  N   . TYR B 1 22 ? 5.839   -8.698  -1.756  1.00 10.56 ? 22  TYR B N   1 
ATOM   638  C  CA  . TYR B 1 22 ? 4.977   -8.817  -0.564  1.00 11.30 ? 22  TYR B CA  1 
ATOM   639  C  C   . TYR B 1 22 ? 5.658   -8.292  0.712   1.00 12.64 ? 22  TYR B C   1 
ATOM   640  O  O   . TYR B 1 22 ? 6.887   -8.150  0.766   1.00 11.05 ? 22  TYR B O   1 
ATOM   641  C  CB  . TYR B 1 22 ? 4.466   -10.261 -0.356  1.00 14.07 ? 22  TYR B CB  1 
ATOM   642  C  CG  . TYR B 1 22 ? 5.416   -11.258 0.277   1.00 14.09 ? 22  TYR B CG  1 
ATOM   643  C  CD1 . TYR B 1 22 ? 6.490   -11.786 -0.437  1.00 12.45 ? 22  TYR B CD1 1 
ATOM   644  C  CD2 . TYR B 1 22 ? 5.256   -11.612 1.620   1.00 21.31 ? 22  TYR B CD2 1 
ATOM   645  C  CE1 . TYR B 1 22 ? 7.381   -12.671 0.161   1.00 16.57 ? 22  TYR B CE1 1 
ATOM   646  C  CE2 . TYR B 1 22 ? 6.145   -12.494 2.224   1.00 17.48 ? 22  TYR B CE2 1 
ATOM   647  C  CZ  . TYR B 1 22 ? 7.210   -13.017 1.493   1.00 17.77 ? 22  TYR B CZ  1 
ATOM   648  O  OH  . TYR B 1 22 ? 8.108   -13.846 2.112   1.00 22.22 ? 22  TYR B OH  1 
ATOM   649  N  N   . LYS B 1 23 ? 4.839   -8.095  1.727   1.00 13.58 ? 23  LYS B N   1 
ATOM   650  C  CA  . LYS B 1 23 ? 5.209   -7.651  3.085   1.00 12.66 ? 23  LYS B CA  1 
ATOM   651  C  C   . LYS B 1 23 ? 4.491   -8.572  4.075   1.00 12.23 ? 23  LYS B C   1 
ATOM   652  O  O   . LYS B 1 23 ? 3.301   -8.860  3.828   1.00 13.95 ? 23  LYS B O   1 
ATOM   653  C  CB  . LYS B 1 23 ? 4.828   -6.183  3.252   1.00 15.11 ? 23  LYS B CB  1 
ATOM   654  C  CG  . LYS B 1 23 ? 5.044   -5.542  4.618   1.00 28.20 ? 23  LYS B CG  1 
ATOM   655  C  CD  . LYS B 1 23 ? 4.786   -4.052  4.763   1.00 24.42 ? 23  LYS B CD  1 
ATOM   656  C  CE  . LYS B 1 23 ? 3.320   -3.688  4.610   1.00 25.21 ? 23  LYS B CE  1 
ATOM   657  N  NZ  . LYS B 1 23 ? 3.110   -2.226  4.694   1.00 29.70 ? 23  LYS B NZ  1 
ATOM   658  N  N   . MET B 1 24 ? 5.109   -9.048  5.142   1.00 11.46 ? 24  MET B N   1 
ATOM   659  C  CA  . MET B 1 24 ? 4.468   -9.922  6.149   1.00 13.99 ? 24  MET B CA  1 
ATOM   660  C  C   . MET B 1 24 ? 4.561   -9.251  7.527   1.00 15.25 ? 24  MET B C   1 
ATOM   661  O  O   . MET B 1 24 ? 5.676   -8.853  7.924   1.00 13.94 ? 24  MET B O   1 
ATOM   662  C  CB  . MET B 1 24 ? 5.145   -11.278 6.146   1.00 17.23 ? 24  MET B CB  1 
ATOM   663  C  CG  . MET B 1 24 ? 4.549   -12.381 6.965   1.00 28.57 ? 24  MET B CG  1 
ATOM   664  S  SD  . MET B 1 24 ? 5.709   -13.702 7.450   1.00 38.78 ? 24  MET B SD  1 
ATOM   665  C  CE  . MET B 1 24 ? 6.485   -14.130 5.881   1.00 23.70 ? 24  MET B CE  1 
ATOM   666  N  N   . THR B 1 25 ? 3.470   -9.135  8.266   1.00 13.60 ? 25  THR B N   1 
ATOM   667  C  CA  . THR B 1 25 ? 3.433   -8.517  9.605   1.00 11.96 ? 25  THR B CA  1 
ATOM   668  C  C   . THR B 1 25 ? 2.666   -9.347  10.637  1.00 17.60 ? 25  THR B C   1 
ATOM   669  O  O   . THR B 1 25 ? 1.559   -9.823  10.321  1.00 18.28 ? 25  THR B O   1 
ATOM   670  C  CB  . THR B 1 25 ? 2.779   -7.075  9.500   1.00 15.76 ? 25  THR B CB  1 
ATOM   671  O  OG1 . THR B 1 25 ? 3.544   -6.362  8.478   1.00 17.92 ? 25  THR B OG1 1 
ATOM   672  C  CG2 . THR B 1 25 ? 2.733   -6.287  10.813  1.00 24.26 ? 25  THR B CG2 1 
ATOM   673  N  N   . MET B 1 26 ? 3.183   -9.485  11.850  1.00 17.48 ? 26  MET B N   1 
ATOM   674  C  CA  . MET B 1 26 ? 2.509   -10.230 12.929  1.00 14.24 ? 26  MET B CA  1 
ATOM   675  C  C   . MET B 1 26 ? 1.537   -9.276  13.634  1.00 15.65 ? 26  MET B C   1 
ATOM   676  O  O   . MET B 1 26 ? 1.885   -8.108  13.894  1.00 17.46 ? 26  MET B O   1 
ATOM   677  C  CB  . MET B 1 26 ? 3.503   -10.834 13.930  1.00 15.24 ? 26  MET B CB  1 
ATOM   678  C  CG  . MET B 1 26 ? 4.469   -11.805 13.322  1.00 33.44 ? 26  MET B CG  1 
ATOM   679  S  SD  . MET B 1 26 ? 5.549   -12.754 14.439  1.00 42.99 ? 26  MET B SD  1 
ATOM   680  C  CE  . MET B 1 26 ? 6.572   -11.429 15.090  1.00 49.43 ? 26  MET B CE  1 
ATOM   681  N  N   . ARG B 1 27 ? 0.337   -9.727  13.953  1.00 19.02 ? 27  ARG B N   1 
ATOM   682  C  CA  . ARG B 1 27 ? -0.639  -8.875  14.665  1.00 21.58 ? 27  ARG B CA  1 
ATOM   683  C  C   . ARG B 1 27 ? -0.173  -8.450  16.049  1.00 20.67 ? 27  ARG B C   1 
ATOM   684  O  O   . ARG B 1 27 ? -0.521  -7.357  16.543  1.00 19.72 ? 27  ARG B O   1 
ATOM   685  C  CB  . ARG B 1 27 ? -1.994  -9.593  14.670  1.00 21.56 ? 27  ARG B CB  1 
ATOM   686  C  CG  . ARG B 1 27 ? -2.497  -9.535  13.224  1.00 28.01 ? 27  ARG B CG  1 
ATOM   687  C  CD  . ARG B 1 27 ? -3.795  -10.172 13.016  1.00 39.21 ? 27  ARG B CD  1 
ATOM   688  N  NE  . ARG B 1 27 ? -4.729  -9.361  12.303  1.00 62.81 ? 27  ARG B NE  1 
ATOM   689  C  CZ  . ARG B 1 27 ? -5.091  -9.528  11.041  1.00 28.89 ? 27  ARG B CZ  1 
ATOM   690  N  NH1 . ARG B 1 27 ? -4.833  -10.586 10.299  1.00 52.30 ? 27  ARG B NH1 1 
ATOM   691  N  NH2 . ARG B 1 27 ? -5.818  -8.553  10.510  1.00 62.88 ? 27  ARG B NH2 1 
ATOM   692  N  N   . ALA B 1 28 ? 0.638   -9.249  16.724  1.00 20.10 ? 28  ALA B N   1 
ATOM   693  C  CA  . ALA B 1 28 ? 1.202   -8.889  18.033  1.00 18.86 ? 28  ALA B CA  1 
ATOM   694  C  C   . ALA B 1 28 ? 2.166   -7.702  17.962  1.00 25.80 ? 28  ALA B C   1 
ATOM   695  O  O   . ALA B 1 28 ? 2.482   -7.124  19.022  1.00 30.97 ? 28  ALA B O   1 
ATOM   696  C  CB  . ALA B 1 28 ? 1.961   -10.066 18.642  1.00 24.91 ? 28  ALA B CB  1 
ATOM   697  N  N   . ALA B 1 29 ? 2.688   -7.322  16.808  1.00 16.01 ? 29  ALA B N   1 
ATOM   698  C  CA  . ALA B 1 29 ? 3.635   -6.175  16.706  1.00 17.81 ? 29  ALA B CA  1 
ATOM   699  C  C   . ALA B 1 29 ? 3.388   -5.487  15.369  1.00 19.03 ? 29  ALA B C   1 
ATOM   700  O  O   . ALA B 1 29 ? 4.173   -5.620  14.410  1.00 19.18 ? 29  ALA B O   1 
ATOM   701  C  CB  . ALA B 1 29 ? 5.054   -6.713  16.856  1.00 18.53 ? 29  ALA B CB  1 
ATOM   702  N  N   . PRO B 1 30 ? 2.300   -4.742  15.248  1.00 19.84 ? 30  PRO B N   1 
ATOM   703  C  CA  . PRO B 1 30 ? 1.878   -4.178  13.957  1.00 18.01 ? 30  PRO B CA  1 
ATOM   704  C  C   . PRO B 1 30 ? 2.718   -3.107  13.311  1.00 21.36 ? 30  PRO B C   1 
ATOM   705  O  O   . PRO B 1 30 ? 2.550   -2.802  12.115  1.00 25.17 ? 30  PRO B O   1 
ATOM   706  C  CB  . PRO B 1 30 ? 0.429   -3.757  14.258  1.00 17.81 ? 30  PRO B CB  1 
ATOM   707  C  CG  . PRO B 1 30 ? 0.532   -3.292  15.694  1.00 30.23 ? 30  PRO B CG  1 
ATOM   708  C  CD  . PRO B 1 30 ? 1.351   -4.420  16.334  1.00 29.48 ? 30  PRO B CD  1 
ATOM   709  N  N   . MET B 1 31 ? 3.661   -2.505  14.011  1.00 21.36 ? 31  MET B N   1 
ATOM   710  C  CA  . MET B 1 31 ? 4.451   -1.419  13.409  1.00 24.39 ? 31  MET B CA  1 
ATOM   711  C  C   . MET B 1 31 ? 5.727   -1.875  12.715  1.00 20.06 ? 31  MET B C   1 
ATOM   712  O  O   . MET B 1 31 ? 6.389   -1.007  12.109  1.00 27.22 ? 31  MET B O   1 
ATOM   713  C  CB  . MET B 1 31 ? 4.791   -0.370  14.472  1.00 32.47 ? 31  MET B CB  1 
ATOM   714  C  CG  . MET B 1 31 ? 3.673   0.108   15.337  1.00 43.10 ? 31  MET B CG  1 
ATOM   715  S  SD  . MET B 1 31 ? 2.180   0.634   14.429  1.00 49.82 ? 31  MET B SD  1 
ATOM   716  C  CE  . MET B 1 31 ? 2.333   2.381   14.848  1.00 63.37 ? 31  MET B CE  1 
ATOM   717  N  N   . VAL B 1 32 ? 6.111   -3.136  12.802  1.00 22.14 ? 32  VAL B N   1 
ATOM   718  C  CA  . VAL B 1 32 ? 7.382   -3.627  12.244  1.00 23.23 ? 32  VAL B CA  1 
ATOM   719  C  C   . VAL B 1 32 ? 7.184   -4.911  11.439  1.00 24.61 ? 32  VAL B C   1 
ATOM   720  O  O   . VAL B 1 32 ? 6.975   -5.972  12.053  1.00 20.71 ? 32  VAL B O   1 
ATOM   721  C  CB  . VAL B 1 32 ? 8.437   -3.822  13.371  1.00 30.72 ? 32  VAL B CB  1 
ATOM   722  C  CG1 . VAL B 1 32 ? 9.808   -4.200  12.807  1.00 25.47 ? 32  VAL B CG1 1 
ATOM   723  C  CG2 . VAL B 1 32 ? 8.620   -2.625  14.288  1.00 36.79 ? 32  VAL B CG2 1 
ATOM   724  N  N   . PRO B 1 33 ? 7.235   -4.875  10.115  1.00 19.14 ? 33  PRO B N   1 
ATOM   725  C  CA  . PRO B 1 33 ? 7.130   -6.067  9.263   1.00 13.40 ? 33  PRO B CA  1 
ATOM   726  C  C   . PRO B 1 33 ? 8.262   -7.052  9.557   1.00 15.35 ? 33  PRO B C   1 
ATOM   727  O  O   . PRO B 1 33 ? 9.395   -6.599  9.818   1.00 18.84 ? 33  PRO B O   1 
ATOM   728  C  CB  . PRO B 1 33 ? 7.223   -5.537  7.828   1.00 21.29 ? 33  PRO B CB  1 
ATOM   729  C  CG  . PRO B 1 33 ? 6.873   -4.076  7.932   1.00 35.95 ? 33  PRO B CG  1 
ATOM   730  C  CD  . PRO B 1 33 ? 7.418   -3.663  9.299   1.00 27.72 ? 33  PRO B CD  1 
ATOM   731  N  N   . VAL B 1 34 ? 8.025   -8.352  9.500   1.00 13.34 ? 34  VAL B N   1 
ATOM   732  C  CA  . VAL B 1 34 ? 9.073   -9.355  9.742   1.00 16.83 ? 34  VAL B CA  1 
ATOM   733  C  C   . VAL B 1 34 ? 9.786   -9.809  8.466   1.00 12.67 ? 34  VAL B C   1 
ATOM   734  O  O   . VAL B 1 34 ? 10.869  -10.409 8.579   1.00 16.47 ? 34  VAL B O   1 
ATOM   735  C  CB  . VAL B 1 34 ? 8.520   -10.588 10.484  1.00 15.30 ? 34  VAL B CB  1 
ATOM   736  C  CG1 . VAL B 1 34 ? 8.006   -10.209 11.864  1.00 33.12 ? 34  VAL B CG1 1 
ATOM   737  C  CG2 . VAL B 1 34 ? 7.373   -11.259 9.754   1.00 20.69 ? 34  VAL B CG2 1 
ATOM   738  N  N   . LYS B 1 35 ? 9.172   -9.612  7.312   1.00 11.99 ? 35  LYS B N   1 
ATOM   739  C  CA  . LYS B 1 35 ? 9.770   -10.027 6.032   1.00 16.53 ? 35  LYS B CA  1 
ATOM   740  C  C   . LYS B 1 35 ? 9.244   -9.211  4.854   1.00 14.38 ? 35  LYS B C   1 
ATOM   741  O  O   . LYS B 1 35 ? 8.079   -8.778  4.852   1.00 13.23 ? 35  LYS B O   1 
ATOM   742  C  CB  . LYS B 1 35 ? 9.478   -11.516 5.844   1.00 16.55 ? 35  LYS B CB  1 
ATOM   743  C  CG  . LYS B 1 35 ? 10.220  -12.201 4.698   1.00 29.39 ? 35  LYS B CG  1 
ATOM   744  C  CD  . LYS B 1 35 ? 10.664  -13.588 5.148   1.00 50.08 ? 35  LYS B CD  1 
ATOM   745  C  CE  . LYS B 1 35 ? 11.278  -14.393 4.028   1.00 60.79 ? 35  LYS B CE  1 
ATOM   746  N  NZ  . LYS B 1 35 ? 12.526  -13.778 3.515   1.00 36.94 ? 35  LYS B NZ  1 
ATOM   747  N  N   . ARG B 1 36 ? 10.098  -8.955  3.879   1.00 11.09 ? 36  ARG B N   1 
ATOM   748  C  CA  . ARG B 1 36 ? 9.785   -8.280  2.603   1.00 9.72  ? 36  ARG B CA  1 
ATOM   749  C  C   . ARG B 1 36 ? 10.483  -9.073  1.491   1.00 14.08 ? 36  ARG B C   1 
ATOM   750  O  O   . ARG B 1 36 ? 11.668  -9.410  1.681   1.00 14.01 ? 36  ARG B O   1 
ATOM   751  C  CB  . ARG B 1 36 ? 10.206  -6.819  2.578   1.00 18.55 ? 36  ARG B CB  1 
ATOM   752  C  CG  . ARG B 1 36 ? 9.276   -5.829  3.267   1.00 18.47 ? 36  ARG B CG  1 
ATOM   753  C  CD  . ARG B 1 36 ? 9.783   -4.438  3.075   1.00 21.35 ? 36  ARG B CD  1 
ATOM   754  N  NE  . ARG B 1 36 ? 8.845   -3.419  3.521   1.00 21.25 ? 36  ARG B NE  1 
ATOM   755  C  CZ  . ARG B 1 36 ? 9.024   -2.572  4.538   1.00 23.65 ? 36  ARG B CZ  1 
ATOM   756  N  NH1 . ARG B 1 36 ? 10.155  -2.544  5.240   1.00 22.91 ? 36  ARG B NH1 1 
ATOM   757  N  NH2 . ARG B 1 36 ? 8.053   -1.709  4.837   1.00 21.09 ? 36  ARG B NH2 1 
ATOM   758  N  N   . GLY B 1 37 ? 9.822   -9.423  0.392   1.00 12.93 ? 37  GLY B N   1 
ATOM   759  C  CA  . GLY B 1 37 ? 10.472  -10.222 -0.669  1.00 9.63  ? 37  GLY B CA  1 
ATOM   760  C  C   . GLY B 1 37 ? 9.610   -10.452 -1.908  1.00 12.78 ? 37  GLY B C   1 
ATOM   761  O  O   . GLY B 1 37 ? 8.681   -9.662  -2.140  1.00 11.39 ? 37  GLY B O   1 
ATOM   762  N  N   . CYS B 1 38 ? 9.892   -11.479 -2.690  1.00 14.96 ? 38  CYS B N   1 
ATOM   763  C  CA  . CYS B 1 38 ? 9.193   -11.860 -3.925  1.00 11.43 ? 38  CYS B CA  1 
ATOM   764  C  C   . CYS B 1 38 ? 8.312   -13.089 -3.704  1.00 13.39 ? 38  CYS B C   1 
ATOM   765  O  O   . CYS B 1 38 ? 8.744   -13.950 -2.915  1.00 13.08 ? 38  CYS B O   1 
ATOM   766  C  CB  . CYS B 1 38 ? 10.185  -12.249 -5.022  1.00 13.24 ? 38  CYS B CB  1 
ATOM   767  S  SG  . CYS B 1 38 ? 11.422  -11.022 -5.489  1.00 12.60 ? 38  CYS B SG  1 
ATOM   768  N  N   . ILE B 1 39 ? 7.180   -13.252 -4.368  1.00 10.70 ? 39  ILE B N   1 
ATOM   769  C  CA  . ILE B 1 39 ? 6.334   -14.457 -4.215  1.00 7.60  ? 39  ILE B CA  1 
ATOM   770  C  C   . ILE B 1 39 ? 5.549   -14.727 -5.506  1.00 13.16 ? 39  ILE B C   1 
ATOM   771  O  O   . ILE B 1 39 ? 5.440   -13.867 -6.402  1.00 13.62 ? 39  ILE B O   1 
ATOM   772  C  CB  . ILE B 1 39 ? 5.473   -14.324 -2.905  1.00 13.34 ? 39  ILE B CB  1 
ATOM   773  C  CG1 . ILE B 1 39 ? 5.016   -15.706 -2.374  1.00 14.48 ? 39  ILE B CG1 1 
ATOM   774  C  CG2 . ILE B 1 39 ? 4.266   -13.361 -3.124  1.00 10.93 ? 39  ILE B CG2 1 
ATOM   775  C  CD1 . ILE B 1 39 ? 4.515   -15.718 -0.900  1.00 21.57 ? 39  ILE B CD1 1 
ATOM   776  N  N   . ASP B 1 40 ? 4.971   -15.908 -5.630  1.00 11.18 ? 40  ASP B N   1 
ATOM   777  C  CA  . ASP B 1 40 ? 4.167   -16.269 -6.803  1.00 16.42 ? 40  ASP B CA  1 
ATOM   778  C  C   . ASP B 1 40 ? 2.677   -16.110 -6.504  1.00 19.81 ? 40  ASP B C   1 
ATOM   779  O  O   . ASP B 1 40 ? 1.965   -15.652 -7.410  1.00 24.12 ? 40  ASP B O   1 
ATOM   780  C  CB  . ASP B 1 40 ? 4.486   -17.669 -7.301  1.00 17.15 ? 40  ASP B CB  1 
ATOM   781  C  CG  . ASP B 1 40 ? 4.359   -18.804 -6.309  1.00 31.72 ? 40  ASP B CG  1 
ATOM   782  O  OD1 . ASP B 1 40 ? 4.230   -18.621 -5.082  1.00 23.53 ? 40  ASP B OD1 1 
ATOM   783  O  OD2 . ASP B 1 40 ? 4.390   -19.964 -6.760  1.00 30.97 ? 40  ASP B OD2 1 
ATOM   784  N  N   . VAL B 1 41 ? 2.200   -16.491 -5.341  1.00 11.04 ? 41  VAL B N   1 
ATOM   785  C  CA  . VAL B 1 41 ? 0.768   -16.388 -4.999  1.00 15.65 ? 41  VAL B CA  1 
ATOM   786  C  C   . VAL B 1 41 ? 0.658   -15.612 -3.681  1.00 16.21 ? 41  VAL B C   1 
ATOM   787  O  O   . VAL B 1 41 ? 1.414   -15.982 -2.761  1.00 17.32 ? 41  VAL B O   1 
ATOM   788  C  CB  . VAL B 1 41 ? 0.144   -17.797 -4.927  1.00 21.92 ? 41  VAL B CB  1 
ATOM   789  C  CG1 . VAL B 1 41 ? -1.360  -17.710 -4.644  1.00 31.29 ? 41  VAL B CG1 1 
ATOM   790  C  CG2 . VAL B 1 41 ? 0.353   -18.642 -6.177  1.00 25.45 ? 41  VAL B CG2 1 
ATOM   791  N  N   . CYS B 1 42 ? -0.213  -14.627 -3.545  1.00 14.41 ? 42  CYS B N   1 
ATOM   792  C  CA  . CYS B 1 42 ? -0.394  -13.873 -2.283  1.00 12.59 ? 42  CYS B CA  1 
ATOM   793  C  C   . CYS B 1 42 ? -1.122  -14.742 -1.258  1.00 22.01 ? 42  CYS B C   1 
ATOM   794  O  O   . CYS B 1 42 ? -2.257  -15.170 -1.546  1.00 16.18 ? 42  CYS B O   1 
ATOM   795  C  CB  . CYS B 1 42 ? -1.185  -12.584 -2.529  1.00 12.29 ? 42  CYS B CB  1 
ATOM   796  S  SG  . CYS B 1 42 ? -1.017  -11.347 -1.210  1.00 17.34 ? 42  CYS B SG  1 
ATOM   797  N  N   . PRO B 1 43 ? -0.569  -15.054 -0.100  1.00 18.12 ? 43  PRO B N   1 
ATOM   798  C  CA  . PRO B 1 43 ? -1.212  -15.913 0.906   1.00 18.03 ? 43  PRO B CA  1 
ATOM   799  C  C   . PRO B 1 43 ? -2.417  -15.277 1.581   1.00 14.07 ? 43  PRO B C   1 
ATOM   800  O  O   . PRO B 1 43 ? -2.442  -14.045 1.753   1.00 17.27 ? 43  PRO B O   1 
ATOM   801  C  CB  . PRO B 1 43 ? -0.106  -16.219 1.922   1.00 21.15 ? 43  PRO B CB  1 
ATOM   802  C  CG  . PRO B 1 43 ? 1.174   -15.842 1.223   1.00 20.82 ? 43  PRO B CG  1 
ATOM   803  C  CD  . PRO B 1 43 ? 0.773   -14.649 0.352   1.00 19.25 ? 43  PRO B CD  1 
ATOM   804  N  N   . LYS B 1 44 ? -3.390  -16.065 2.005   1.00 18.18 ? 44  LYS B N   1 
ATOM   805  C  CA  . LYS B 1 44 ? -4.558  -15.516 2.722   1.00 18.46 ? 44  LYS B CA  1 
ATOM   806  C  C   . LYS B 1 44 ? -4.148  -15.029 4.116   1.00 22.92 ? 44  LYS B C   1 
ATOM   807  O  O   . LYS B 1 44 ? -3.466  -15.772 4.849   1.00 20.29 ? 44  LYS B O   1 
ATOM   808  C  CB  . LYS B 1 44 ? -5.616  -16.616 2.782   1.00 27.44 ? 44  LYS B CB  1 
ATOM   809  C  CG  . LYS B 1 44 ? -6.834  -16.249 3.622   1.00 44.63 ? 44  LYS B CG  1 
ATOM   810  C  CD  . LYS B 1 44 ? -7.546  -17.472 4.153   1.00 40.23 ? 44  LYS B CD  1 
ATOM   811  C  CE  . LYS B 1 44 ? -8.496  -16.964 5.224   1.00 44.01 ? 44  LYS B CE  1 
ATOM   812  N  NZ  . LYS B 1 44 ? -9.370  -18.081 5.644   1.00 72.87 ? 44  LYS B NZ  1 
ATOM   813  N  N   . SER B 1 45 ? -4.580  -13.864 4.572   1.00 19.05 ? 45  SER B N   1 
ATOM   814  C  CA  . SER B 1 45 ? -4.275  -13.367 5.932   1.00 17.79 ? 45  SER B CA  1 
ATOM   815  C  C   . SER B 1 45 ? -5.041  -14.180 6.975   1.00 21.49 ? 45  SER B C   1 
ATOM   816  O  O   . SER B 1 45 ? -6.152  -14.673 6.719   1.00 24.26 ? 45  SER B O   1 
ATOM   817  C  CB  . SER B 1 45 ? -4.599  -11.891 6.026   1.00 15.81 ? 45  SER B CB  1 
ATOM   818  O  OG  . SER B 1 45 ? -3.776  -11.080 5.211   1.00 18.41 ? 45  SER B OG  1 
ATOM   819  N  N   . SER B 1 46 ? -4.499  -14.341 8.168   1.00 22.90 ? 46  SER B N   1 
ATOM   820  C  CA  . SER B 1 46 ? -5.140  -15.172 9.208   1.00 26.65 ? 46  SER B CA  1 
ATOM   821  C  C   . SER B 1 46 ? -5.363  -14.373 10.477  1.00 29.41 ? 46  SER B C   1 
ATOM   822  O  O   . SER B 1 46 ? -5.199  -13.155 10.452  1.00 18.77 ? 46  SER B O   1 
ATOM   823  C  CB  . SER B 1 46 ? -4.217  -16.363 9.460   1.00 28.63 ? 46  SER B CB  1 
ATOM   824  O  OG  . SER B 1 46 ? -2.899  -15.976 9.802   1.00 40.34 ? 46  SER B OG  1 
ATOM   825  N  N   . LEU B 1 47 ? -5.694  -15.038 11.570  1.00 32.50 ? 47  LEU B N   1 
ATOM   826  C  CA  . LEU B 1 47 ? -5.840  -14.369 12.853  1.00 34.38 ? 47  LEU B CA  1 
ATOM   827  C  C   . LEU B 1 47 ? -4.482  -13.854 13.326  1.00 23.13 ? 47  LEU B C   1 
ATOM   828  O  O   . LEU B 1 47 ? -4.537  -12.902 14.098  1.00 39.45 ? 47  LEU B O   1 
ATOM   829  C  CB  . LEU B 1 47 ? -6.326  -15.316 13.943  1.00 51.28 ? 47  LEU B CB  1 
ATOM   830  C  CG  . LEU B 1 47 ? -7.636  -16.038 13.738  1.00 46.27 ? 47  LEU B CG  1 
ATOM   831  C  CD1 . LEU B 1 47 ? -7.668  -17.186 14.741  1.00 59.08 ? 47  LEU B CD1 1 
ATOM   832  C  CD2 . LEU B 1 47 ? -8.797  -15.062 13.907  1.00 46.30 ? 47  LEU B CD2 1 
ATOM   833  N  N   . LEU B 1 48 ? -3.388  -14.529 13.044  1.00 30.20 ? 48  LEU B N   1 
ATOM   834  C  CA  . LEU B 1 48 ? -2.102  -14.026 13.523  1.00 22.03 ? 48  LEU B CA  1 
ATOM   835  C  C   . LEU B 1 48 ? -1.221  -13.215 12.611  1.00 24.42 ? 48  LEU B C   1 
ATOM   836  O  O   . LEU B 1 48 ? -0.378  -12.463 13.132  1.00 21.20 ? 48  LEU B O   1 
ATOM   837  C  CB  . LEU B 1 48 ? -1.348  -15.264 14.077  1.00 30.29 ? 48  LEU B CB  1 
ATOM   838  C  CG  . LEU B 1 48 ? -1.466  -15.449 15.584  1.00 65.12 ? 48  LEU B CG  1 
ATOM   839  C  CD1 . LEU B 1 48 ? -2.906  -15.569 16.106  1.00 53.12 ? 48  LEU B CD1 1 
ATOM   840  C  CD2 . LEU B 1 48 ? -0.773  -16.755 15.962  1.00 69.32 ? 48  LEU B CD2 1 
ATOM   841  N  N   . ILE B 1 49 ? -1.362  -13.404 11.316  1.00 20.93 ? 49  ILE B N   1 
ATOM   842  C  CA  . ILE B 1 49 ? -0.440  -12.783 10.352  1.00 30.37 ? 49  ILE B CA  1 
ATOM   843  C  C   . ILE B 1 49 ? -1.192  -12.055 9.249   1.00 27.89 ? 49  ILE B C   1 
ATOM   844  O  O   . ILE B 1 49 ? -2.181  -12.644 8.784   1.00 20.00 ? 49  ILE B O   1 
ATOM   845  C  CB  . ILE B 1 49 ? 0.468   -13.946 9.791   1.00 28.57 ? 49  ILE B CB  1 
ATOM   846  C  CG1 . ILE B 1 49 ? 1.262   -14.649 10.926  1.00 30.77 ? 49  ILE B CG1 1 
ATOM   847  C  CG2 . ILE B 1 49 ? 1.502   -13.462 8.738   1.00 24.06 ? 49  ILE B CG2 1 
ATOM   848  C  CD1 . ILE B 1 49 ? 1.757   -16.079 10.600  1.00 45.06 ? 49  ILE B CD1 1 
ATOM   849  N  N   . LYS B 1 50 ? -0.735  -10.887 8.852   1.00 14.42 ? 50  LYS B N   1 
ATOM   850  C  CA  . LYS B 1 50 ? -1.345  -10.108 7.770   1.00 14.27 ? 50  LYS B CA  1 
ATOM   851  C  C   . LYS B 1 50 ? -0.332  -10.106 6.611   1.00 14.08 ? 50  LYS B C   1 
ATOM   852  O  O   . LYS B 1 50 ? 0.873   -9.951  6.880   1.00 16.56 ? 50  LYS B O   1 
ATOM   853  C  CB  . LYS B 1 50 ? -1.581  -8.645  8.075   1.00 20.79 ? 50  LYS B CB  1 
ATOM   854  C  CG  . LYS B 1 50 ? -2.084  -8.069  9.390   1.00 59.39 ? 50  LYS B CG  1 
ATOM   855  C  CD  . LYS B 1 50 ? -1.982  -6.548  9.327   1.00 41.30 ? 50  LYS B CD  1 
ATOM   856  C  CE  . LYS B 1 50 ? -2.720  -5.763  10.379  1.00 45.78 ? 50  LYS B CE  1 
ATOM   857  N  NZ  . LYS B 1 50 ? -2.134  -5.829  11.732  1.00 46.71 ? 50  LYS B NZ  1 
ATOM   858  N  N   . TYR B 1 51 ? -0.835  -10.217 5.397   1.00 11.89 ? 51  TYR B N   1 
ATOM   859  C  CA  . TYR B 1 51 ? -0.043  -10.176 4.160   1.00 15.77 ? 51  TYR B CA  1 
ATOM   860  C  C   . TYR B 1 51 ? -0.532  -9.062  3.228   1.00 14.84 ? 51  TYR B C   1 
ATOM   861  O  O   . TYR B 1 51 ? -1.747  -8.796  3.178   1.00 17.19 ? 51  TYR B O   1 
ATOM   862  C  CB  . TYR B 1 51 ? -0.135  -11.510 3.405   1.00 12.81 ? 51  TYR B CB  1 
ATOM   863  C  CG  . TYR B 1 51 ? 0.425   -12.739 4.074   1.00 12.82 ? 51  TYR B CG  1 
ATOM   864  C  CD1 . TYR B 1 51 ? 1.776   -13.080 3.948   1.00 20.53 ? 51  TYR B CD1 1 
ATOM   865  C  CD2 . TYR B 1 51 ? -0.408  -13.592 4.798   1.00 18.43 ? 51  TYR B CD2 1 
ATOM   866  C  CE1 . TYR B 1 51 ? 2.277   -14.237 4.537   1.00 21.00 ? 51  TYR B CE1 1 
ATOM   867  C  CE2 . TYR B 1 51 ? 0.075   -14.753 5.395   1.00 19.01 ? 51  TYR B CE2 1 
ATOM   868  C  CZ  . TYR B 1 51 ? 1.418   -15.067 5.257   1.00 18.46 ? 51  TYR B CZ  1 
ATOM   869  O  OH  . TYR B 1 51 ? 1.899   -16.212 5.827   1.00 22.77 ? 51  TYR B OH  1 
ATOM   870  N  N   . MET B 1 52 ? 0.346   -8.404  2.489   1.00 10.75 ? 52  MET B N   1 
ATOM   871  C  CA  . MET B 1 52 ? 0.011   -7.347  1.508   1.00 14.30 ? 52  MET B CA  1 
ATOM   872  C  C   . MET B 1 52 ? 0.865   -7.647  0.271   1.00 12.50 ? 52  MET B C   1 
ATOM   873  O  O   . MET B 1 52 ? 2.089   -7.777  0.458   1.00 11.79 ? 52  MET B O   1 
ATOM   874  C  CB  . MET B 1 52 ? 0.309   -5.955  2.031   1.00 15.46 ? 52  MET B CB  1 
ATOM   875  C  CG  . MET B 1 52 ? 0.091   -4.746  1.189   1.00 31.83 ? 52  MET B CG  1 
ATOM   876  S  SD  . MET B 1 52 ? 1.122   -4.441  -0.271  1.00 66.37 ? 52  MET B SD  1 
ATOM   877  C  CE  . MET B 1 52 ? 2.752   -4.096  0.387   1.00 41.93 ? 52  MET B CE  1 
ATOM   878  N  N   . CYS B 1 53 ? 0.292   -7.650  -0.920  1.00 13.06 ? 53  CYS B N   1 
ATOM   879  C  CA  . CYS B 1 53 ? 1.059   -7.916  -2.156  1.00 16.78 ? 53  CYS B CA  1 
ATOM   880  C  C   . CYS B 1 53 ? 0.876   -6.809  -3.193  1.00 15.06 ? 53  CYS B C   1 
ATOM   881  O  O   . CYS B 1 53 ? -0.177  -6.144  -3.139  1.00 14.07 ? 53  CYS B O   1 
ATOM   882  C  CB  . CYS B 1 53 ? 0.628   -9.285  -2.687  1.00 17.04 ? 53  CYS B CB  1 
ATOM   883  S  SG  . CYS B 1 53 ? 0.875   -10.648 -1.513  1.00 16.02 ? 53  CYS B SG  1 
ATOM   884  N  N   . CYS B 1 54 ? 1.795   -6.555  -4.111  1.00 7.73  ? 54  CYS B N   1 
ATOM   885  C  CA  . CYS B 1 54 ? 1.708   -5.527  -5.175  1.00 11.80 ? 54  CYS B CA  1 
ATOM   886  C  C   . CYS B 1 54 ? 2.514   -5.932  -6.414  1.00 14.42 ? 54  CYS B C   1 
ATOM   887  O  O   . CYS B 1 54 ? 3.360   -6.845  -6.297  1.00 12.19 ? 54  CYS B O   1 
ATOM   888  C  CB  . CYS B 1 54 ? 2.096   -4.160  -4.621  1.00 17.06 ? 54  CYS B CB  1 
ATOM   889  S  SG  . CYS B 1 54 ? 3.673   -4.089  -3.739  1.00 11.99 ? 54  CYS B SG  1 
ATOM   890  N  N   . ASN B 1 55 ? 2.357   -5.298  -7.574  1.00 15.34 ? 55  ASN B N   1 
ATOM   891  C  CA  . ASN B 1 55 ? 3.047   -5.742  -8.807  1.00 15.39 ? 55  ASN B CA  1 
ATOM   892  C  C   . ASN B 1 55 ? 4.072   -4.856  -9.514  1.00 17.47 ? 55  ASN B C   1 
ATOM   893  O  O   . ASN B 1 55 ? 4.408   -5.138  -10.704 1.00 15.47 ? 55  ASN B O   1 
ATOM   894  C  CB  . ASN B 1 55 ? 1.945   -6.198  -9.808  1.00 21.37 ? 55  ASN B CB  1 
ATOM   895  C  CG  . ASN B 1 55 ? 1.297   -5.136  -10.686 1.00 20.78 ? 55  ASN B CG  1 
ATOM   896  O  OD1 . ASN B 1 55 ? 1.113   -5.253  -11.913 1.00 26.68 ? 55  ASN B OD1 1 
ATOM   897  N  ND2 . ASN B 1 55 ? 1.017   -3.961  -10.128 1.00 20.59 ? 55  ASN B ND2 1 
ATOM   898  N  N   . THR B 1 56 ? 4.574   -3.803  -8.899  1.00 12.31 ? 56  THR B N   1 
ATOM   899  C  CA  . THR B 1 56 ? 5.548   -2.923  -9.584  1.00 14.53 ? 56  THR B CA  1 
ATOM   900  C  C   . THR B 1 56 ? 6.850   -2.798  -8.808  1.00 14.38 ? 56  THR B C   1 
ATOM   901  O  O   . THR B 1 56 ? 6.841   -3.055  -7.598  1.00 13.41 ? 56  THR B O   1 
ATOM   902  C  CB  . THR B 1 56 ? 4.868   -1.535  -9.882  1.00 22.48 ? 56  THR B CB  1 
ATOM   903  O  OG1 . THR B 1 56 ? 4.543   -0.914  -8.603  1.00 19.26 ? 56  THR B OG1 1 
ATOM   904  C  CG2 . THR B 1 56 ? 3.585   -1.672  -10.716 1.00 18.90 ? 56  THR B CG2 1 
ATOM   905  N  N   . ASP B 1 57 ? 7.960   -2.398  -9.399  1.00 10.75 ? 57  ASP B N   1 
ATOM   906  C  CA  . ASP B 1 57 ? 9.268   -2.296  -8.730  1.00 8.77  ? 57  ASP B CA  1 
ATOM   907  C  C   . ASP B 1 57 ? 9.242   -1.516  -7.414  1.00 11.08 ? 57  ASP B C   1 
ATOM   908  O  O   . ASP B 1 57 ? 8.769   -0.370  -7.379  1.00 14.32 ? 57  ASP B O   1 
ATOM   909  C  CB  . ASP B 1 57 ? 10.316  -1.715  -9.679  1.00 10.35 ? 57  ASP B CB  1 
ATOM   910  C  CG  . ASP B 1 57 ? 10.853  -2.572  -10.803 1.00 11.66 ? 57  ASP B CG  1 
ATOM   911  O  OD1 . ASP B 1 57 ? 10.475  -3.755  -10.937 1.00 9.26  ? 57  ASP B OD1 1 
ATOM   912  O  OD2 . ASP B 1 57 ? 11.701  -2.085  -11.578 1.00 15.40 ? 57  ASP B OD2 1 
ATOM   913  N  N   . LYS B 1 58 ? 9.761   -2.114  -6.358  1.00 9.69  ? 58  LYS B N   1 
ATOM   914  C  CA  . LYS B 1 58 ? 9.884   -1.517  -5.021  1.00 14.03 ? 58  LYS B CA  1 
ATOM   915  C  C   . LYS B 1 58 ? 8.607   -0.921  -4.433  1.00 11.03 ? 58  LYS B C   1 
ATOM   916  O  O   . LYS B 1 58 ? 8.583   0.145   -3.775  1.00 12.01 ? 58  LYS B O   1 
ATOM   917  C  CB  . LYS B 1 58 ? 11.005  -0.477  -5.069  1.00 11.45 ? 58  LYS B CB  1 
ATOM   918  C  CG  . LYS B 1 58 ? 12.384  -1.044  -5.403  1.00 13.98 ? 58  LYS B CG  1 
ATOM   919  C  CD  . LYS B 1 58 ? 13.259  0.179   -5.636  1.00 24.68 ? 58  LYS B CD  1 
ATOM   920  C  CE  . LYS B 1 58 ? 14.654  -0.219  -6.064  1.00 47.63 ? 58  LYS B CE  1 
ATOM   921  N  NZ  . LYS B 1 58 ? 15.272  0.992   -6.664  1.00 55.28 ? 58  LYS B NZ  1 
ATOM   922  N  N   . CYS B 1 59 ? 7.514   -1.654  -4.618  1.00 9.58  ? 59  CYS B N   1 
ATOM   923  C  CA  . CYS B 1 59 ? 6.200   -1.265  -4.093  1.00 8.26  ? 59  CYS B CA  1 
ATOM   924  C  C   . CYS B 1 59 ? 5.909   -1.732  -2.665  1.00 11.82 ? 59  CYS B C   1 
ATOM   925  O  O   . CYS B 1 59 ? 4.990   -1.180  -2.029  1.00 15.34 ? 59  CYS B O   1 
ATOM   926  C  CB  . CYS B 1 59 ? 5.119   -1.799  -5.044  1.00 13.92 ? 59  CYS B CB  1 
ATOM   927  S  SG  . CYS B 1 59 ? 5.008   -3.605  -5.193  1.00 13.59 ? 59  CYS B SG  1 
ATOM   928  N  N   . ASN B 1 60 ? 6.614   -2.706  -2.136  1.00 9.70  ? 60  ASN B N   1 
ATOM   929  C  CA  . ASN B 1 60 ? 6.365   -3.382  -0.860  1.00 11.81 ? 60  ASN B CA  1 
ATOM   930  C  C   . ASN B 1 60 ? 7.055   -2.805  0.366   1.00 15.26 ? 60  ASN B C   1 
ATOM   931  O  O   . ASN B 1 60 ? 8.012   -2.024  0.202   1.00 12.75 ? 60  ASN B O   1 
ATOM   932  C  CB  . ASN B 1 60 ? 6.675   -4.881  -1.007  1.00 12.56 ? 60  ASN B CB  1 
ATOM   933  C  CG  . ASN B 1 60 ? 8.137   -5.187  -1.265  1.00 10.27 ? 60  ASN B CG  1 
ATOM   934  O  OD1 . ASN B 1 60 ? 8.823   -4.495  -2.038  1.00 12.48 ? 60  ASN B OD1 1 
ATOM   935  N  ND2 . ASN B 1 60 ? 8.699   -6.238  -0.668  1.00 12.92 ? 60  ASN B ND2 1 
ATOM   936  O  OXT . ASN B 1 60 ? 6.589   -3.019  1.492   1.00 21.47 ? 60  ASN B OXT 1 
ATOM   937  N  N   . LEU C 1 1  ? -13.575 -8.833  -9.256  1.00 16.76 ? 1   LEU C N   1 
ATOM   938  C  CA  . LEU C 1 1  ? -12.775 -8.118  -8.259  1.00 10.53 ? 1   LEU C CA  1 
ATOM   939  C  C   . LEU C 1 1  ? -13.020 -8.699  -6.863  1.00 16.67 ? 1   LEU C C   1 
ATOM   940  O  O   . LEU C 1 1  ? -14.167 -8.852  -6.422  1.00 15.78 ? 1   LEU C O   1 
ATOM   941  C  CB  . LEU C 1 1  ? -13.056 -6.602  -8.277  1.00 12.09 ? 1   LEU C CB  1 
ATOM   942  C  CG  . LEU C 1 1  ? -12.306 -5.669  -7.325  1.00 13.15 ? 1   LEU C CG  1 
ATOM   943  C  CD1 . LEU C 1 1  ? -10.831 -5.538  -7.699  1.00 14.46 ? 1   LEU C CD1 1 
ATOM   944  C  CD2 . LEU C 1 1  ? -12.915 -4.264  -7.334  1.00 15.81 ? 1   LEU C CD2 1 
ATOM   945  N  N   . LYS C 1 2  ? -11.921 -8.943  -6.179  1.00 10.31 ? 2   LYS C N   1 
ATOM   946  C  CA  . LYS C 1 2  ? -11.891 -9.441  -4.799  1.00 14.23 ? 2   LYS C CA  1 
ATOM   947  C  C   . LYS C 1 2  ? -11.289 -8.352  -3.907  1.00 14.79 ? 2   LYS C C   1 
ATOM   948  O  O   . LYS C 1 2  ? -10.267 -7.758  -4.304  1.00 13.97 ? 2   LYS C O   1 
ATOM   949  C  CB  . LYS C 1 2  ? -11.056 -10.705 -4.694  1.00 20.97 ? 2   LYS C CB  1 
ATOM   950  C  CG  . LYS C 1 2  ? -11.667 -11.993 -5.248  1.00 24.70 ? 2   LYS C CG  1 
ATOM   951  C  CD  . LYS C 1 2  ? -10.569 -13.052 -5.232  1.00 36.82 ? 2   LYS C CD  1 
ATOM   952  C  CE  . LYS C 1 2  ? -11.067 -14.468 -5.390  1.00 32.54 ? 2   LYS C CE  1 
ATOM   953  N  NZ  . LYS C 1 2  ? -11.898 -14.622 -6.598  1.00 42.19 ? 2   LYS C NZ  1 
ATOM   954  N  N   . CYS C 1 3  ? -11.835 -8.089  -2.733  1.00 17.89 ? 3   CYS C N   1 
ATOM   955  C  CA  . CYS C 1 3  ? -11.342 -7.062  -1.804  1.00 12.55 ? 3   CYS C CA  1 
ATOM   956  C  C   . CYS C 1 3  ? -11.210 -7.594  -0.379  1.00 15.60 ? 3   CYS C C   1 
ATOM   957  O  O   . CYS C 1 3  ? -11.850 -8.595  -0.021  1.00 17.26 ? 3   CYS C O   1 
ATOM   958  C  CB  . CYS C 1 3  ? -12.283 -5.857  -1.772  1.00 10.45 ? 3   CYS C CB  1 
ATOM   959  S  SG  . CYS C 1 3  ? -12.530 -5.093  -3.385  1.00 16.50 ? 3   CYS C SG  1 
ATOM   960  N  N   . ASN C 1 4  ? -10.408 -6.920  0.431   1.00 16.41 ? 4   ASN C N   1 
ATOM   961  C  CA  . ASN C 1 4  ? -10.221 -7.285  1.846   1.00 12.44 ? 4   ASN C CA  1 
ATOM   962  C  C   . ASN C 1 4  ? -11.396 -6.712  2.653   1.00 18.26 ? 4   ASN C C   1 
ATOM   963  O  O   . ASN C 1 4  ? -12.025 -5.738  2.209   1.00 15.33 ? 4   ASN C O   1 
ATOM   964  C  CB  . ASN C 1 4  ? -8.900  -6.770  2.419   1.00 16.47 ? 4   ASN C CB  1 
ATOM   965  C  CG  . ASN C 1 4  ? -7.661  -7.357  1.784   1.00 16.78 ? 4   ASN C CG  1 
ATOM   966  O  OD1 . ASN C 1 4  ? -7.562  -8.569  1.562   1.00 22.82 ? 4   ASN C OD1 1 
ATOM   967  N  ND2 . ASN C 1 4  ? -6.654  -6.557  1.444   1.00 25.00 ? 4   ASN C ND2 1 
ATOM   968  N  N   . GLN C 1 5  ? -11.667 -7.289  3.805   1.00 20.52 ? 5   GLN C N   1 
ATOM   969  C  CA  . GLN C 1 5  ? -12.724 -6.842  4.736   1.00 18.56 ? 5   GLN C CA  1 
ATOM   970  C  C   . GLN C 1 5  ? -12.201 -6.938  6.171   1.00 20.13 ? 5   GLN C C   1 
ATOM   971  O  O   . GLN C 1 5  ? -11.141 -7.560  6.391   1.00 18.98 ? 5   GLN C O   1 
ATOM   972  C  CB  . GLN C 1 5  ? -14.035 -7.596  4.555   1.00 20.90 ? 5   GLN C CB  1 
ATOM   973  C  CG  . GLN C 1 5  ? -14.022 -9.105  4.578   1.00 37.08 ? 5   GLN C CG  1 
ATOM   974  C  CD  . GLN C 1 5  ? -15.360 -9.799  4.558   1.00 31.38 ? 5   GLN C CD  1 
ATOM   975  O  OE1 . GLN C 1 5  ? -15.514 -10.853 5.183   1.00 52.12 ? 5   GLN C OE1 1 
ATOM   976  N  NE2 . GLN C 1 5  ? -16.430 -9.350  3.906   1.00 29.74 ? 5   GLN C NE2 1 
ATOM   977  N  N   . LEU C 1 6  ? -12.894 -6.393  7.163   1.00 24.42 ? 6   LEU C N   1 
ATOM   978  C  CA  . LEU C 1 6  ? -12.393 -6.433  8.540   1.00 41.70 ? 6   LEU C CA  1 
ATOM   979  C  C   . LEU C 1 6  ? -12.411 -7.749  9.309   1.00 28.34 ? 6   LEU C C   1 
ATOM   980  O  O   . LEU C 1 6  ? -11.504 -8.017  10.109  1.00 28.84 ? 6   LEU C O   1 
ATOM   981  C  CB  . LEU C 1 6  ? -13.145 -5.432  9.439   1.00 35.53 ? 6   LEU C CB  1 
ATOM   982  C  CG  . LEU C 1 6  ? -12.988 -3.943  9.225   1.00 42.82 ? 6   LEU C CG  1 
ATOM   983  C  CD1 . LEU C 1 6  ? -13.971 -3.218  10.143  1.00 43.79 ? 6   LEU C CD1 1 
ATOM   984  C  CD2 . LEU C 1 6  ? -11.554 -3.501  9.499   1.00 42.39 ? 6   LEU C CD2 1 
ATOM   985  N  N   . ILE C 1 7  ? -13.454 -8.525  9.096   1.00 30.57 ? 7   ILE C N   1 
ATOM   986  C  CA  . ILE C 1 7  ? -13.616 -9.759  9.902   1.00 39.09 ? 7   ILE C CA  1 
ATOM   987  C  C   . ILE C 1 7  ? -13.274 -11.006 9.118   1.00 45.16 ? 7   ILE C C   1 
ATOM   988  O  O   . ILE C 1 7  ? -13.260 -10.919 7.878   1.00 31.86 ? 7   ILE C O   1 
ATOM   989  C  CB  . ILE C 1 7  ? -15.065 -9.713  10.510  1.00 38.48 ? 7   ILE C CB  1 
ATOM   990  C  CG1 . ILE C 1 7  ? -16.176 -9.767  9.439   1.00 30.04 ? 7   ILE C CG1 1 
ATOM   991  C  CG2 . ILE C 1 7  ? -15.161 -8.446  11.422  1.00 38.17 ? 7   ILE C CG2 1 
ATOM   992  C  CD1 . ILE C 1 7  ? -17.610 -9.840  10.057  1.00 34.54 ? 7   ILE C CD1 1 
ATOM   993  N  N   . PRO C 1 8  ? -12.970 -12.115 9.780   1.00 26.42 ? 8   PRO C N   1 
ATOM   994  C  CA  . PRO C 1 8  ? -12.610 -13.387 9.119   1.00 45.93 ? 8   PRO C CA  1 
ATOM   995  C  C   . PRO C 1 8  ? -13.702 -13.782 8.142   1.00 31.52 ? 8   PRO C C   1 
ATOM   996  O  O   . PRO C 1 8  ? -14.869 -13.595 8.541   1.00 38.81 ? 8   PRO C O   1 
ATOM   997  C  CB  . PRO C 1 8  ? -12.439 -14.383 10.263  1.00 54.20 ? 8   PRO C CB  1 
ATOM   998  C  CG  . PRO C 1 8  ? -12.181 -13.545 11.489  1.00 38.24 ? 8   PRO C CG  1 
ATOM   999  C  CD  . PRO C 1 8  ? -13.016 -12.293 11.238  1.00 39.81 ? 8   PRO C CD  1 
ATOM   1000 N  N   . PRO C 1 9  ? -13.488 -14.302 6.948   1.00 36.93 ? 9   PRO C N   1 
ATOM   1001 C  CA  . PRO C 1 9  ? -12.207 -14.662 6.356   1.00 34.73 ? 9   PRO C CA  1 
ATOM   1002 C  C   . PRO C 1 9  ? -11.288 -13.574 5.854   1.00 30.53 ? 9   PRO C C   1 
ATOM   1003 O  O   . PRO C 1 9  ? -10.250 -13.899 5.239   1.00 29.20 ? 9   PRO C O   1 
ATOM   1004 C  CB  . PRO C 1 9  ? -12.613 -15.626 5.223   1.00 38.05 ? 9   PRO C CB  1 
ATOM   1005 C  CG  . PRO C 1 9  ? -13.877 -14.964 4.725   1.00 43.10 ? 9   PRO C CG  1 
ATOM   1006 C  CD  . PRO C 1 9  ? -14.595 -14.663 6.043   1.00 33.69 ? 9   PRO C CD  1 
ATOM   1007 N  N   . PHE C 1 10 ? -11.596 -12.310 6.065   1.00 24.28 ? 10  PHE C N   1 
ATOM   1008 C  CA  . PHE C 1 10 ? -10.741 -11.171 5.689   1.00 22.37 ? 10  PHE C CA  1 
ATOM   1009 C  C   . PHE C 1 10 ? -10.715 -10.838 4.200   1.00 15.80 ? 10  PHE C C   1 
ATOM   1010 O  O   . PHE C 1 10 ? -9.961  -9.919  3.814   1.00 19.59 ? 10  PHE C O   1 
ATOM   1011 C  CB  . PHE C 1 10 ? -9.321  -11.308 6.288   1.00 26.29 ? 10  PHE C CB  1 
ATOM   1012 C  CG  . PHE C 1 10 ? -9.247  -11.475 7.782   1.00 30.15 ? 10  PHE C CG  1 
ATOM   1013 C  CD1 . PHE C 1 10 ? -9.624  -10.423 8.622   1.00 31.00 ? 10  PHE C CD1 1 
ATOM   1014 C  CD2 . PHE C 1 10 ? -8.855  -12.683 8.367   1.00 24.38 ? 10  PHE C CD2 1 
ATOM   1015 C  CE1 . PHE C 1 10 ? -9.620  -10.569 10.008  1.00 23.19 ? 10  PHE C CE1 1 
ATOM   1016 C  CE2 . PHE C 1 10 ? -8.836  -12.840 9.744   1.00 44.05 ? 10  PHE C CE2 1 
ATOM   1017 C  CZ  . PHE C 1 10 ? -9.220  -11.785 10.571  1.00 35.44 ? 10  PHE C CZ  1 
ATOM   1018 N  N   . TRP C 1 11 ? -11.503 -11.477 3.356   1.00 20.93 ? 11  TRP C N   1 
ATOM   1019 C  CA  . TRP C 1 11 ? -11.579 -11.208 1.910   1.00 19.03 ? 11  TRP C CA  1 
ATOM   1020 C  C   . TRP C 1 11 ? -13.017 -11.470 1.433   1.00 27.97 ? 11  TRP C C   1 
ATOM   1021 O  O   . TRP C 1 11 ? -13.721 -12.220 2.136   1.00 23.64 ? 11  TRP C O   1 
ATOM   1022 C  CB  . TRP C 1 11 ? -10.579 -12.059 1.111   1.00 23.52 ? 11  TRP C CB  1 
ATOM   1023 C  CG  . TRP C 1 11 ? -10.864 -13.516 0.949   1.00 23.91 ? 11  TRP C CG  1 
ATOM   1024 C  CD1 . TRP C 1 11 ? -10.531 -14.481 1.864   1.00 28.28 ? 11  TRP C CD1 1 
ATOM   1025 C  CD2 . TRP C 1 11 ? -11.599 -14.129 -0.117  1.00 26.95 ? 11  TRP C CD2 1 
ATOM   1026 N  NE1 . TRP C 1 11 ? -11.011 -15.687 1.425   1.00 26.56 ? 11  TRP C NE1 1 
ATOM   1027 C  CE2 . TRP C 1 11 ? -11.649 -15.491 0.235   1.00 27.91 ? 11  TRP C CE2 1 
ATOM   1028 C  CE3 . TRP C 1 11 ? -12.183 -13.685 -1.293  1.00 32.38 ? 11  TRP C CE3 1 
ATOM   1029 C  CZ2 . TRP C 1 11 ? -12.285 -16.407 -0.583  1.00 28.92 ? 11  TRP C CZ2 1 
ATOM   1030 C  CZ3 . TRP C 1 11 ? -12.830 -14.601 -2.104  1.00 25.52 ? 11  TRP C CZ3 1 
ATOM   1031 C  CH2 . TRP C 1 11 ? -12.867 -15.949 -1.754  1.00 30.71 ? 11  TRP C CH2 1 
ATOM   1032 N  N   . LYS C 1 12 ? -13.409 -10.990 0.268   1.00 20.32 ? 12  LYS C N   1 
ATOM   1033 C  CA  . LYS C 1 12 ? -14.708 -11.329 -0.340  1.00 14.96 ? 12  LYS C CA  1 
ATOM   1034 C  C   . LYS C 1 12 ? -14.718 -10.983 -1.840  1.00 24.19 ? 12  LYS C C   1 
ATOM   1035 O  O   . LYS C 1 12 ? -13.837 -10.222 -2.268  1.00 20.84 ? 12  LYS C O   1 
ATOM   1036 C  CB  . LYS C 1 12 ? -15.897 -10.679 0.341   1.00 18.81 ? 12  LYS C CB  1 
ATOM   1037 C  CG  . LYS C 1 12 ? -15.793 -9.153  0.224   1.00 22.16 ? 12  LYS C CG  1 
ATOM   1038 C  CD  . LYS C 1 12 ? -17.230 -8.702  0.343   1.00 45.22 ? 12  LYS C CD  1 
ATOM   1039 C  CE  . LYS C 1 12 ? -17.037 -7.201  0.406   1.00 50.19 ? 12  LYS C CE  1 
ATOM   1040 N  NZ  . LYS C 1 12 ? -18.344 -6.718  0.882   1.00 70.78 ? 12  LYS C NZ  1 
ATOM   1041 N  N   . THR C 1 13 ? -15.745 -11.394 -2.555  1.00 23.20 ? 13  THR C N   1 
ATOM   1042 C  CA  . THR C 1 13 ? -15.910 -11.054 -3.974  1.00 20.36 ? 13  THR C CA  1 
ATOM   1043 C  C   . THR C 1 13 ? -16.932 -9.926  -4.093  1.00 23.99 ? 13  THR C C   1 
ATOM   1044 O  O   . THR C 1 13 ? -17.999 -10.028 -3.461  1.00 25.56 ? 13  THR C O   1 
ATOM   1045 C  CB  . THR C 1 13 ? -16.372 -12.322 -4.782  1.00 20.14 ? 13  THR C CB  1 
ATOM   1046 O  OG1 . THR C 1 13 ? -15.294 -13.289 -4.602  1.00 23.81 ? 13  THR C OG1 1 
ATOM   1047 C  CG2 . THR C 1 13 ? -16.664 -12.068 -6.264  1.00 27.31 ? 13  THR C CG2 1 
ATOM   1048 N  N   . CYS C 1 14 ? -16.657 -8.897  -4.872  1.00 15.87 ? 14  CYS C N   1 
ATOM   1049 C  CA  . CYS C 1 14 ? -17.633 -7.808  -5.003  1.00 14.67 ? 14  CYS C CA  1 
ATOM   1050 C  C   . CYS C 1 14 ? -18.777 -8.124  -5.949  1.00 22.16 ? 14  CYS C C   1 
ATOM   1051 O  O   . CYS C 1 14 ? -18.588 -8.859  -6.936  1.00 19.37 ? 14  CYS C O   1 
ATOM   1052 C  CB  . CYS C 1 14 ? -16.925 -6.541  -5.507  1.00 20.73 ? 14  CYS C CB  1 
ATOM   1053 S  SG  . CYS C 1 14 ? -15.555 -5.990  -4.481  1.00 16.17 ? 14  CYS C SG  1 
ATOM   1054 N  N   . PRO C 1 15 ? -19.949 -7.576  -5.678  1.00 27.66 ? 15  PRO C N   1 
ATOM   1055 C  CA  . PRO C 1 15 ? -21.115 -7.688  -6.556  1.00 28.14 ? 15  PRO C CA  1 
ATOM   1056 C  C   . PRO C 1 15 ? -20.886 -6.851  -7.822  1.00 40.55 ? 15  PRO C C   1 
ATOM   1057 O  O   . PRO C 1 15 ? -20.059 -5.924  -7.836  1.00 26.07 ? 15  PRO C O   1 
ATOM   1058 C  CB  . PRO C 1 15 ? -22.285 -7.081  -5.780  1.00 28.05 ? 15  PRO C CB  1 
ATOM   1059 C  CG  . PRO C 1 15 ? -21.806 -7.117  -4.356  1.00 42.35 ? 15  PRO C CG  1 
ATOM   1060 C  CD  . PRO C 1 15 ? -20.308 -6.797  -4.481  1.00 31.70 ? 15  PRO C CD  1 
ATOM   1061 N  N   . LYS C 1 16 ? -21.668 -7.181  -8.835  1.00 45.99 ? 16  LYS C N   1 
ATOM   1062 C  CA  . LYS C 1 16 ? -21.676 -6.456  -10.109 1.00 45.88 ? 16  LYS C CA  1 
ATOM   1063 C  C   . LYS C 1 16 ? -22.156 -5.042  -9.780  1.00 24.28 ? 16  LYS C C   1 
ATOM   1064 O  O   . LYS C 1 16 ? -23.104 -4.890  -8.989  1.00 37.63 ? 16  LYS C O   1 
ATOM   1065 C  CB  . LYS C 1 16 ? -22.605 -7.088  -11.132 1.00 44.28 ? 16  LYS C CB  1 
ATOM   1066 C  CG  . LYS C 1 16 ? -21.954 -8.038  -12.136 1.00 52.31 ? 16  LYS C CG  1 
ATOM   1067 C  CD  . LYS C 1 16 ? -20.991 -7.358  -13.097 1.00 51.51 ? 16  LYS C CD  1 
ATOM   1068 C  CE  . LYS C 1 16 ? -21.621 -6.582  -14.227 1.00 67.59 ? 16  LYS C CE  1 
ATOM   1069 N  NZ  . LYS C 1 16 ? -22.319 -5.350  -13.794 1.00 62.79 ? 16  LYS C NZ  1 
ATOM   1070 N  N   . GLY C 1 17 ? -21.474 -4.052  -10.321 1.00 24.18 ? 17  GLY C N   1 
ATOM   1071 C  CA  . GLY C 1 17 ? -21.881 -2.672  -10.006 1.00 30.01 ? 17  GLY C CA  1 
ATOM   1072 C  C   . GLY C 1 17 ? -20.934 -2.136  -8.939  1.00 40.79 ? 17  GLY C C   1 
ATOM   1073 O  O   . GLY C 1 17 ? -20.634 -0.932  -9.041  1.00 32.93 ? 17  GLY C O   1 
ATOM   1074 N  N   . LYS C 1 18 ? -20.455 -2.901  -7.976  1.00 24.47 ? 18  LYS C N   1 
ATOM   1075 C  CA  . LYS C 1 18 ? -19.517 -2.366  -6.960  1.00 23.81 ? 18  LYS C CA  1 
ATOM   1076 C  C   . LYS C 1 18 ? -18.091 -2.683  -7.411  1.00 28.27 ? 18  LYS C C   1 
ATOM   1077 O  O   . LYS C 1 18 ? -17.508 -3.701  -6.983  1.00 26.57 ? 18  LYS C O   1 
ATOM   1078 C  CB  . LYS C 1 18 ? -19.843 -2.940  -5.587  1.00 20.02 ? 18  LYS C CB  1 
ATOM   1079 C  CG  . LYS C 1 18 ? -21.184 -2.576  -4.953  1.00 23.02 ? 18  LYS C CG  1 
ATOM   1080 C  CD  . LYS C 1 18 ? -21.263 -3.224  -3.575  1.00 38.93 ? 18  LYS C CD  1 
ATOM   1081 C  CE  . LYS C 1 18 ? -22.443 -2.855  -2.712  1.00 54.96 ? 18  LYS C CE  1 
ATOM   1082 N  NZ  . LYS C 1 18 ? -22.351 -3.477  -1.364  1.00 39.54 ? 18  LYS C NZ  1 
ATOM   1083 N  N   . ASN C 1 19 ? -17.458 -1.879  -8.253  1.00 16.04 ? 19  ASN C N   1 
ATOM   1084 C  CA  . ASN C 1 19 ? -16.135 -2.205  -8.815  1.00 12.48 ? 19  ASN C CA  1 
ATOM   1085 C  C   . ASN C 1 19 ? -14.913 -1.469  -8.285  1.00 19.15 ? 19  ASN C C   1 
ATOM   1086 O  O   . ASN C 1 19 ? -13.908 -1.258  -8.998  1.00 15.21 ? 19  ASN C O   1 
ATOM   1087 C  CB  . ASN C 1 19 ? -16.232 -2.108  -10.345 1.00 17.70 ? 19  ASN C CB  1 
ATOM   1088 C  CG  . ASN C 1 19 ? -16.464 -0.703  -10.868 1.00 26.71 ? 19  ASN C CG  1 
ATOM   1089 O  OD1 . ASN C 1 19 ? -16.923 0.222   -10.181 1.00 27.53 ? 19  ASN C OD1 1 
ATOM   1090 N  ND2 . ASN C 1 19 ? -16.108 -0.502  -12.137 1.00 30.43 ? 19  ASN C ND2 1 
ATOM   1091 N  N   . LEU C 1 20 ? -14.974 -1.116  -7.016  1.00 15.93 ? 20  LEU C N   1 
ATOM   1092 C  CA  . LEU C 1 20 ? -13.868 -0.496  -6.293  1.00 13.18 ? 20  LEU C CA  1 
ATOM   1093 C  C   . LEU C 1 20 ? -13.740 -1.137  -4.904  1.00 12.92 ? 20  LEU C C   1 
ATOM   1094 O  O   . LEU C 1 20 ? -14.760 -1.464  -4.281  1.00 13.09 ? 20  LEU C O   1 
ATOM   1095 C  CB  . LEU C 1 20 ? -14.029 1.007   -6.057  1.00 12.12 ? 20  LEU C CB  1 
ATOM   1096 C  CG  . LEU C 1 20 ? -13.903 2.017   -7.175  1.00 16.82 ? 20  LEU C CG  1 
ATOM   1097 C  CD1 . LEU C 1 20 ? -14.455 3.358   -6.703  1.00 12.91 ? 20  LEU C CD1 1 
ATOM   1098 C  CD2 . LEU C 1 20 ? -12.438 2.136   -7.591  1.00 19.18 ? 20  LEU C CD2 1 
ATOM   1099 N  N   . CYS C 1 21 ? -12.513 -1.289  -4.461  1.00 12.30 ? 21  CYS C N   1 
ATOM   1100 C  CA  . CYS C 1 21 ? -12.191 -1.706  -3.090  1.00 10.57 ? 21  CYS C CA  1 
ATOM   1101 C  C   . CYS C 1 21 ? -12.003 -0.407  -2.290  1.00 14.51 ? 21  CYS C C   1 
ATOM   1102 O  O   . CYS C 1 21 ? -11.450 0.556   -2.865  1.00 11.85 ? 21  CYS C O   1 
ATOM   1103 C  CB  . CYS C 1 21 ? -10.926 -2.542  -2.985  1.00 12.90 ? 21  CYS C CB  1 
ATOM   1104 S  SG  . CYS C 1 21 ? -10.784 -4.145  -3.797  1.00 12.77 ? 21  CYS C SG  1 
ATOM   1105 N  N   . TYR C 1 22 ? -12.360 -0.296  -1.020  1.00 11.43 ? 22  TYR C N   1 
ATOM   1106 C  CA  . TYR C 1 22 ? -12.131 0.912   -0.204  1.00 10.89 ? 22  TYR C CA  1 
ATOM   1107 C  C   . TYR C 1 22 ? -11.673 0.564   1.224   1.00 11.56 ? 22  TYR C C   1 
ATOM   1108 O  O   . TYR C 1 22 ? -11.971 -0.534  1.717   1.00 13.76 ? 22  TYR C O   1 
ATOM   1109 C  CB  . TYR C 1 22 ? -13.340 1.881   -0.141  1.00 12.37 ? 22  TYR C CB  1 
ATOM   1110 C  CG  . TYR C 1 22 ? -14.467 1.526   0.812   1.00 11.51 ? 22  TYR C CG  1 
ATOM   1111 C  CD1 . TYR C 1 22 ? -15.370 0.504   0.523   1.00 14.60 ? 22  TYR C CD1 1 
ATOM   1112 C  CD2 . TYR C 1 22 ? -14.553 2.161   2.056   1.00 14.28 ? 22  TYR C CD2 1 
ATOM   1113 C  CE1 . TYR C 1 22 ? -16.370 0.141   1.421   1.00 14.07 ? 22  TYR C CE1 1 
ATOM   1114 C  CE2 . TYR C 1 22 ? -15.544 1.802   2.962   1.00 21.08 ? 22  TYR C CE2 1 
ATOM   1115 C  CZ  . TYR C 1 22 ? -16.449 0.792   2.644   1.00 17.04 ? 22  TYR C CZ  1 
ATOM   1116 O  OH  . TYR C 1 22 ? -17.388 0.422   3.566   1.00 19.39 ? 22  TYR C OH  1 
ATOM   1117 N  N   . LYS C 1 23 ? -11.129 1.573   1.885   1.00 12.23 ? 23  LYS C N   1 
ATOM   1118 C  CA  . LYS C 1 23 ? -10.720 1.548   3.293   1.00 15.15 ? 23  LYS C CA  1 
ATOM   1119 C  C   . LYS C 1 23 ? -10.937 2.937   3.897   1.00 19.66 ? 23  LYS C C   1 
ATOM   1120 O  O   . LYS C 1 23 ? -10.498 3.941   3.304   1.00 13.17 ? 23  LYS C O   1 
ATOM   1121 C  CB  . LYS C 1 23 ? -9.274  1.208   3.417   1.00 15.97 ? 23  LYS C CB  1 
ATOM   1122 C  CG  . LYS C 1 23 ? -8.665  0.896   4.781   1.00 23.81 ? 23  LYS C CG  1 
ATOM   1123 C  CD  . LYS C 1 23 ? -7.200  1.315   4.819   1.00 28.42 ? 23  LYS C CD  1 
ATOM   1124 C  CE  . LYS C 1 23 ? -6.296  0.587   3.844   1.00 35.37 ? 23  LYS C CE  1 
ATOM   1125 N  NZ  . LYS C 1 23 ? -4.965  1.176   3.729   1.00 51.93 ? 23  LYS C NZ  1 
ATOM   1126 N  N   . MET C 1 24 ? -11.583 3.032   5.043   1.00 13.52 ? 24  MET C N   1 
ATOM   1127 C  CA  . MET C 1 24 ? -11.831 4.310   5.741   1.00 11.73 ? 24  MET C CA  1 
ATOM   1128 C  C   . MET C 1 24 ? -10.931 4.393   6.981   1.00 12.49 ? 24  MET C C   1 
ATOM   1129 O  O   . MET C 1 24 ? -10.938 3.413   7.751   1.00 14.91 ? 24  MET C O   1 
ATOM   1130 C  CB  . MET C 1 24 ? -13.302 4.455   6.133   1.00 13.59 ? 24  MET C CB  1 
ATOM   1131 C  CG  . MET C 1 24 ? -13.666 5.693   6.916   1.00 20.05 ? 24  MET C CG  1 
ATOM   1132 S  SD  . MET C 1 24 ? -15.405 5.677   7.454   1.00 25.02 ? 24  MET C SD  1 
ATOM   1133 C  CE  . MET C 1 24 ? -15.241 5.230   9.178   1.00 35.23 ? 24  MET C CE  1 
ATOM   1134 N  N   . THR C 1 25 ? -10.243 5.484   7.260   1.00 13.14 ? 25  THR C N   1 
ATOM   1135 C  CA  . THR C 1 25 ? -9.435  5.652   8.475   1.00 12.21 ? 25  THR C CA  1 
ATOM   1136 C  C   . THR C 1 25 ? -9.540  7.077   9.018   1.00 15.84 ? 25  THR C C   1 
ATOM   1137 O  O   . THR C 1 25 ? -9.990  7.967   8.276   1.00 16.43 ? 25  THR C O   1 
ATOM   1138 C  CB  . THR C 1 25 ? -7.895  5.396   8.214   1.00 15.89 ? 25  THR C CB  1 
ATOM   1139 O  OG1 . THR C 1 25 ? -7.550  6.230   7.062   1.00 16.70 ? 25  THR C OG1 1 
ATOM   1140 C  CG2 . THR C 1 25 ? -7.564  3.924   7.988   1.00 17.01 ? 25  THR C CG2 1 
ATOM   1141 N  N   . MET C 1 26 ? -9.105  7.273   10.249  1.00 15.93 ? 26  MET C N   1 
ATOM   1142 C  CA  . MET C 1 26 ? -8.957  8.595   10.873  1.00 14.21 ? 26  MET C CA  1 
ATOM   1143 C  C   . MET C 1 26 ? -7.621  9.071   10.259  1.00 13.88 ? 26  MET C C   1 
ATOM   1144 O  O   . MET C 1 26 ? -6.649  8.286   10.315  1.00 16.79 ? 26  MET C O   1 
ATOM   1145 C  CB  . MET C 1 26 ? -8.752  8.571   12.367  1.00 24.51 ? 26  MET C CB  1 
ATOM   1146 C  CG  . MET C 1 26 ? -9.928  8.427   13.282  1.00 51.83 ? 26  MET C CG  1 
ATOM   1147 S  SD  . MET C 1 26 ? -9.469  8.639   15.039  1.00 36.75 ? 26  MET C SD  1 
ATOM   1148 C  CE  . MET C 1 26 ? -8.635  10.236  15.020  1.00 35.92 ? 26  MET C CE  1 
ATOM   1149 N  N   . ARG C 1 27 ? -7.520  10.267  9.723   1.00 13.10 ? 27  ARG C N   1 
ATOM   1150 C  CA  . ARG C 1 27 ? -6.266  10.758  9.116   1.00 19.33 ? 27  ARG C CA  1 
ATOM   1151 C  C   . ARG C 1 27 ? -5.119  10.726  10.126  1.00 20.07 ? 27  ARG C C   1 
ATOM   1152 O  O   . ARG C 1 27 ? -3.968  10.373  9.796   1.00 22.24 ? 27  ARG C O   1 
ATOM   1153 C  CB  . ARG C 1 27 ? -6.467  12.136  8.482   1.00 16.55 ? 27  ARG C CB  1 
ATOM   1154 C  CG  . ARG C 1 27 ? -5.329  12.673  7.627   1.00 22.34 ? 27  ARG C CG  1 
ATOM   1155 C  CD  . ARG C 1 27 ? -5.634  13.966  6.953   1.00 28.88 ? 27  ARG C CD  1 
ATOM   1156 N  NE  . ARG C 1 27 ? -6.773  13.940  6.052   1.00 21.06 ? 27  ARG C NE  1 
ATOM   1157 C  CZ  . ARG C 1 27 ? -6.771  13.525  4.787   1.00 30.79 ? 27  ARG C CZ  1 
ATOM   1158 N  NH1 . ARG C 1 27 ? -5.676  13.085  4.165   1.00 19.54 ? 27  ARG C NH1 1 
ATOM   1159 N  NH2 . ARG C 1 27 ? -7.907  13.554  4.094   1.00 31.05 ? 27  ARG C NH2 1 
ATOM   1160 N  N   . ALA C 1 28 ? -5.391  11.039  11.383  1.00 16.95 ? 28  ALA C N   1 
ATOM   1161 C  CA  . ALA C 1 28 ? -4.367  11.012  12.436  1.00 20.58 ? 28  ALA C CA  1 
ATOM   1162 C  C   . ALA C 1 28 ? -4.006  9.611   12.930  1.00 35.95 ? 28  ALA C C   1 
ATOM   1163 O  O   . ALA C 1 28 ? -3.053  9.491   13.730  1.00 29.47 ? 28  ALA C O   1 
ATOM   1164 C  CB  . ALA C 1 28 ? -4.831  11.872  13.610  1.00 17.77 ? 28  ALA C CB  1 
ATOM   1165 N  N   . ALA C 1 29 ? -4.703  8.555   12.536  1.00 18.44 ? 29  ALA C N   1 
ATOM   1166 C  CA  . ALA C 1 29 ? -4.406  7.170   12.999  1.00 27.18 ? 29  ALA C CA  1 
ATOM   1167 C  C   . ALA C 1 29 ? -4.479  6.186   11.837  1.00 20.74 ? 29  ALA C C   1 
ATOM   1168 O  O   . ALA C 1 29 ? -5.374  5.328   11.713  1.00 20.18 ? 29  ALA C O   1 
ATOM   1169 C  CB  . ALA C 1 29 ? -5.393  6.814   14.112  1.00 23.72 ? 29  ALA C CB  1 
ATOM   1170 N  N   . PRO C 1 30 ? -3.522  6.296   10.928  1.00 20.18 ? 30  PRO C N   1 
ATOM   1171 C  CA  . PRO C 1 30 ? -3.532  5.532   9.680   1.00 19.59 ? 30  PRO C CA  1 
ATOM   1172 C  C   . PRO C 1 30 ? -3.398  4.035   9.773   1.00 26.99 ? 30  PRO C C   1 
ATOM   1173 O  O   . PRO C 1 30 ? -3.693  3.379   8.755   1.00 28.66 ? 30  PRO C O   1 
ATOM   1174 C  CB  . PRO C 1 30 ? -2.407  6.186   8.859   1.00 34.35 ? 30  PRO C CB  1 
ATOM   1175 C  CG  . PRO C 1 30 ? -1.419  6.546   9.944   1.00 33.98 ? 30  PRO C CG  1 
ATOM   1176 C  CD  . PRO C 1 30 ? -2.325  7.156   11.021  1.00 23.79 ? 30  PRO C CD  1 
ATOM   1177 N  N   . MET C 1 31 ? -3.004  3.485   10.904  1.00 25.36 ? 31  MET C N   1 
ATOM   1178 C  CA  . MET C 1 31 ? -2.806  2.030   10.986  1.00 25.00 ? 31  MET C CA  1 
ATOM   1179 C  C   . MET C 1 31 ? -4.038  1.244   11.419  1.00 24.59 ? 31  MET C C   1 
ATOM   1180 O  O   . MET C 1 31 ? -3.962  -0.003  11.396  1.00 23.52 ? 31  MET C O   1 
ATOM   1181 C  CB  . MET C 1 31 ? -1.628  1.691   11.888  1.00 28.56 ? 31  MET C CB  1 
ATOM   1182 C  CG  . MET C 1 31 ? -0.273  2.279   11.710  1.00 38.32 ? 31  MET C CG  1 
ATOM   1183 S  SD  . MET C 1 31 ? 0.238   2.534   9.984   1.00 46.56 ? 31  MET C SD  1 
ATOM   1184 C  CE  . MET C 1 31 ? 0.761   0.873   9.533   1.00 26.93 ? 31  MET C CE  1 
ATOM   1185 N  N   . VAL C 1 32 ? -5.146  1.843   11.799  1.00 18.38 ? 32  VAL C N   1 
ATOM   1186 C  CA  . VAL C 1 32 ? -6.308  1.062   12.241  1.00 18.89 ? 32  VAL C CA  1 
ATOM   1187 C  C   . VAL C 1 32 ? -7.484  1.330   11.305  1.00 17.34 ? 32  VAL C C   1 
ATOM   1188 O  O   . VAL C 1 32 ? -8.105  2.403   11.462  1.00 22.59 ? 32  VAL C O   1 
ATOM   1189 C  CB  . VAL C 1 32 ? -6.663  1.380   13.722  1.00 22.32 ? 32  VAL C CB  1 
ATOM   1190 C  CG1 . VAL C 1 32 ? -7.786  0.459   14.219  1.00 18.65 ? 32  VAL C CG1 1 
ATOM   1191 C  CG2 . VAL C 1 32 ? -5.484  1.371   14.679  1.00 39.55 ? 32  VAL C CG2 1 
ATOM   1192 N  N   . PRO C 1 33 ? -7.851  0.467   10.376  1.00 20.46 ? 33  PRO C N   1 
ATOM   1193 C  CA  . PRO C 1 33 ? -9.025  0.671   9.513   1.00 20.68 ? 33  PRO C CA  1 
ATOM   1194 C  C   . PRO C 1 33 ? -10.334 0.475   10.287  1.00 24.06 ? 33  PRO C C   1 
ATOM   1195 O  O   . PRO C 1 33 ? -10.494 -0.450  11.102  1.00 22.25 ? 33  PRO C O   1 
ATOM   1196 C  CB  . PRO C 1 33 ? -8.871  -0.348  8.393   1.00 23.33 ? 33  PRO C CB  1 
ATOM   1197 C  CG  . PRO C 1 33 ? -8.079  -1.450  9.053   1.00 37.51 ? 33  PRO C CG  1 
ATOM   1198 C  CD  . PRO C 1 33 ? -7.113  -0.739  9.989   1.00 29.86 ? 33  PRO C CD  1 
ATOM   1199 N  N   . VAL C 1 34 ? -11.258 1.376   10.003  1.00 14.77 ? 34  VAL C N   1 
ATOM   1200 C  CA  . VAL C 1 34 ? -12.579 1.426   10.647  1.00 15.20 ? 34  VAL C CA  1 
ATOM   1201 C  C   . VAL C 1 34 ? -13.639 0.698   9.817   1.00 18.83 ? 34  VAL C C   1 
ATOM   1202 O  O   . VAL C 1 34 ? -14.583 0.116   10.383  1.00 17.31 ? 34  VAL C O   1 
ATOM   1203 C  CB  . VAL C 1 34 ? -12.927 2.892   10.965  1.00 20.59 ? 34  VAL C CB  1 
ATOM   1204 C  CG1 . VAL C 1 34 ? -14.267 3.034   11.682  1.00 24.62 ? 34  VAL C CG1 1 
ATOM   1205 C  CG2 . VAL C 1 34 ? -11.883 3.543   11.867  1.00 28.42 ? 34  VAL C CG2 1 
ATOM   1206 N  N   . LYS C 1 35 ? -13.543 0.802   8.507   1.00 13.39 ? 35  LYS C N   1 
ATOM   1207 C  CA  . LYS C 1 35 ? -14.438 0.170   7.524   1.00 19.08 ? 35  LYS C CA  1 
ATOM   1208 C  C   . LYS C 1 35 ? -13.587 -0.318  6.351   1.00 13.97 ? 35  LYS C C   1 
ATOM   1209 O  O   . LYS C 1 35 ? -12.607 0.369   6.008   1.00 12.50 ? 35  LYS C O   1 
ATOM   1210 C  CB  . LYS C 1 35 ? -15.549 1.085   7.015   1.00 20.04 ? 35  LYS C CB  1 
ATOM   1211 C  CG  . LYS C 1 35 ? -16.594 1.391   8.080   1.00 25.79 ? 35  LYS C CG  1 
ATOM   1212 C  CD  . LYS C 1 35 ? -17.840 2.135   7.635   1.00 25.80 ? 35  LYS C CD  1 
ATOM   1213 C  CE  . LYS C 1 35 ? -18.680 2.474   8.854   1.00 51.57 ? 35  LYS C CE  1 
ATOM   1214 N  NZ  . LYS C 1 35 ? -19.384 1.312   9.442   1.00 40.81 ? 35  LYS C NZ  1 
ATOM   1215 N  N   . ARG C 1 36 ? -13.917 -1.442  5.741   1.00 16.93 ? 36  ARG C N   1 
ATOM   1216 C  CA  . ARG C 1 36 ? -13.107 -2.020  4.645   1.00 15.89 ? 36  ARG C CA  1 
ATOM   1217 C  C   . ARG C 1 36 ? -13.996 -2.896  3.769   1.00 20.98 ? 36  ARG C C   1 
ATOM   1218 O  O   . ARG C 1 36 ? -14.598 -3.814  4.373   1.00 17.69 ? 36  ARG C O   1 
ATOM   1219 C  CB  . ARG C 1 36 ? -11.977 -2.834  5.288   1.00 18.14 ? 36  ARG C CB  1 
ATOM   1220 C  CG  . ARG C 1 36 ? -10.679 -3.103  4.554   1.00 23.14 ? 36  ARG C CG  1 
ATOM   1221 C  CD  . ARG C 1 36 ? -9.706  -3.845  5.415   1.00 22.03 ? 36  ARG C CD  1 
ATOM   1222 N  NE  . ARG C 1 36 ? -8.411  -4.006  4.765   1.00 20.20 ? 36  ARG C NE  1 
ATOM   1223 C  CZ  . ARG C 1 36 ? -7.412  -4.791  5.170   1.00 26.24 ? 36  ARG C CZ  1 
ATOM   1224 N  NH1 . ARG C 1 36 ? -7.487  -5.504  6.296   1.00 29.42 ? 36  ARG C NH1 1 
ATOM   1225 N  NH2 . ARG C 1 36 ? -6.288  -4.884  4.458   1.00 22.00 ? 36  ARG C NH2 1 
ATOM   1226 N  N   . GLY C 1 37 ? -14.136 -2.713  2.460   1.00 16.73 ? 37  GLY C N   1 
ATOM   1227 C  CA  . GLY C 1 37 ? -14.998 -3.575  1.624   1.00 16.68 ? 37  GLY C CA  1 
ATOM   1228 C  C   . GLY C 1 37 ? -15.116 -3.191  0.149   1.00 19.94 ? 37  GLY C C   1 
ATOM   1229 O  O   . GLY C 1 37 ? -14.119 -2.696  -0.412  1.00 15.88 ? 37  GLY C O   1 
ATOM   1230 N  N   . CYS C 1 38 ? -16.271 -3.389  -0.479  1.00 16.53 ? 38  CYS C N   1 
ATOM   1231 C  CA  . CYS C 1 38 ? -16.542 -3.048  -1.883  1.00 13.89 ? 38  CYS C CA  1 
ATOM   1232 C  C   . CYS C 1 38 ? -17.469 -1.834  -1.996  1.00 19.82 ? 38  CYS C C   1 
ATOM   1233 O  O   . CYS C 1 38 ? -18.375 -1.708  -1.151  1.00 17.32 ? 38  CYS C O   1 
ATOM   1234 C  CB  . CYS C 1 38 ? -17.216 -4.191  -2.646  1.00 12.03 ? 38  CYS C CB  1 
ATOM   1235 S  SG  . CYS C 1 38 ? -16.339 -5.758  -2.626  1.00 16.59 ? 38  CYS C SG  1 
ATOM   1236 N  N   . ILE C 1 39 ? -17.334 -0.989  -3.004  1.00 13.02 ? 39  ILE C N   1 
ATOM   1237 C  CA  . ILE C 1 39 ? -18.225 0.176   -3.208  1.00 14.30 ? 39  ILE C CA  1 
ATOM   1238 C  C   . ILE C 1 39 ? -18.322 0.511   -4.695  1.00 17.49 ? 39  ILE C C   1 
ATOM   1239 O  O   . ILE C 1 39 ? -17.519 -0.022  -5.488  1.00 15.71 ? 39  ILE C O   1 
ATOM   1240 C  CB  . ILE C 1 39 ? -17.727 1.354   -2.284  1.00 14.44 ? 39  ILE C CB  1 
ATOM   1241 C  CG1 . ILE C 1 39 ? -18.851 2.405   -2.109  1.00 20.69 ? 39  ILE C CG1 1 
ATOM   1242 C  CG2 . ILE C 1 39 ? -16.423 2.010   -2.817  1.00 13.81 ? 39  ILE C CG2 1 
ATOM   1243 C  CD1 . ILE C 1 39 ? -18.666 3.445   -0.973  1.00 21.49 ? 39  ILE C CD1 1 
ATOM   1244 N  N   . ASP C 1 40 ? -19.207 1.369   -5.154  1.00 14.00 ? 40  ASP C N   1 
ATOM   1245 C  CA  . ASP C 1 40 ? -19.381 1.831   -6.531  1.00 18.30 ? 40  ASP C CA  1 
ATOM   1246 C  C   . ASP C 1 40 ? -18.707 3.176   -6.834  1.00 21.21 ? 40  ASP C C   1 
ATOM   1247 O  O   . ASP C 1 40 ? -18.137 3.303   -7.935  1.00 22.01 ? 40  ASP C O   1 
ATOM   1248 C  CB  . ASP C 1 40 ? -20.856 1.891   -6.943  1.00 17.06 ? 40  ASP C CB  1 
ATOM   1249 C  CG  . ASP C 1 40 ? -21.735 2.809   -6.120  1.00 35.82 ? 40  ASP C CG  1 
ATOM   1250 O  OD1 . ASP C 1 40 ? -21.604 2.879   -4.880  1.00 23.59 ? 40  ASP C OD1 1 
ATOM   1251 O  OD2 . ASP C 1 40 ? -22.612 3.502   -6.665  1.00 25.43 ? 40  ASP C OD2 1 
ATOM   1252 N  N   . VAL C 1 41 ? -18.745 4.173   -5.974  1.00 16.82 ? 41  VAL C N   1 
ATOM   1253 C  CA  . VAL C 1 41 ? -18.156 5.508   -6.158  1.00 10.95 ? 41  VAL C CA  1 
ATOM   1254 C  C   . VAL C 1 41 ? -17.294 5.794   -4.921  1.00 20.23 ? 41  VAL C C   1 
ATOM   1255 O  O   . VAL C 1 41 ? -17.782 5.424   -3.834  1.00 16.18 ? 41  VAL C O   1 
ATOM   1256 C  CB  . VAL C 1 41 ? -19.217 6.617   -6.319  1.00 23.12 ? 41  VAL C CB  1 
ATOM   1257 C  CG1 . VAL C 1 41 ? -18.615 8.002   -6.554  1.00 28.82 ? 41  VAL C CG1 1 
ATOM   1258 C  CG2 . VAL C 1 41 ? -20.213 6.306   -7.424  1.00 40.21 ? 41  VAL C CG2 1 
ATOM   1259 N  N   . CYS C 1 42 ? -16.150 6.453   -4.984  1.00 14.83 ? 42  CYS C N   1 
ATOM   1260 C  CA  . CYS C 1 42 ? -15.367 6.735   -3.761  1.00 15.32 ? 42  CYS C CA  1 
ATOM   1261 C  C   . CYS C 1 42 ? -15.951 7.900   -2.968  1.00 18.80 ? 42  CYS C C   1 
ATOM   1262 O  O   . CYS C 1 42 ? -16.081 8.979   -3.584  1.00 17.70 ? 42  CYS C O   1 
ATOM   1263 C  CB  . CYS C 1 42 ? -13.906 7.066   -4.113  1.00 14.83 ? 42  CYS C CB  1 
ATOM   1264 S  SG  . CYS C 1 42 ? -12.700 6.774   -2.790  1.00 17.20 ? 42  CYS C SG  1 
ATOM   1265 N  N   . PRO C 1 43 ? -16.273 7.796   -1.689  1.00 16.33 ? 43  PRO C N   1 
ATOM   1266 C  CA  . PRO C 1 43 ? -16.758 8.905   -0.857  1.00 20.78 ? 43  PRO C CA  1 
ATOM   1267 C  C   . PRO C 1 43 ? -15.733 10.026  -0.680  1.00 18.97 ? 43  PRO C C   1 
ATOM   1268 O  O   . PRO C 1 43 ? -14.510 9.812   -0.731  1.00 18.31 ? 43  PRO C O   1 
ATOM   1269 C  CB  . PRO C 1 43 ? -17.097 8.299   0.508   1.00 16.29 ? 43  PRO C CB  1 
ATOM   1270 C  CG  . PRO C 1 43 ? -17.244 6.827   0.221   1.00 16.77 ? 43  PRO C CG  1 
ATOM   1271 C  CD  . PRO C 1 43 ? -16.206 6.569   -0.878  1.00 16.38 ? 43  PRO C CD  1 
ATOM   1272 N  N   . LYS C 1 44 ? -16.259 11.212  -0.417  1.00 19.76 ? 44  LYS C N   1 
ATOM   1273 C  CA  . LYS C 1 44 ? -15.430 12.403  -0.216  1.00 18.37 ? 44  LYS C CA  1 
ATOM   1274 C  C   . LYS C 1 44 ? -14.639 12.356  1.088   1.00 25.08 ? 44  LYS C C   1 
ATOM   1275 O  O   . LYS C 1 44 ? -15.215 12.081  2.155   1.00 24.18 ? 44  LYS C O   1 
ATOM   1276 C  CB  . LYS C 1 44 ? -16.266 13.684  -0.187  1.00 27.77 ? 44  LYS C CB  1 
ATOM   1277 C  CG  . LYS C 1 44 ? -16.779 14.128  -1.556  1.00 64.09 ? 44  LYS C CG  1 
ATOM   1278 C  CD  . LYS C 1 44 ? -16.442 15.593  -1.834  1.00 70.50 ? 44  LYS C CD  1 
ATOM   1279 C  CE  . LYS C 1 44 ? -17.077 16.041  -3.141  1.00 75.48 ? 44  LYS C CE  1 
ATOM   1280 N  NZ  . LYS C 1 44 ? -16.816 17.461  -3.477  1.00 53.68 ? 44  LYS C NZ  1 
ATOM   1281 N  N   . SER C 1 45 ? -13.343 12.593  1.025   1.00 18.89 ? 45  SER C N   1 
ATOM   1282 C  CA  . SER C 1 45 ? -12.516 12.662  2.244   1.00 18.97 ? 45  SER C CA  1 
ATOM   1283 C  C   . SER C 1 45 ? -12.651 14.061  2.852   1.00 36.61 ? 45  SER C C   1 
ATOM   1284 O  O   . SER C 1 45 ? -13.136 14.985  2.176   1.00 23.59 ? 45  SER C O   1 
ATOM   1285 C  CB  . SER C 1 45 ? -11.069 12.374  1.889   1.00 21.42 ? 45  SER C CB  1 
ATOM   1286 O  OG  . SER C 1 45 ? -10.878 10.996  1.623   1.00 21.91 ? 45  SER C OG  1 
ATOM   1287 N  N   . SER C 1 46 ? -12.212 14.255  4.081   1.00 21.88 ? 46  SER C N   1 
ATOM   1288 C  CA  . SER C 1 46 ? -12.231 15.550  4.783   1.00 28.62 ? 46  SER C CA  1 
ATOM   1289 C  C   . SER C 1 46 ? -10.920 15.705  5.558   1.00 25.78 ? 46  SER C C   1 
ATOM   1290 O  O   . SER C 1 46 ? -10.024 14.846  5.435   1.00 26.19 ? 46  SER C O   1 
ATOM   1291 C  CB  . SER C 1 46 ? -13.428 15.660  5.711   1.00 24.75 ? 46  SER C CB  1 
ATOM   1292 O  OG  . SER C 1 46 ? -13.501 14.662  6.706   1.00 31.18 ? 46  SER C OG  1 
ATOM   1293 N  N   . LEU C 1 47 ? -10.789 16.752  6.361   1.00 26.23 ? 47  LEU C N   1 
ATOM   1294 C  CA  . LEU C 1 47 ? -9.591  16.932  7.169   1.00 28.27 ? 47  LEU C CA  1 
ATOM   1295 C  C   . LEU C 1 47 ? -9.401  15.762  8.144   1.00 27.90 ? 47  LEU C C   1 
ATOM   1296 O  O   . LEU C 1 47 ? -8.270  15.283  8.328   1.00 24.60 ? 47  LEU C O   1 
ATOM   1297 C  CB  . LEU C 1 47 ? -9.620  18.253  7.954   1.00 33.30 ? 47  LEU C CB  1 
ATOM   1298 C  CG  . LEU C 1 47 ? -8.435  18.483  8.901   1.00 56.05 ? 47  LEU C CG  1 
ATOM   1299 C  CD1 . LEU C 1 47 ? -7.099  18.590  8.169   1.00 39.31 ? 47  LEU C CD1 1 
ATOM   1300 C  CD2 . LEU C 1 47 ? -8.671  19.746  9.703   1.00 57.53 ? 47  LEU C CD2 1 
ATOM   1301 N  N   . LEU C 1 48 ? -10.475 15.407  8.818   1.00 26.28 ? 48  LEU C N   1 
ATOM   1302 C  CA  . LEU C 1 48 ? -10.323 14.324  9.796   1.00 26.28 ? 48  LEU C CA  1 
ATOM   1303 C  C   . LEU C 1 48 ? -10.485 12.913  9.280   1.00 25.22 ? 48  LEU C C   1 
ATOM   1304 O  O   . LEU C 1 48 ? -9.931  12.003  9.924   1.00 22.18 ? 48  LEU C O   1 
ATOM   1305 C  CB  . LEU C 1 48 ? -11.278 14.664  10.954  1.00 27.94 ? 48  LEU C CB  1 
ATOM   1306 C  CG  . LEU C 1 48 ? -11.020 15.937  11.743  1.00 54.25 ? 48  LEU C CG  1 
ATOM   1307 C  CD1 . LEU C 1 48 ? -11.994 15.986  12.922  1.00 62.17 ? 48  LEU C CD1 1 
ATOM   1308 C  CD2 . LEU C 1 48 ? -9.605  16.027  12.318  1.00 47.57 ? 48  LEU C CD2 1 
ATOM   1309 N  N   . ILE C 1 49 ? -11.187 12.730  8.183   1.00 21.34 ? 49  ILE C N   1 
ATOM   1310 C  CA  . ILE C 1 49 ? -11.475 11.388  7.659   1.00 27.42 ? 49  ILE C CA  1 
ATOM   1311 C  C   . ILE C 1 49 ? -10.936 11.159  6.249   1.00 20.60 ? 49  ILE C C   1 
ATOM   1312 O  O   . ILE C 1 49 ? -11.224 11.967  5.357   1.00 28.76 ? 49  ILE C O   1 
ATOM   1313 C  CB  . ILE C 1 49 ? -13.027 11.169  7.788   1.00 27.36 ? 49  ILE C CB  1 
ATOM   1314 C  CG1 . ILE C 1 49 ? -13.350 10.424  9.107   1.00 67.49 ? 49  ILE C CG1 1 
ATOM   1315 C  CG2 . ILE C 1 49 ? -13.743 10.289  6.735   1.00 46.74 ? 49  ILE C CG2 1 
ATOM   1316 C  CD1 . ILE C 1 49 ? -13.485 11.284  10.377  1.00 51.04 ? 49  ILE C CD1 1 
ATOM   1317 N  N   . LYS C 1 50 ? -10.312 10.011  6.078   1.00 18.65 ? 50  LYS C N   1 
ATOM   1318 C  CA  . LYS C 1 50 ? -9.778  9.619   4.772   1.00 18.98 ? 50  LYS C CA  1 
ATOM   1319 C  C   . LYS C 1 50 ? -10.424 8.346   4.219   1.00 19.76 ? 50  LYS C C   1 
ATOM   1320 O  O   . LYS C 1 50 ? -10.551 7.339   4.934   1.00 18.04 ? 50  LYS C O   1 
ATOM   1321 C  CB  . LYS C 1 50 ? -8.258  9.441   4.902   1.00 20.90 ? 50  LYS C CB  1 
ATOM   1322 C  CG  . LYS C 1 50 ? -7.647  9.289   3.510   1.00 38.35 ? 50  LYS C CG  1 
ATOM   1323 C  CD  . LYS C 1 50 ? -6.180  8.912   3.541   1.00 41.38 ? 50  LYS C CD  1 
ATOM   1324 C  CE  . LYS C 1 50 ? -5.829  8.737   2.076   1.00 36.78 ? 50  LYS C CE  1 
ATOM   1325 N  NZ  . LYS C 1 50 ? -4.459  8.219   1.905   1.00 51.52 ? 50  LYS C NZ  1 
ATOM   1326 N  N   . TYR C 1 51 ? -10.792 8.365   2.943   1.00 14.47 ? 51  TYR C N   1 
ATOM   1327 C  CA  . TYR C 1 51 ? -11.311 7.187   2.235   1.00 16.19 ? 51  TYR C CA  1 
ATOM   1328 C  C   . TYR C 1 51 ? -10.285 6.873   1.138   1.00 19.17 ? 51  TYR C C   1 
ATOM   1329 O  O   . TYR C 1 51 ? -9.965  7.784   0.352   1.00 19.72 ? 51  TYR C O   1 
ATOM   1330 C  CB  . TYR C 1 51 ? -12.700 7.387   1.622   1.00 17.16 ? 51  TYR C CB  1 
ATOM   1331 C  CG  . TYR C 1 51 ? -13.881 7.457   2.558   1.00 18.78 ? 51  TYR C CG  1 
ATOM   1332 C  CD1 . TYR C 1 51 ? -14.328 8.666   3.088   1.00 20.50 ? 51  TYR C CD1 1 
ATOM   1333 C  CD2 . TYR C 1 51 ? -14.578 6.292   2.901   1.00 15.45 ? 51  TYR C CD2 1 
ATOM   1334 C  CE1 . TYR C 1 51 ? -15.431 8.728   3.936   1.00 19.02 ? 51  TYR C CE1 1 
ATOM   1335 C  CE2 . TYR C 1 51 ? -15.683 6.339   3.747   1.00 20.12 ? 51  TYR C CE2 1 
ATOM   1336 C  CZ  . TYR C 1 51 ? -16.107 7.562   4.264   1.00 20.39 ? 51  TYR C CZ  1 
ATOM   1337 O  OH  . TYR C 1 51 ? -17.187 7.602   5.100   1.00 22.77 ? 51  TYR C OH  1 
ATOM   1338 N  N   . MET C 1 52 ? -9.727  5.684   1.065   1.00 11.94 ? 52  MET C N   1 
ATOM   1339 C  CA  . MET C 1 52 ? -8.763  5.290   0.011   1.00 13.01 ? 52  MET C CA  1 
ATOM   1340 C  C   . MET C 1 52 ? -9.510  4.294   -0.879  1.00 13.00 ? 52  MET C C   1 
ATOM   1341 O  O   . MET C 1 52 ? -10.055 3.328   -0.314  1.00 13.72 ? 52  MET C O   1 
ATOM   1342 C  CB  . MET C 1 52 ? -7.516  4.707   0.646   1.00 14.39 ? 52  MET C CB  1 
ATOM   1343 C  CG  . MET C 1 52 ? -6.372  4.203   -0.161  1.00 24.62 ? 52  MET C CG  1 
ATOM   1344 S  SD  . MET C 1 52 ? -6.644  2.759   -1.235  1.00 34.31 ? 52  MET C SD  1 
ATOM   1345 C  CE  . MET C 1 52 ? -7.064  1.473   -0.051  1.00 26.96 ? 52  MET C CE  1 
ATOM   1346 N  N   . CYS C 1 53 ? -9.520  4.424   -2.194  1.00 14.47 ? 53  CYS C N   1 
ATOM   1347 C  CA  . CYS C 1 53 ? -10.176 3.496   -3.135  1.00 14.00 ? 53  CYS C CA  1 
ATOM   1348 C  C   . CYS C 1 53 ? -9.205  2.984   -4.206  1.00 12.52 ? 53  CYS C C   1 
ATOM   1349 O  O   . CYS C 1 53 ? -8.301  3.752   -4.589  1.00 15.23 ? 53  CYS C O   1 
ATOM   1350 C  CB  . CYS C 1 53 ? -11.393 4.177   -3.745  1.00 14.83 ? 53  CYS C CB  1 
ATOM   1351 S  SG  . CYS C 1 53 ? -12.655 4.748   -2.584  1.00 16.64 ? 53  CYS C SG  1 
ATOM   1352 N  N   . CYS C 1 54 ? -9.327  1.756   -4.686  1.00 9.65  ? 54  CYS C N   1 
ATOM   1353 C  CA  . CYS C 1 54 ? -8.406  1.141   -5.664  1.00 14.88 ? 54  CYS C CA  1 
ATOM   1354 C  C   . CYS C 1 54 ? -9.109  0.007   -6.405  1.00 10.86 ? 54  CYS C C   1 
ATOM   1355 O  O   . CYS C 1 54 ? -10.164 -0.456  -5.924  1.00 11.67 ? 54  CYS C O   1 
ATOM   1356 C  CB  . CYS C 1 54 ? -7.135  0.664   -4.959  1.00 15.18 ? 54  CYS C CB  1 
ATOM   1357 S  SG  . CYS C 1 54 ? -7.404  -0.433  -3.541  1.00 14.56 ? 54  CYS C SG  1 
ATOM   1358 N  N   . ASN C 1 55 ? -8.609  -0.450  -7.547  1.00 12.40 ? 55  ASN C N   1 
ATOM   1359 C  CA  . ASN C 1 55 ? -9.272  -1.497  -8.342  1.00 11.15 ? 55  ASN C CA  1 
ATOM   1360 C  C   . ASN C 1 55 ? -8.399  -2.645  -8.851  1.00 13.95 ? 55  ASN C C   1 
ATOM   1361 O  O   . ASN C 1 55 ? -8.530  -3.126  -9.998  1.00 16.60 ? 55  ASN C O   1 
ATOM   1362 C  CB  . ASN C 1 55 ? -10.114 -0.838  -9.455  1.00 11.24 ? 55  ASN C CB  1 
ATOM   1363 C  CG  . ASN C 1 55 ? -9.403  0.133   -10.375 1.00 13.54 ? 55  ASN C CG  1 
ATOM   1364 O  OD1 . ASN C 1 55 ? -8.164  0.238   -10.400 1.00 14.23 ? 55  ASN C OD1 1 
ATOM   1365 N  ND2 . ASN C 1 55 ? -10.155 0.902   -11.169 1.00 15.92 ? 55  ASN C ND2 1 
ATOM   1366 N  N   . THR C 1 56 ? -7.517  -3.126  -7.991  1.00 11.42 ? 56  THR C N   1 
ATOM   1367 C  CA  . THR C 1 56 ? -6.682  -4.317  -8.249  1.00 13.28 ? 56  THR C CA  1 
ATOM   1368 C  C   . THR C 1 56 ? -7.018  -5.313  -7.136  1.00 15.54 ? 56  THR C C   1 
ATOM   1369 O  O   . THR C 1 56 ? -7.246  -4.861  -6.002  1.00 15.00 ? 56  THR C O   1 
ATOM   1370 C  CB  . THR C 1 56 ? -5.150  -3.987  -8.322  1.00 19.07 ? 56  THR C CB  1 
ATOM   1371 O  OG1 . THR C 1 56 ? -4.745  -3.474  -7.023  1.00 43.18 ? 56  THR C OG1 1 
ATOM   1372 C  CG2 . THR C 1 56 ? -4.794  -2.872  -9.306  1.00 14.01 ? 56  THR C CG2 1 
ATOM   1373 N  N   . ASP C 1 57 ? -7.089  -6.618  -7.332  1.00 15.04 ? 57  ASP C N   1 
ATOM   1374 C  CA  . ASP C 1 57 ? -7.428  -7.566  -6.251  1.00 15.47 ? 57  ASP C CA  1 
ATOM   1375 C  C   . ASP C 1 57 ? -6.670  -7.330  -4.934  1.00 17.13 ? 57  ASP C C   1 
ATOM   1376 O  O   . ASP C 1 57 ? -5.433  -7.241  -4.936  1.00 14.68 ? 57  ASP C O   1 
ATOM   1377 C  CB  . ASP C 1 57 ? -7.212  -9.016  -6.674  1.00 15.24 ? 57  ASP C CB  1 
ATOM   1378 C  CG  . ASP C 1 57 ? -8.278  -9.733  -7.474  1.00 13.69 ? 57  ASP C CG  1 
ATOM   1379 O  OD1 . ASP C 1 57 ? -9.367  -9.188  -7.743  1.00 12.21 ? 57  ASP C OD1 1 
ATOM   1380 O  OD2 . ASP C 1 57 ? -8.035  -10.901 -7.835  1.00 15.09 ? 57  ASP C OD2 1 
ATOM   1381 N  N   . LYS C 1 58 ? -7.399  -7.230  -3.839  1.00 15.75 ? 58  LYS C N   1 
ATOM   1382 C  CA  . LYS C 1 58 ? -6.894  -7.092  -2.466  1.00 16.05 ? 58  LYS C CA  1 
ATOM   1383 C  C   . LYS C 1 58 ? -5.921  -5.948  -2.236  1.00 16.44 ? 58  LYS C C   1 
ATOM   1384 O  O   . LYS C 1 58 ? -4.931  -6.042  -1.484  1.00 17.42 ? 58  LYS C O   1 
ATOM   1385 C  CB  . LYS C 1 58 ? -6.280  -8.439  -2.047  1.00 15.93 ? 58  LYS C CB  1 
ATOM   1386 C  CG  . LYS C 1 58 ? -7.345  -9.535  -1.927  1.00 16.62 ? 58  LYS C CG  1 
ATOM   1387 C  CD  . LYS C 1 58 ? -6.604  -10.798 -1.502  1.00 35.50 ? 58  LYS C CD  1 
ATOM   1388 C  CE  . LYS C 1 58 ? -7.473  -11.744 -0.712  1.00 38.81 ? 58  LYS C CE  1 
ATOM   1389 N  NZ  . LYS C 1 58 ? -8.638  -12.202 -1.497  1.00 51.59 ? 58  LYS C NZ  1 
ATOM   1390 N  N   . CYS C 1 59 ? -6.233  -4.825  -2.859  1.00 9.42  ? 59  CYS C N   1 
ATOM   1391 C  CA  . CYS C 1 59 ? -5.412  -3.613  -2.769  1.00 11.25 ? 59  CYS C CA  1 
ATOM   1392 C  C   . CYS C 1 59 ? -5.715  -2.747  -1.551  1.00 15.18 ? 59  CYS C C   1 
ATOM   1393 O  O   . CYS C 1 59 ? -4.916  -1.856  -1.203  1.00 15.71 ? 59  CYS C O   1 
ATOM   1394 C  CB  . CYS C 1 59 ? -5.601  -2.811  -4.053  1.00 13.69 ? 59  CYS C CB  1 
ATOM   1395 S  SG  . CYS C 1 59 ? -7.296  -2.272  -4.396  1.00 13.09 ? 59  CYS C SG  1 
ATOM   1396 N  N   . ASN C 1 60 ? -6.831  -2.979  -0.892  1.00 12.68 ? 60  ASN C N   1 
ATOM   1397 C  CA  . ASN C 1 60 ? -7.300  -2.180  0.252   1.00 19.60 ? 60  ASN C CA  1 
ATOM   1398 C  C   . ASN C 1 60 ? -6.943  -2.659  1.657   1.00 21.01 ? 60  ASN C C   1 
ATOM   1399 O  O   . ASN C 1 60 ? -6.343  -3.742  1.798   1.00 20.55 ? 60  ASN C O   1 
ATOM   1400 C  CB  . ASN C 1 60 ? -8.827  -2.028  0.168   1.00 14.70 ? 60  ASN C CB  1 
ATOM   1401 C  CG  . ASN C 1 60 ? -9.593  -3.327  0.340   1.00 11.90 ? 60  ASN C CG  1 
ATOM   1402 O  OD1 . ASN C 1 60 ? -9.163  -4.416  -0.073  1.00 13.56 ? 60  ASN C OD1 1 
ATOM   1403 N  ND2 . ASN C 1 60 ? -10.779 -3.250  0.947   1.00 10.50 ? 60  ASN C ND2 1 
ATOM   1404 O  OXT . ASN C 1 60 ? -7.414  -2.052  2.629   1.00 28.24 ? 60  ASN C OXT 1 
HETATM 1405 CL CL  . CL  D 2 .  ? 6.033   17.341  -8.373  0.87 39.81 ? 102 CL  A CL  1 
HETATM 1406 CL CL  . CL  E 2 .  ? -4.536  12.297  -14.010 0.44 17.36 ? 120 CL  A CL  1 
HETATM 1407 CL CL  . CL  F 2 .  ? -2.919  7.310   4.918   0.78 53.24 ? 242 CL  A CL  1 
HETATM 1408 CL CL  . CL  G 2 .  ? 15.722  -3.970  10.563  0.85 70.02 ? 245 CL  A CL  1 
HETATM 1409 CL CL  . CL  H 2 .  ? 18.648  -4.069  13.482  0.91 74.60 ? 260 CL  A CL  1 
HETATM 1410 CL CL  . CL  I 2 .  ? 12.601  -15.087 -4.191  0.93 62.53 ? 102 CL  B CL  1 
HETATM 1411 CL CL  . CL  J 2 .  ? 12.183  -13.381 -1.428  0.96 33.93 ? 106 CL  B CL  1 
HETATM 1412 CL CL  . CL  K 2 .  ? 13.824  -6.484  -13.311 1.00 17.68 ? 120 CL  B CL  1 
HETATM 1413 CL CL  . CL  L 2 .  ? 10.117  -1.216  8.160   0.96 33.64 ? 123 CL  B CL  1 
HETATM 1414 CL CL  . CL  M 2 .  ? 17.365  -16.308 -16.458 0.84 84.21 ? 206 CL  B CL  1 
HETATM 1415 CL CL  . CL  N 2 .  ? 12.792  -19.001 -4.967  0.88 47.12 ? 270 CL  B CL  1 
HETATM 1416 CL CL  . CL  O 2 .  ? -20.683 -5.920  -1.179  0.91 69.05 ? 102 CL  C CL  1 
HETATM 1417 CL CL  . CL  P 2 .  ? -18.771 -4.155  1.375   0.79 37.98 ? 106 CL  C CL  1 
HETATM 1418 CL CL  . CL  Q 2 .  ? 22.872  -0.825  -4.910  1.00 30.62 ? 113 CL  C CL  1 
HETATM 1419 O  O   . HOH R 3 .  ? 0.081   13.422  -14.888 1.00 16.55 ? 261 HOH A O   1 
HETATM 1420 O  O   . HOH R 3 .  ? 8.383   7.926   9.728   1.00 18.49 ? 262 HOH A O   1 
HETATM 1421 O  O   . HOH R 3 .  ? 7.376   4.026   3.309   1.00 16.75 ? 263 HOH A O   1 
HETATM 1422 O  O   . HOH R 3 .  ? 8.314   2.648   8.241   0.97 41.58 ? 264 HOH A O   1 
HETATM 1423 O  O   . HOH R 3 .  ? -0.603  4.832   2.074   0.98 45.14 ? 265 HOH A O   1 
HETATM 1424 O  O   . HOH R 3 .  ? 8.778   7.839   -13.710 1.00 24.08 ? 266 HOH A O   1 
HETATM 1425 O  O   . HOH R 3 .  ? 13.062  1.569   -1.906  1.00 13.91 ? 267 HOH A O   1 
HETATM 1426 O  O   . HOH R 3 .  ? 9.787   14.753  -7.216  1.00 42.32 ? 268 HOH A O   1 
HETATM 1427 O  O   . HOH R 3 .  ? 18.549  5.802   -4.913  0.90 37.78 ? 269 HOH A O   1 
HETATM 1428 O  O   . HOH R 3 .  ? -1.655  12.761  2.293   0.90 35.41 ? 270 HOH A O   1 
HETATM 1429 O  O   . HOH R 3 .  ? -3.869  11.469  1.458   1.00 45.20 ? 271 HOH A O   1 
HETATM 1430 O  O   . HOH R 3 .  ? -5.818  7.733   -0.948  0.89 49.59 ? 272 HOH A O   1 
HETATM 1431 O  O   . HOH R 3 .  ? -3.431  7.410   -13.364 0.46 19.08 ? 273 HOH A O   1 
HETATM 1432 O  O   . HOH R 3 .  ? -4.837  4.979   -11.993 1.00 13.34 ? 274 HOH A O   1 
HETATM 1433 O  O   . HOH R 3 .  ? -0.261  8.707   6.803   1.00 39.93 ? 275 HOH A O   1 
HETATM 1434 O  O   . HOH R 3 .  ? 1.792   6.424   -14.693 0.96 28.15 ? 276 HOH A O   1 
HETATM 1435 O  O   . HOH R 3 .  ? 4.171   17.089  -2.825  1.00 49.26 ? 277 HOH A O   1 
HETATM 1436 O  O   . HOH R 3 .  ? 14.313  2.762   13.443  0.95 21.44 ? 278 HOH A O   1 
HETATM 1437 O  O   . HOH R 3 .  ? 2.997   12.074  -15.361 0.93 30.45 ? 279 HOH A O   1 
HETATM 1438 O  O   . HOH R 3 .  ? -8.981  7.190   -10.874 1.00 28.14 ? 280 HOH A O   1 
HETATM 1439 O  O   . HOH R 3 .  ? 4.517   12.114  -17.860 0.93 32.99 ? 281 HOH A O   1 
HETATM 1440 O  O   . HOH R 3 .  ? 6.815   15.606  0.284   1.00 23.85 ? 282 HOH A O   1 
HETATM 1441 O  O   . HOH R 3 .  ? 3.603   17.509  0.431   0.94 23.47 ? 283 HOH A O   1 
HETATM 1442 O  O   . HOH R 3 .  ? 8.955   16.996  -14.234 0.90 33.62 ? 284 HOH A O   1 
HETATM 1443 O  O   . HOH R 3 .  ? 17.604  8.568   1.518   1.00 47.48 ? 285 HOH A O   1 
HETATM 1444 O  O   . HOH R 3 .  ? -11.013 14.633  -12.731 1.00 32.90 ? 286 HOH A O   1 
HETATM 1445 O  O   . HOH R 3 .  ? 20.306  3.941   7.105   0.92 38.61 ? 287 HOH A O   1 
HETATM 1446 O  O   . HOH R 3 .  ? 3.589   13.676  8.994   0.94 43.20 ? 288 HOH A O   1 
HETATM 1447 O  O   . HOH R 3 .  ? 7.877   4.384   17.113  0.86 47.32 ? 289 HOH A O   1 
HETATM 1448 O  O   . HOH R 3 .  ? 11.977  -0.900  1.983   1.00 15.81 ? 290 HOH A O   1 
HETATM 1449 O  O   . HOH R 3 .  ? 8.309   0.047   10.297  0.97 38.57 ? 291 HOH A O   1 
HETATM 1450 O  O   . HOH R 3 .  ? 15.800  -3.238  7.748   0.99 19.97 ? 292 HOH A O   1 
HETATM 1451 O  O   . HOH R 3 .  ? -0.504  -1.362  -10.055 0.91 50.04 ? 293 HOH A O   1 
HETATM 1452 O  O   . HOH R 3 .  ? -1.928  21.472  -4.607  1.00 34.16 ? 294 HOH A O   1 
HETATM 1453 O  O   . HOH R 3 .  ? -4.267  19.924  -5.977  0.92 29.43 ? 295 HOH A O   1 
HETATM 1454 O  O   . HOH R 3 .  ? -4.801  2.894   -6.079  0.98 33.94 ? 296 HOH A O   1 
HETATM 1455 O  O   . HOH R 3 .  ? -2.262  -3.033  -11.213 1.00 41.52 ? 297 HOH A O   1 
HETATM 1456 O  O   . HOH R 3 .  ? 9.484   8.462   -16.380 1.00 31.82 ? 298 HOH A O   1 
HETATM 1457 O  O   . HOH R 3 .  ? 21.975  1.205   5.872   0.99 25.95 ? 299 HOH A O   1 
HETATM 1458 O  O   . HOH R 3 .  ? 3.559   3.082   6.296   0.88 50.14 ? 300 HOH A O   1 
HETATM 1459 O  O   . HOH R 3 .  ? 23.237  1.155   3.454   1.00 52.60 ? 301 HOH A O   1 
HETATM 1460 O  O   . HOH R 3 .  ? -0.505  0.711   -7.880  1.00 36.52 ? 302 HOH A O   1 
HETATM 1461 O  O   . HOH R 3 .  ? 11.781  15.691  -13.214 1.00 59.38 ? 303 HOH A O   1 
HETATM 1462 O  O   . HOH R 3 .  ? 0.155   11.185  11.088  1.00 27.11 ? 304 HOH A O   1 
HETATM 1463 O  O   . HOH R 3 .  ? -8.999  14.418  -7.960  1.00 41.28 ? 305 HOH A O   1 
HETATM 1464 O  O   . HOH R 3 .  ? 20.965  1.496   0.496   0.90 38.33 ? 306 HOH A O   1 
HETATM 1465 O  O   . HOH R 3 .  ? 7.342   1.346   17.107  0.92 45.66 ? 307 HOH A O   1 
HETATM 1466 O  O   . HOH R 3 .  ? 12.306  4.248   -10.873 0.88 28.87 ? 308 HOH A O   1 
HETATM 1467 O  O   . HOH R 3 .  ? -2.410  13.076  5.580   1.00 20.91 ? 309 HOH A O   1 
HETATM 1468 O  O   . HOH R 3 .  ? 8.937   16.710  2.871   0.97 39.35 ? 310 HOH A O   1 
HETATM 1469 O  O   . HOH R 3 .  ? -10.502 17.518  -9.222  1.00 52.13 ? 311 HOH A O   1 
HETATM 1470 O  O   . HOH R 3 .  ? 14.437  11.775  -0.447  1.00 54.14 ? 312 HOH A O   1 
HETATM 1471 O  O   . HOH R 3 .  ? 11.052  13.552  -9.486  1.00 49.02 ? 313 HOH A O   1 
HETATM 1472 O  O   . HOH R 3 .  ? -2.932  0.001   -6.485  1.00 48.53 ? 314 HOH A O   1 
HETATM 1473 O  O   . HOH R 3 .  ? 14.508  10.237  -7.224  0.99 44.61 ? 315 HOH A O   1 
HETATM 1474 O  O   . HOH R 3 .  ? -3.106  5.412   -0.084  0.95 45.96 ? 316 HOH A O   1 
HETATM 1475 O  O   . HOH R 3 .  ? -10.370 9.743   -4.368  1.00 46.93 ? 317 HOH A O   1 
HETATM 1476 O  O   . HOH R 3 .  ? -9.133  16.688  -12.020 0.94 50.35 ? 318 HOH A O   1 
HETATM 1477 O  O   . HOH R 3 .  ? 7.417   14.982  -2.424  1.00 53.35 ? 319 HOH A O   1 
HETATM 1478 O  O   . HOH R 3 .  ? 5.431   18.999  1.642   1.00 45.97 ? 320 HOH A O   1 
HETATM 1479 O  O   . HOH R 3 .  ? 12.902  11.701  -2.747  1.00 43.92 ? 321 HOH A O   1 
HETATM 1480 O  O   . HOH R 3 .  ? -9.728  17.545  -14.802 0.91 40.25 ? 322 HOH A O   1 
HETATM 1481 O  O   . HOH R 3 .  ? 3.980   5.521   19.161  0.85 58.18 ? 323 HOH A O   1 
HETATM 1482 O  O   . HOH R 3 .  ? -1.639  22.923  -2.213  0.91 36.29 ? 324 HOH A O   1 
HETATM 1483 O  O   . HOH R 3 .  ? -8.919  12.235  -2.323  0.95 42.80 ? 325 HOH A O   1 
HETATM 1484 O  O   . HOH S 3 .  ? 1.938   -0.876  -7.695  1.00 27.73 ? 271 HOH B O   1 
HETATM 1485 O  O   . HOH S 3 .  ? 9.751   1.796   -9.323  0.95 36.64 ? 272 HOH B O   1 
HETATM 1486 O  O   . HOH S 3 .  ? 11.666  -10.686 -12.531 0.99 18.78 ? 273 HOH B O   1 
HETATM 1487 O  O   . HOH S 3 .  ? 5.509   -7.981  13.108  1.00 15.01 ? 274 HOH B O   1 
HETATM 1488 O  O   . HOH S 3 .  ? 1.980   -6.859  6.213   1.00 22.38 ? 275 HOH B O   1 
HETATM 1489 O  O   . HOH S 3 .  ? 5.627   -0.810  3.079   1.00 31.26 ? 276 HOH B O   1 
HETATM 1490 O  O   . HOH S 3 .  ? 1.913   -16.228 -10.241 0.44 24.03 ? 277 HOH B O   1 
HETATM 1491 O  O   . HOH S 3 .  ? -3.928  -11.701 1.653   1.00 37.25 ? 278 HOH B O   1 
HETATM 1492 O  O   . HOH S 3 .  ? 15.480  -0.840  -2.059  1.00 17.51 ? 279 HOH B O   1 
HETATM 1493 O  O   . HOH S 3 .  ? 1.077   -12.046 15.869  0.91 42.97 ? 280 HOH B O   1 
HETATM 1494 O  O   . HOH S 3 .  ? -2.896  -18.957 1.577   0.95 41.15 ? 281 HOH B O   1 
HETATM 1495 O  O   . HOH S 3 .  ? 13.433  -2.598  3.648   1.00 17.01 ? 282 HOH B O   1 
HETATM 1496 O  O   . HOH S 3 .  ? 5.107   -13.549 -15.244 1.00 18.19 ? 283 HOH B O   1 
HETATM 1497 O  O   . HOH S 3 .  ? 8.513   -4.290  -12.808 0.98 14.77 ? 284 HOH B O   1 
HETATM 1498 O  O   . HOH S 3 .  ? 6.174   -19.819 -3.400  0.97 19.83 ? 285 HOH B O   1 
HETATM 1499 O  O   . HOH S 3 .  ? 7.555   -1.714  -12.383 1.00 18.76 ? 286 HOH B O   1 
HETATM 1500 O  O   . HOH S 3 .  ? 5.227   -8.270  -12.630 1.00 49.91 ? 287 HOH B O   1 
HETATM 1501 O  O   . HOH S 3 .  ? -0.183  -3.835  -7.298  1.00 29.23 ? 288 HOH B O   1 
HETATM 1502 O  O   . HOH S 3 .  ? 13.940  -11.674 1.259   0.97 41.85 ? 289 HOH B O   1 
HETATM 1503 O  O   . HOH S 3 .  ? 9.057   -11.700 -12.086 0.99 23.60 ? 290 HOH B O   1 
HETATM 1504 O  O   . HOH S 3 .  ? 12.214  0.722   -12.554 0.99 34.16 ? 291 HOH B O   1 
HETATM 1505 O  O   . HOH S 3 .  ? 2.774   -20.036 -9.738  0.27 70.02 ? 292 HOH B O   1 
HETATM 1506 O  O   . HOH S 3 .  ? 7.640   -14.484 -13.849 1.00 43.80 ? 293 HOH B O   1 
HETATM 1507 O  O   . HOH S 3 .  ? 10.471  -19.709 -10.027 0.90 49.12 ? 294 HOH B O   1 
HETATM 1508 O  O   . HOH S 3 .  ? 0.170   -18.141 6.993   1.00 24.76 ? 295 HOH B O   1 
HETATM 1509 O  O   . HOH S 3 .  ? 14.983  -13.093 -12.920 0.87 53.53 ? 296 HOH B O   1 
HETATM 1510 O  O   . HOH S 3 .  ? 19.233  -5.329  -13.069 0.92 34.77 ? 297 HOH B O   1 
HETATM 1511 O  O   . HOH S 3 .  ? 1.709   -10.141 -11.694 0.91 44.22 ? 298 HOH B O   1 
HETATM 1512 O  O   . HOH S 3 .  ? 4.081   -0.642  0.684   0.94 42.04 ? 299 HOH B O   1 
HETATM 1513 O  O   . HOH S 3 .  ? 2.471   -2.145  18.766  0.85 56.29 ? 300 HOH B O   1 
HETATM 1514 O  O   . HOH S 3 .  ? -6.821  -13.191 2.857   0.94 38.74 ? 301 HOH B O   1 
HETATM 1515 O  O   . HOH S 3 .  ? -6.204  -8.224  7.784   0.85 55.86 ? 302 HOH B O   1 
HETATM 1516 O  O   . HOH S 3 .  ? -3.901  -8.955  1.056   0.99 25.06 ? 303 HOH B O   1 
HETATM 1517 O  O   . HOH S 3 .  ? 19.133  -9.580  -6.976  1.00 21.98 ? 304 HOH B O   1 
HETATM 1518 O  O   . HOH S 3 .  ? 19.030  -8.126  -13.373 1.00 41.93 ? 305 HOH B O   1 
HETATM 1519 O  O   . HOH S 3 .  ? 9.220   -0.113  1.989   1.00 18.31 ? 306 HOH B O   1 
HETATM 1520 O  O   . HOH S 3 .  ? 6.584   1.141   -8.543  1.00 23.54 ? 307 HOH B O   1 
HETATM 1521 O  O   . HOH S 3 .  ? -0.889  -19.673 -0.404  1.00 34.83 ? 308 HOH B O   1 
HETATM 1522 O  O   . HOH S 3 .  ? 1.592   -18.381 -1.235  1.00 32.68 ? 309 HOH B O   1 
HETATM 1523 O  O   . HOH S 3 .  ? 12.945  -19.905 -11.911 1.00 33.94 ? 310 HOH B O   1 
HETATM 1524 O  O   . HOH S 3 .  ? 10.286  -13.152 -16.355 1.00 53.15 ? 311 HOH B O   1 
HETATM 1525 O  O   . HOH S 3 .  ? -0.783  -6.579  -7.199  0.90 33.24 ? 312 HOH B O   1 
HETATM 1526 O  O   . HOH S 3 .  ? -1.747  -8.251  -9.376  0.87 34.51 ? 313 HOH B O   1 
HETATM 1527 O  O   . HOH S 3 .  ? -1.746  -18.012 4.940   0.97 45.07 ? 314 HOH B O   1 
HETATM 1528 O  O   . HOH S 3 .  ? 14.959  -16.504 -13.434 1.00 33.72 ? 315 HOH B O   1 
HETATM 1529 O  O   . HOH S 3 .  ? 19.938  -8.605  -4.252  0.86 29.31 ? 316 HOH B O   1 
HETATM 1530 O  O   . HOH S 3 .  ? 4.590   -2.930  17.092  1.00 28.15 ? 317 HOH B O   1 
HETATM 1531 O  O   . HOH S 3 .  ? -1.609  -21.477 1.988   0.87 43.37 ? 318 HOH B O   1 
HETATM 1532 O  O   . HOH S 3 .  ? 21.305  -10.644 -2.691  1.00 54.22 ? 319 HOH B O   1 
HETATM 1533 O  O   . HOH S 3 .  ? -4.244  -17.886 -2.131  0.91 44.17 ? 320 HOH B O   1 
HETATM 1534 O  O   . HOH S 3 .  ? 13.252  -11.267 7.332   0.92 34.33 ? 321 HOH B O   1 
HETATM 1535 O  O   . HOH S 3 .  ? 15.537  -19.340 -11.114 1.00 56.39 ? 322 HOH B O   1 
HETATM 1536 O  O   . HOH S 3 .  ? 7.665   1.301   3.818   0.82 42.68 ? 323 HOH B O   1 
HETATM 1537 O  O   . HOH S 3 .  ? 4.481   -1.089  7.739   0.75 61.89 ? 324 HOH B O   1 
HETATM 1538 O  O   . HOH S 3 .  ? 0.664   -0.367  -5.368  0.77 38.57 ? 325 HOH B O   1 
HETATM 1539 O  O   . HOH S 3 .  ? 13.351  -9.573  4.279   1.00 12.08 ? 326 HOH B O   1 
HETATM 1540 O  O   . HOH T 3 .  ? -7.941  6.865   -5.758  0.85 62.22 ? 114 HOH C O   1 
HETATM 1541 O  O   . HOH T 3 .  ? -1.044  11.628  13.721  0.99 34.77 ? 115 HOH C O   1 
HETATM 1542 O  O   . HOH T 3 .  ? -16.371 -8.525  -8.945  1.00 21.86 ? 116 HOH C O   1 
HETATM 1543 O  O   . HOH T 3 .  ? -8.196  5.122   11.975  1.00 18.44 ? 117 HOH C O   1 
HETATM 1544 O  O   . HOH T 3 .  ? -7.808  5.151   4.357   0.92 22.55 ? 118 HOH C O   1 
HETATM 1545 O  O   . HOH T 3 .  ? -5.506  8.077   7.429   0.97 39.72 ? 119 HOH C O   1 
HETATM 1546 O  O   . HOH T 3 .  ? -4.305  -1.850  3.726   1.00 39.32 ? 120 HOH C O   1 
HETATM 1547 O  O   . HOH T 3 .  ? -18.050 2.876   -11.003 1.00 58.66 ? 121 HOH C O   1 
HETATM 1548 O  O   . HOH T 3 .  ? -11.832 10.282  -1.509  1.00 32.89 ? 122 HOH C O   1 
HETATM 1549 O  O   . HOH T 3 .  ? -21.136 -0.286  -0.767  0.75 71.36 ? 123 HOH C O   1 
HETATM 1550 O  O   . HOH T 3 .  ? -6.812  -10.584 3.032   0.95 48.64 ? 124 HOH C O   1 
HETATM 1551 O  O   . HOH T 3 .  ? -7.904  12.614  12.118  1.00 26.36 ? 125 HOH C O   1 
HETATM 1552 O  O   . HOH T 3 .  ? -14.754 7.790   -7.771  1.00 15.23 ? 126 HOH C O   1 
HETATM 1553 O  O   . HOH T 3 .  ? -2.933  -9.223  -3.753  0.94 31.51 ? 127 HOH C O   1 
HETATM 1554 O  O   . HOH T 3 .  ? -6.385  -7.889  -10.039 1.00 17.96 ? 128 HOH C O   1 
HETATM 1555 O  O   . HOH T 3 .  ? -6.310  1.309   -8.431  1.00 25.24 ? 129 HOH C O   1 
HETATM 1556 O  O   . HOH T 3 .  ? -7.484  14.199  14.858  0.98 46.89 ? 130 HOH C O   1 
HETATM 1557 O  O   . HOH T 3 .  ? -16.922 -5.725  -9.772  1.00 31.46 ? 131 HOH C O   1 
HETATM 1558 O  O   . HOH T 3 .  ? -5.678  -12.398 -8.202  0.98 31.57 ? 132 HOH C O   1 
HETATM 1559 O  O   . HOH T 3 .  ? -19.212 -4.522  -11.912 1.00 46.17 ? 133 HOH C O   1 
HETATM 1560 O  O   . HOH T 3 .  ? -16.263 -2.658  6.902   1.00 33.10 ? 134 HOH C O   1 
HETATM 1561 O  O   . HOH T 3 .  ? -15.703 -6.299  7.427   0.96 37.49 ? 135 HOH C O   1 
HETATM 1562 O  O   . HOH T 3 .  ? -11.766 6.861   -7.134  0.92 37.35 ? 136 HOH C O   1 
HETATM 1563 O  O   . HOH T 3 .  ? -18.416 10.188  5.539   1.00 27.99 ? 137 HOH C O   1 
HETATM 1564 O  O   . HOH T 3 .  ? -12.998 17.181  9.125   0.97 32.10 ? 138 HOH C O   1 
HETATM 1565 O  O   . HOH T 3 .  ? -13.557 -17.178 -6.186  0.91 42.51 ? 139 HOH C O   1 
HETATM 1566 O  O   . HOH T 3 .  ? -13.008 0.476   -11.391 1.00 27.77 ? 140 HOH C O   1 
HETATM 1567 O  O   . HOH T 3 .  ? -3.994  -0.318  1.286   0.98 40.32 ? 141 HOH C O   1 
HETATM 1568 O  O   . HOH T 3 .  ? -8.940  -2.819  12.546  0.93 57.65 ? 142 HOH C O   1 
HETATM 1569 O  O   . HOH T 3 .  ? -12.099 12.996  -1.642  0.97 46.52 ? 143 HOH C O   1 
HETATM 1570 O  O   . HOH T 3 .  ? -12.759 18.805  5.858   1.00 47.66 ? 144 HOH C O   1 
HETATM 1571 O  O   . HOH T 3 .  ? -20.534 2.321   12.144  0.88 44.67 ? 145 HOH C O   1 
HETATM 1572 O  O   . HOH T 3 .  ? -2.747  -7.797  -1.200  1.00 20.32 ? 146 HOH C O   1 
HETATM 1573 O  O   . HOH T 3 .  ? -13.117 -2.432  -12.069 1.00 46.92 ? 147 HOH C O   1 
HETATM 1574 O  O   . HOH T 3 .  ? -2.196  4.623   13.829  1.00 17.60 ? 148 HOH C O   1 
HETATM 1575 O  O   . HOH T 3 .  ? -14.550 -14.455 -6.882  0.99 37.24 ? 149 HOH C O   1 
HETATM 1576 O  O   . HOH T 3 .  ? -14.676 -19.374 -3.344  1.00 59.66 ? 150 HOH C O   1 
HETATM 1577 O  O   . HOH T 3 .  ? -18.209 11.250  -2.796  0.95 52.58 ? 151 HOH C O   1 
HETATM 1578 O  O   . HOH T 3 .  ? -3.988  4.207   16.671  0.94 32.52 ? 152 HOH C O   1 
HETATM 1579 O  O   . HOH T 3 .  ? -8.401  14.332  17.374  1.00 52.78 ? 153 HOH C O   1 
HETATM 1580 O  O   . HOH T 3 .  ? -2.430  -3.362  -4.996  1.00 49.38 ? 154 HOH C O   1 
HETATM 1581 O  O   . HOH T 3 .  ? -15.617 12.974  5.277   0.94 44.76 ? 155 HOH C O   1 
HETATM 1582 O  O   . HOH T 3 .  ? -8.360  6.979   -2.961  1.00 38.36 ? 156 HOH C O   1 
# 
